data_6L93
#
_entry.id   6L93
#
_cell.length_a   184.228
_cell.length_b   167.414
_cell.length_c   112.632
_cell.angle_alpha   90.000
_cell.angle_beta   108.375
_cell.angle_gamma   90.000
#
_symmetry.space_group_name_H-M   'C 1 2 1'
#
_entity_poly.entity_id   1
_entity_poly.type   'polypeptide(L)'
_entity_poly.pdbx_seq_one_letter_code
;GSPNSSVAASTEKTLRLYDRRSIFEAVAQNNCQDLESLLLFLQKSKKHLTDNEFKDPETGKTCLLKAMLNLHDGQNTTIP
LLLEIARQTDSLKELVNASYTDSYYKGQTALHIAIERRNMALVTLLVENGADVQAAAHGDFFKKTKGRPGFYFGELPLSL
AACTNQLGIVKFLLQNSWQTADISARDSVGNTVLHALVEVADNTADNTKFVTSMYNEILMLGAKLHPTLKLEELTNKKGM
TPLALAAGTGKIGVLAYILQREIQEPECRHVDSSGRIVTD
;
_entity_poly.pdbx_strand_id   A,B,C,D,E,F
#
# COMPACT_ATOMS: atom_id res chain seq x y z
N THR A 14 -1.83 -8.76 38.88
CA THR A 14 -1.18 -9.41 40.01
C THR A 14 -1.12 -8.50 41.23
N LEU A 15 -1.24 -7.19 40.99
CA LEU A 15 -1.21 -6.17 42.03
C LEU A 15 -2.34 -5.16 41.84
N ARG A 16 -3.56 -5.69 41.62
CA ARG A 16 -4.77 -4.88 41.54
C ARG A 16 -4.70 -3.84 40.42
N LEU A 17 -4.62 -4.34 39.19
CA LEU A 17 -4.60 -3.50 38.00
C LEU A 17 -6.02 -3.16 37.58
N TYR A 18 -6.22 -1.93 37.12
CA TYR A 18 -7.54 -1.43 36.73
C TYR A 18 -7.44 -0.64 35.43
N ASP A 19 -8.38 -0.89 34.52
CA ASP A 19 -8.47 -0.19 33.26
C ASP A 19 -9.50 0.94 33.38
N ARG A 20 -9.64 1.71 32.30
CA ARG A 20 -10.54 2.86 32.33
C ARG A 20 -12.00 2.44 32.46
N ARG A 21 -12.36 1.28 31.90
CA ARG A 21 -13.76 0.86 31.93
C ARG A 21 -14.19 0.53 33.36
N SER A 22 -13.35 -0.18 34.12
CA SER A 22 -13.67 -0.43 35.52
C SER A 22 -13.74 0.85 36.32
N ILE A 23 -12.90 1.85 35.98
CA ILE A 23 -12.97 3.14 36.64
C ILE A 23 -14.32 3.80 36.40
N PHE A 24 -14.74 3.83 35.13
CA PHE A 24 -16.03 4.45 34.80
C PHE A 24 -17.18 3.70 35.45
N GLU A 25 -17.09 2.37 35.51
CA GLU A 25 -18.14 1.58 36.15
C GLU A 25 -18.24 1.90 37.63
N ALA A 26 -17.11 1.85 38.35
CA ALA A 26 -17.12 2.15 39.77
C ALA A 26 -17.55 3.59 40.04
N VAL A 27 -17.26 4.50 39.10
CA VAL A 27 -17.72 5.87 39.24
C VAL A 27 -19.23 5.96 39.10
N ALA A 28 -19.79 5.23 38.13
CA ALA A 28 -21.23 5.27 37.90
C ALA A 28 -21.99 4.71 39.09
N GLN A 29 -21.68 3.48 39.49
CA GLN A 29 -22.38 2.84 40.59
C GLN A 29 -21.95 3.35 41.96
N ASN A 30 -21.06 4.34 42.00
CA ASN A 30 -20.63 4.97 43.25
C ASN A 30 -19.97 3.95 44.19
N ASN A 31 -19.06 3.16 43.63
CA ASN A 31 -18.30 2.17 44.40
C ASN A 31 -16.90 2.72 44.65
N CYS A 32 -16.51 2.78 45.92
CA CYS A 32 -15.21 3.35 46.29
C CYS A 32 -14.14 2.29 46.53
N GLN A 33 -14.52 1.03 46.74
CA GLN A 33 -13.53 -0.01 46.98
C GLN A 33 -12.66 -0.26 45.75
N ASP A 34 -13.23 -0.12 44.55
CA ASP A 34 -12.47 -0.28 43.32
C ASP A 34 -11.63 0.94 42.97
N LEU A 35 -11.57 1.94 43.86
CA LEU A 35 -10.85 3.18 43.61
C LEU A 35 -9.58 3.31 44.42
N GLU A 36 -9.59 2.89 45.69
CA GLU A 36 -8.39 2.95 46.50
C GLU A 36 -7.29 2.03 45.97
N SER A 37 -7.66 0.98 45.23
CA SER A 37 -6.67 0.10 44.64
C SER A 37 -6.13 0.67 43.33
N LEU A 38 -6.99 1.28 42.51
CA LEU A 38 -6.49 1.97 41.32
C LEU A 38 -5.66 3.18 41.69
N LEU A 39 -5.82 3.72 42.91
CA LEU A 39 -4.90 4.73 43.41
C LEU A 39 -3.46 4.21 43.40
N LEU A 40 -3.23 3.07 44.06
CA LEU A 40 -1.89 2.49 44.07
C LEU A 40 -1.48 2.03 42.67
N PHE A 41 -2.44 1.58 41.86
CA PHE A 41 -2.15 1.23 40.48
C PHE A 41 -1.53 2.42 39.74
N LEU A 42 -2.25 3.54 39.71
CA LEU A 42 -1.75 4.73 39.04
C LEU A 42 -0.44 5.22 39.66
N GLN A 43 -0.31 5.07 40.99
CA GLN A 43 0.93 5.49 41.65
C GLN A 43 2.11 4.64 41.22
N LYS A 44 1.86 3.38 40.85
CA LYS A 44 2.93 2.46 40.45
C LYS A 44 2.99 2.21 38.95
N SER A 45 1.96 2.61 38.19
CA SER A 45 1.89 2.31 36.77
C SER A 45 2.35 3.49 35.91
N LYS A 46 3.29 4.30 36.40
CA LYS A 46 4.07 5.27 35.62
C LYS A 46 3.22 6.15 34.72
N LYS A 47 1.92 6.27 34.99
CA LYS A 47 1.02 7.03 34.13
C LYS A 47 0.19 8.00 34.96
N HIS A 48 -0.14 9.13 34.35
CA HIS A 48 -0.99 10.12 34.97
C HIS A 48 -2.42 9.99 34.44
N LEU A 49 -3.37 10.49 35.21
CA LEU A 49 -4.78 10.37 34.85
C LEU A 49 -5.18 11.26 33.69
N THR A 50 -4.28 12.10 33.19
CA THR A 50 -4.56 12.97 32.06
C THR A 50 -4.13 12.35 30.72
N ASP A 51 -3.71 11.10 30.72
CA ASP A 51 -3.27 10.45 29.49
C ASP A 51 -4.47 10.21 28.57
N ASN A 52 -4.17 10.03 27.28
CA ASN A 52 -5.22 9.83 26.29
C ASN A 52 -5.93 8.48 26.45
N GLU A 53 -5.32 7.54 27.16
CA GLU A 53 -5.95 6.24 27.38
C GLU A 53 -7.06 6.27 28.42
N PHE A 54 -7.17 7.35 29.19
CA PHE A 54 -8.19 7.48 30.21
C PHE A 54 -9.31 8.43 29.82
N LYS A 55 -9.27 8.96 28.60
CA LYS A 55 -10.32 9.81 28.06
C LYS A 55 -11.11 9.07 27.00
N ASP A 56 -12.33 9.52 26.78
CA ASP A 56 -13.14 8.98 25.69
C ASP A 56 -12.51 9.38 24.36
N PRO A 57 -12.06 8.43 23.53
CA PRO A 57 -11.34 8.80 22.31
C PRO A 57 -12.17 9.57 21.30
N GLU A 58 -13.49 9.68 21.49
CA GLU A 58 -14.34 10.42 20.57
C GLU A 58 -14.82 11.75 21.14
N THR A 59 -14.96 11.87 22.45
CA THR A 59 -15.45 13.09 23.07
C THR A 59 -14.51 13.67 24.12
N GLY A 60 -13.50 12.92 24.57
CA GLY A 60 -12.62 13.40 25.62
C GLY A 60 -13.18 13.30 27.01
N LYS A 61 -14.22 12.50 27.20
CA LYS A 61 -14.84 12.35 28.51
C LYS A 61 -13.87 11.73 29.50
N THR A 62 -13.65 12.40 30.62
CA THR A 62 -12.77 11.91 31.67
C THR A 62 -13.61 11.25 32.76
N CYS A 63 -12.92 10.70 33.76
CA CYS A 63 -13.62 10.10 34.90
C CYS A 63 -14.38 11.16 35.68
N LEU A 64 -13.83 12.37 35.79
CA LEU A 64 -14.54 13.46 36.44
C LEU A 64 -15.84 13.78 35.70
N LEU A 65 -15.78 13.79 34.37
CA LEU A 65 -16.98 14.10 33.60
C LEU A 65 -18.02 12.99 33.72
N LYS A 66 -17.59 11.73 33.74
CA LYS A 66 -18.54 10.64 33.91
C LYS A 66 -19.12 10.64 35.32
N ALA A 67 -18.37 11.16 36.30
CA ALA A 67 -18.92 11.31 37.65
C ALA A 67 -19.93 12.44 37.71
N MET A 68 -19.67 13.52 36.96
CA MET A 68 -20.62 14.63 36.92
C MET A 68 -21.91 14.24 36.21
N LEU A 69 -21.81 13.45 35.14
CA LEU A 69 -23.01 13.03 34.43
C LEU A 69 -23.83 12.05 35.26
N ASN A 70 -23.17 11.05 35.84
CA ASN A 70 -23.84 10.04 36.66
C ASN A 70 -23.75 10.42 38.13
N LEU A 71 -24.55 11.42 38.49
CA LEU A 71 -24.62 11.90 39.87
C LEU A 71 -25.82 11.27 40.59
N HIS A 72 -25.67 11.09 41.90
CA HIS A 72 -26.71 10.51 42.74
C HIS A 72 -27.12 11.57 43.77
N ASP A 73 -28.27 12.20 43.53
CA ASP A 73 -28.82 13.23 44.42
C ASP A 73 -27.82 14.38 44.61
N GLY A 74 -27.08 14.70 43.54
CA GLY A 74 -26.11 15.77 43.58
C GLY A 74 -24.89 15.52 44.43
N GLN A 75 -24.76 14.35 45.03
CA GLN A 75 -23.62 14.00 45.86
C GLN A 75 -22.93 12.76 45.30
N ASN A 76 -21.64 12.65 45.61
CA ASN A 76 -20.84 11.52 45.15
C ASN A 76 -19.52 11.52 45.91
N THR A 77 -19.07 10.34 46.33
CA THR A 77 -17.75 10.17 46.93
C THR A 77 -16.67 9.99 45.88
N THR A 78 -17.05 9.55 44.67
CA THR A 78 -16.12 9.50 43.56
C THR A 78 -15.40 10.84 43.40
N ILE A 79 -16.16 11.93 43.17
CA ILE A 79 -15.55 13.22 42.86
C ILE A 79 -14.51 13.67 43.89
N PRO A 80 -14.72 13.57 45.21
CA PRO A 80 -13.61 13.92 46.12
C PRO A 80 -12.48 12.91 46.09
N LEU A 81 -12.78 11.61 45.97
CA LEU A 81 -11.69 10.63 45.85
C LEU A 81 -10.80 10.94 44.65
N LEU A 82 -11.42 11.24 43.51
CA LEU A 82 -10.68 11.52 42.28
C LEU A 82 -9.95 12.86 42.39
N LEU A 83 -10.55 13.85 43.06
CA LEU A 83 -9.85 15.10 43.28
C LEU A 83 -8.58 14.89 44.10
N GLU A 84 -8.66 14.07 45.15
CA GLU A 84 -7.46 13.82 45.96
C GLU A 84 -6.44 13.00 45.18
N ILE A 85 -6.90 12.05 44.36
CA ILE A 85 -5.96 11.27 43.56
C ILE A 85 -5.21 12.17 42.58
N ALA A 86 -5.93 13.11 41.94
CA ALA A 86 -5.27 14.04 41.02
C ALA A 86 -4.38 15.02 41.77
N ARG A 87 -4.75 15.39 43.00
CA ARG A 87 -3.89 16.22 43.83
C ARG A 87 -2.56 15.53 44.11
N GLN A 88 -2.61 14.24 44.48
CA GLN A 88 -1.40 13.46 44.70
C GLN A 88 -0.65 13.16 43.41
N THR A 89 -1.35 13.17 42.26
CA THR A 89 -0.71 12.91 40.98
C THR A 89 -0.14 14.16 40.32
N ASP A 90 -0.37 15.34 40.91
CA ASP A 90 0.02 16.64 40.37
C ASP A 90 -0.68 16.97 39.05
N SER A 91 -1.62 16.14 38.61
CA SER A 91 -2.44 16.41 37.44
C SER A 91 -3.79 16.99 37.80
N LEU A 92 -3.87 17.70 38.94
CA LEU A 92 -5.15 18.20 39.42
C LEU A 92 -5.68 19.32 38.52
N LYS A 93 -4.80 20.23 38.10
CA LYS A 93 -5.24 21.37 37.30
C LYS A 93 -5.76 20.92 35.94
N GLU A 94 -5.10 19.94 35.32
CA GLU A 94 -5.53 19.49 34.00
C GLU A 94 -6.84 18.71 34.06
N LEU A 95 -7.09 18.01 35.17
CA LEU A 95 -8.33 17.24 35.29
C LEU A 95 -9.50 18.11 35.70
N VAL A 96 -9.28 19.06 36.62
CA VAL A 96 -10.36 19.95 37.02
C VAL A 96 -10.75 20.87 35.88
N ASN A 97 -9.89 21.05 34.89
CA ASN A 97 -10.18 21.86 33.72
C ASN A 97 -10.23 21.03 32.43
N ALA A 98 -10.46 19.73 32.55
CA ALA A 98 -10.57 18.86 31.39
C ALA A 98 -11.86 19.17 30.64
N SER A 99 -11.74 19.51 29.36
CA SER A 99 -12.87 19.87 28.53
C SER A 99 -13.10 18.83 27.45
N TYR A 100 -14.32 18.81 26.91
CA TYR A 100 -14.65 17.91 25.82
C TYR A 100 -13.85 18.26 24.57
N THR A 101 -13.77 17.29 23.65
CA THR A 101 -13.07 17.48 22.39
C THR A 101 -13.95 17.29 21.16
N ASP A 102 -15.16 16.75 21.32
CA ASP A 102 -16.06 16.58 20.18
C ASP A 102 -16.58 17.93 19.71
N SER A 103 -17.04 17.95 18.45
CA SER A 103 -17.55 19.18 17.86
C SER A 103 -18.91 19.59 18.39
N TYR A 104 -19.58 18.71 19.15
CA TYR A 104 -20.92 19.00 19.66
C TYR A 104 -20.85 19.70 21.02
N TYR A 105 -20.20 19.07 22.00
CA TYR A 105 -20.05 19.62 23.34
C TYR A 105 -18.70 20.29 23.54
N LYS A 106 -18.13 20.88 22.49
CA LYS A 106 -16.77 21.42 22.56
C LYS A 106 -16.67 22.51 23.62
N GLY A 107 -15.66 22.40 24.48
CA GLY A 107 -15.40 23.39 25.50
C GLY A 107 -16.12 23.18 26.82
N GLN A 108 -16.87 22.09 26.97
CA GLN A 108 -17.62 21.85 28.20
C GLN A 108 -16.71 21.24 29.25
N THR A 109 -16.69 21.86 30.43
CA THR A 109 -15.92 21.38 31.57
C THR A 109 -16.86 20.92 32.68
N ALA A 110 -16.27 20.43 33.76
CA ALA A 110 -17.07 19.99 34.91
C ALA A 110 -17.74 21.17 35.59
N LEU A 111 -17.16 22.36 35.49
CA LEU A 111 -17.79 23.53 36.09
C LEU A 111 -19.10 23.89 35.40
N HIS A 112 -19.14 23.77 34.07
CA HIS A 112 -20.39 24.03 33.35
C HIS A 112 -21.46 23.03 33.75
N ILE A 113 -21.07 21.77 33.99
CA ILE A 113 -22.04 20.78 34.46
C ILE A 113 -22.52 21.13 35.86
N ALA A 114 -21.61 21.56 36.73
CA ALA A 114 -22.00 21.96 38.07
C ALA A 114 -22.99 23.13 38.04
N ILE A 115 -22.79 24.06 37.10
CA ILE A 115 -23.74 25.17 36.96
C ILE A 115 -25.07 24.66 36.43
N GLU A 116 -25.02 23.73 35.47
CA GLU A 116 -26.25 23.22 34.87
C GLU A 116 -27.10 22.47 35.90
N ARG A 117 -26.49 21.55 36.65
CA ARG A 117 -27.22 20.78 37.64
C ARG A 117 -27.64 21.59 38.85
N ARG A 118 -27.20 22.86 38.94
CA ARG A 118 -27.65 23.80 39.98
C ARG A 118 -27.31 23.26 41.37
N ASN A 119 -26.02 23.07 41.60
CA ASN A 119 -25.50 22.62 42.89
C ASN A 119 -24.47 23.63 43.37
N MET A 120 -24.74 24.24 44.53
CA MET A 120 -23.83 25.27 45.05
C MET A 120 -22.55 24.65 45.61
N ALA A 121 -22.68 23.56 46.38
CA ALA A 121 -21.50 22.95 46.99
C ALA A 121 -20.54 22.42 45.93
N LEU A 122 -21.07 21.90 44.82
CA LEU A 122 -20.21 21.41 43.74
C LEU A 122 -19.42 22.55 43.11
N VAL A 123 -20.09 23.66 42.83
CA VAL A 123 -19.40 24.83 42.27
C VAL A 123 -18.35 25.33 43.24
N THR A 124 -18.67 25.34 44.54
CA THR A 124 -17.70 25.77 45.55
C THR A 124 -16.46 24.89 45.54
N LEU A 125 -16.66 23.57 45.57
CA LEU A 125 -15.53 22.65 45.60
C LEU A 125 -14.71 22.72 44.32
N LEU A 126 -15.36 22.96 43.17
CA LEU A 126 -14.61 23.03 41.92
C LEU A 126 -13.82 24.34 41.83
N VAL A 127 -14.40 25.45 42.26
CA VAL A 127 -13.68 26.72 42.23
C VAL A 127 -12.52 26.72 43.21
N GLU A 128 -12.73 26.13 44.40
CA GLU A 128 -11.68 26.12 45.41
C GLU A 128 -10.50 25.23 45.01
N ASN A 129 -10.70 24.31 44.08
CA ASN A 129 -9.61 23.45 43.60
C ASN A 129 -8.87 24.04 42.42
N GLY A 130 -9.28 25.20 41.92
CA GLY A 130 -8.56 25.86 40.85
C GLY A 130 -9.14 25.63 39.47
N ALA A 131 -10.47 25.58 39.37
CA ALA A 131 -11.10 25.42 38.07
C ALA A 131 -11.02 26.72 37.28
N ASP A 132 -10.91 26.58 35.96
CA ASP A 132 -10.84 27.75 35.08
C ASP A 132 -12.19 28.45 35.06
N VAL A 133 -12.23 29.67 35.60
CA VAL A 133 -13.48 30.42 35.67
C VAL A 133 -13.86 30.99 34.31
N GLN A 134 -12.89 31.23 33.44
CA GLN A 134 -13.13 31.79 32.12
C GLN A 134 -13.16 30.72 31.03
N ALA A 135 -13.56 29.50 31.38
CA ALA A 135 -13.63 28.42 30.40
C ALA A 135 -14.78 28.67 29.42
N ALA A 136 -14.49 28.59 28.13
CA ALA A 136 -15.45 28.91 27.09
C ALA A 136 -15.98 27.61 26.48
N ALA A 137 -17.30 27.45 26.51
CA ALA A 137 -17.96 26.30 25.88
C ALA A 137 -18.62 26.79 24.61
N HIS A 138 -17.86 26.77 23.51
CA HIS A 138 -18.31 27.29 22.22
C HIS A 138 -18.61 26.17 21.23
N GLY A 139 -19.09 25.02 21.72
CA GLY A 139 -19.42 23.93 20.84
C GLY A 139 -20.62 24.23 19.96
N ASP A 140 -20.85 23.32 19.00
CA ASP A 140 -21.98 23.46 18.09
C ASP A 140 -23.31 23.40 18.83
N PHE A 141 -23.34 22.76 20.00
CA PHE A 141 -24.56 22.75 20.81
C PHE A 141 -24.89 24.14 21.34
N PHE A 142 -23.88 24.88 21.76
CA PHE A 142 -24.08 26.21 22.32
C PHE A 142 -23.82 27.28 21.25
N LYS A 143 -24.70 27.29 20.26
CA LYS A 143 -24.59 28.23 19.14
C LYS A 143 -25.96 28.42 18.53
N LYS A 144 -26.01 29.03 17.34
CA LYS A 144 -27.24 29.28 16.62
C LYS A 144 -27.25 28.49 15.32
N THR A 145 -28.44 27.99 14.96
CA THR A 145 -28.61 27.22 13.72
C THR A 145 -30.01 27.48 13.19
N LYS A 146 -30.45 26.64 12.25
CA LYS A 146 -31.76 26.81 11.64
C LYS A 146 -32.88 26.58 12.64
N GLY A 147 -32.97 25.37 13.18
CA GLY A 147 -33.94 25.05 14.20
C GLY A 147 -33.29 24.54 15.47
N ARG A 148 -33.97 24.70 16.61
CA ARG A 148 -33.50 24.35 17.96
C ARG A 148 -32.04 24.76 18.14
N PRO A 149 -31.77 26.06 18.29
CA PRO A 149 -30.38 26.53 18.35
C PRO A 149 -29.49 25.76 19.31
N GLY A 150 -30.01 25.33 20.45
CA GLY A 150 -29.24 24.51 21.38
C GLY A 150 -29.04 25.12 22.74
N PHE A 151 -29.98 25.98 23.14
CA PHE A 151 -29.95 26.62 24.47
C PHE A 151 -28.65 27.41 24.67
N TYR A 152 -28.48 28.43 23.84
CA TYR A 152 -27.32 29.30 23.98
C TYR A 152 -27.41 30.10 25.28
N PHE A 153 -26.31 30.13 26.02
CA PHE A 153 -26.28 30.79 27.32
C PHE A 153 -25.24 31.90 27.42
N GLY A 154 -24.34 32.02 26.47
CA GLY A 154 -23.27 33.01 26.54
C GLY A 154 -21.87 32.42 26.54
N GLU A 155 -21.73 31.09 26.50
CA GLU A 155 -20.46 30.37 26.39
C GLU A 155 -19.53 30.62 27.57
N LEU A 156 -20.02 31.19 28.66
CA LEU A 156 -19.19 31.50 29.82
C LEU A 156 -19.88 31.03 31.09
N PRO A 157 -19.09 30.62 32.10
CA PRO A 157 -19.71 30.19 33.37
C PRO A 157 -20.47 31.32 34.06
N LEU A 158 -19.99 32.56 33.93
CA LEU A 158 -20.74 33.69 34.45
C LEU A 158 -22.07 33.84 33.72
N SER A 159 -22.02 33.81 32.39
CA SER A 159 -23.25 33.90 31.60
C SER A 159 -24.17 32.71 31.88
N LEU A 160 -23.60 31.52 32.06
CA LEU A 160 -24.39 30.34 32.35
C LEU A 160 -25.10 30.48 33.69
N ALA A 161 -24.38 30.91 34.72
CA ALA A 161 -25.00 31.11 36.02
C ALA A 161 -26.02 32.23 36.00
N ALA A 162 -25.82 33.23 35.13
CA ALA A 162 -26.79 34.33 35.05
C ALA A 162 -28.08 33.88 34.38
N CYS A 163 -27.97 33.16 33.26
CA CYS A 163 -29.15 32.75 32.51
C CYS A 163 -29.87 31.56 33.12
N THR A 164 -29.27 30.88 34.12
CA THR A 164 -29.89 29.74 34.76
C THR A 164 -30.53 30.08 36.09
N ASN A 165 -30.74 31.38 36.37
CA ASN A 165 -31.43 31.83 37.58
C ASN A 165 -30.72 31.34 38.84
N GLN A 166 -29.41 31.63 38.92
CA GLN A 166 -28.59 31.28 40.07
C GLN A 166 -27.83 32.52 40.50
N LEU A 167 -28.47 33.34 41.34
CA LEU A 167 -27.88 34.61 41.75
C LEU A 167 -26.71 34.39 42.71
N GLY A 168 -26.91 33.52 43.71
CA GLY A 168 -25.83 33.23 44.64
C GLY A 168 -24.63 32.61 43.97
N ILE A 169 -24.86 31.78 42.95
CA ILE A 169 -23.73 31.21 42.20
C ILE A 169 -22.99 32.31 41.45
N VAL A 170 -23.72 33.30 40.92
CA VAL A 170 -23.08 34.45 40.27
C VAL A 170 -22.22 35.22 41.28
N LYS A 171 -22.78 35.47 42.47
CA LYS A 171 -22.02 36.17 43.50
C LYS A 171 -20.75 35.41 43.87
N PHE A 172 -20.85 34.08 44.00
CA PHE A 172 -19.68 33.29 44.36
C PHE A 172 -18.65 33.28 43.24
N LEU A 173 -19.11 33.26 41.98
CA LEU A 173 -18.18 33.27 40.85
C LEU A 173 -17.47 34.61 40.74
N LEU A 174 -18.16 35.70 41.05
CA LEU A 174 -17.56 37.02 40.94
C LEU A 174 -16.70 37.37 42.16
N GLN A 175 -16.98 36.77 43.32
CA GLN A 175 -16.31 37.15 44.57
C GLN A 175 -15.73 35.94 45.27
N ASN A 176 -15.05 35.07 44.53
CA ASN A 176 -14.35 33.94 45.11
C ASN A 176 -12.93 34.34 45.44
N SER A 177 -12.34 33.66 46.44
CA SER A 177 -11.02 33.99 46.94
C SER A 177 -9.91 33.29 46.16
N TRP A 178 -10.21 32.75 44.97
CA TRP A 178 -9.24 31.99 44.20
C TRP A 178 -8.99 32.59 42.82
N GLN A 179 -10.04 32.89 42.06
CA GLN A 179 -9.87 33.51 40.74
C GLN A 179 -11.17 34.25 40.42
N THR A 180 -11.15 35.56 40.58
CA THR A 180 -12.33 36.37 40.30
C THR A 180 -12.71 36.30 38.83
N ALA A 181 -14.00 36.16 38.56
CA ALA A 181 -14.49 36.11 37.19
C ALA A 181 -14.48 37.49 36.57
N ASP A 182 -14.01 37.55 35.32
CA ASP A 182 -13.99 38.81 34.57
C ASP A 182 -15.38 39.06 34.02
N ILE A 183 -16.07 40.05 34.58
CA ILE A 183 -17.45 40.31 34.15
C ILE A 183 -17.47 40.97 32.77
N SER A 184 -16.42 41.69 32.41
CA SER A 184 -16.31 42.32 31.11
C SER A 184 -15.80 41.37 30.03
N ALA A 185 -15.70 40.08 30.33
CA ALA A 185 -15.21 39.12 29.35
C ALA A 185 -16.23 38.93 28.22
N ARG A 186 -15.73 38.40 27.11
CA ARG A 186 -16.52 38.20 25.91
C ARG A 186 -16.35 36.77 25.42
N ASP A 187 -17.39 36.24 24.80
CA ASP A 187 -17.36 34.87 24.31
C ASP A 187 -16.87 34.85 22.85
N SER A 188 -16.94 33.67 22.22
CA SER A 188 -16.49 33.54 20.84
C SER A 188 -17.45 34.22 19.86
N VAL A 189 -18.72 34.39 20.24
CA VAL A 189 -19.66 35.07 19.36
C VAL A 189 -19.53 36.58 19.48
N GLY A 190 -19.08 37.07 20.64
CA GLY A 190 -19.00 38.48 20.91
C GLY A 190 -19.96 38.97 21.97
N ASN A 191 -20.76 38.09 22.56
CA ASN A 191 -21.75 38.48 23.55
C ASN A 191 -21.15 38.44 24.95
N THR A 192 -21.36 39.52 25.71
CA THR A 192 -20.96 39.55 27.10
C THR A 192 -22.01 38.80 27.93
N VAL A 193 -21.86 38.84 29.27
CA VAL A 193 -22.90 38.28 30.13
C VAL A 193 -24.21 39.01 29.92
N LEU A 194 -24.13 40.32 29.70
CA LEU A 194 -25.35 41.10 29.53
C LEU A 194 -26.01 40.80 28.18
N HIS A 195 -25.20 40.65 27.13
CA HIS A 195 -25.77 40.26 25.84
C HIS A 195 -26.41 38.87 25.92
N ALA A 196 -25.85 37.98 26.76
CA ALA A 196 -26.48 36.68 26.97
C ALA A 196 -27.81 36.83 27.68
N LEU A 197 -27.89 37.70 28.68
CA LEU A 197 -29.16 37.97 29.34
C LEU A 197 -30.18 38.53 28.35
N VAL A 198 -29.72 39.37 27.42
CA VAL A 198 -30.62 39.91 26.40
C VAL A 198 -31.12 38.80 25.48
N GLU A 199 -30.21 37.92 25.05
CA GLU A 199 -30.59 36.86 24.12
C GLU A 199 -31.51 35.83 24.77
N VAL A 200 -31.40 35.64 26.09
CA VAL A 200 -32.19 34.63 26.76
C VAL A 200 -33.64 35.04 27.00
N ALA A 201 -33.96 36.31 26.79
CA ALA A 201 -35.32 36.78 27.02
C ALA A 201 -36.27 36.24 25.95
N ASP A 202 -37.53 36.07 26.34
CA ASP A 202 -38.56 35.56 25.43
C ASP A 202 -39.86 36.36 25.53
N ASN A 203 -39.81 37.57 26.09
CA ASN A 203 -40.87 38.58 26.12
C ASN A 203 -42.10 38.17 26.94
N THR A 204 -42.08 37.02 27.60
CA THR A 204 -43.14 36.71 28.55
C THR A 204 -42.90 37.45 29.86
N ALA A 205 -43.88 37.38 30.76
CA ALA A 205 -43.83 38.20 31.97
C ALA A 205 -42.78 37.71 32.94
N ASP A 206 -42.84 36.42 33.30
CA ASP A 206 -41.97 35.89 34.34
C ASP A 206 -40.50 36.00 33.94
N ASN A 207 -40.18 35.62 32.70
CA ASN A 207 -38.79 35.71 32.25
C ASN A 207 -38.35 37.15 32.13
N THR A 208 -39.26 38.06 31.77
CA THR A 208 -38.90 39.48 31.71
C THR A 208 -38.50 39.99 33.08
N LYS A 209 -39.32 39.69 34.10
CA LYS A 209 -38.98 40.11 35.46
C LYS A 209 -37.68 39.47 35.92
N PHE A 210 -37.47 38.20 35.59
CA PHE A 210 -36.25 37.50 35.99
C PHE A 210 -35.01 38.14 35.36
N VAL A 211 -35.06 38.41 34.06
CA VAL A 211 -33.92 39.01 33.39
C VAL A 211 -33.71 40.44 33.86
N THR A 212 -34.79 41.15 34.21
CA THR A 212 -34.66 42.48 34.77
C THR A 212 -33.90 42.44 36.10
N SER A 213 -34.30 41.54 37.00
CA SER A 213 -33.61 41.43 38.28
C SER A 213 -32.16 40.99 38.10
N MET A 214 -31.93 40.04 37.17
CA MET A 214 -30.56 39.60 36.91
C MET A 214 -29.70 40.75 36.40
N TYR A 215 -30.23 41.53 35.45
CA TYR A 215 -29.52 42.71 34.95
C TYR A 215 -29.21 43.67 36.08
N ASN A 216 -30.20 43.93 36.94
CA ASN A 216 -30.00 44.87 38.03
C ASN A 216 -28.86 44.41 38.94
N GLU A 217 -28.88 43.14 39.36
CA GLU A 217 -27.84 42.65 40.25
C GLU A 217 -26.48 42.60 39.57
N ILE A 218 -26.45 42.25 38.27
CA ILE A 218 -25.19 42.21 37.54
C ILE A 218 -24.59 43.60 37.47
N LEU A 219 -25.41 44.60 37.14
CA LEU A 219 -24.92 45.97 37.04
C LEU A 219 -24.46 46.48 38.40
N MET A 220 -25.18 46.13 39.47
CA MET A 220 -24.80 46.57 40.80
C MET A 220 -23.46 45.96 41.21
N LEU A 221 -23.30 44.65 41.01
CA LEU A 221 -22.04 44.00 41.35
C LEU A 221 -20.89 44.52 40.49
N GLY A 222 -21.16 44.85 39.23
CA GLY A 222 -20.12 45.41 38.39
C GLY A 222 -19.69 46.80 38.83
N ALA A 223 -20.66 47.65 39.17
CA ALA A 223 -20.33 48.98 39.67
C ALA A 223 -19.66 48.92 41.04
N LYS A 224 -19.94 47.88 41.82
CA LYS A 224 -19.30 47.76 43.13
C LYS A 224 -17.87 47.26 43.01
N LEU A 225 -17.66 46.16 42.27
CA LEU A 225 -16.33 45.57 42.18
C LEU A 225 -15.39 46.45 41.35
N HIS A 226 -15.88 47.00 40.24
CA HIS A 226 -15.06 47.85 39.37
C HIS A 226 -15.92 49.00 38.88
N PRO A 227 -15.91 50.14 39.59
CA PRO A 227 -16.76 51.27 39.19
C PRO A 227 -16.30 51.95 37.91
N THR A 228 -15.14 51.61 37.37
CA THR A 228 -14.63 52.28 36.18
C THR A 228 -15.19 51.69 34.89
N LEU A 229 -15.58 50.41 34.90
CA LEU A 229 -16.06 49.75 33.69
C LEU A 229 -17.53 50.06 33.47
N LYS A 230 -17.86 50.61 32.30
CA LYS A 230 -19.24 50.86 31.89
C LYS A 230 -19.66 49.73 30.96
N LEU A 231 -20.21 48.66 31.54
CA LEU A 231 -20.57 47.48 30.77
C LEU A 231 -21.71 47.73 29.80
N GLU A 232 -22.55 48.74 30.06
CA GLU A 232 -23.67 49.03 29.18
C GLU A 232 -23.24 49.60 27.84
N GLU A 233 -21.97 50.01 27.68
CA GLU A 233 -21.46 50.52 26.43
C GLU A 233 -20.52 49.54 25.72
N LEU A 234 -20.49 48.29 26.17
CA LEU A 234 -19.69 47.27 25.50
C LEU A 234 -20.44 46.76 24.26
N THR A 235 -19.73 46.66 23.15
CA THR A 235 -20.31 46.23 21.89
C THR A 235 -19.87 44.80 21.56
N ASN A 236 -20.76 44.08 20.88
CA ASN A 236 -20.45 42.73 20.43
C ASN A 236 -19.60 42.80 19.15
N LYS A 237 -19.44 41.66 18.48
CA LYS A 237 -18.70 41.65 17.23
C LYS A 237 -19.46 42.36 16.11
N LYS A 238 -20.77 42.55 16.27
CA LYS A 238 -21.54 43.34 15.33
C LYS A 238 -21.49 44.84 15.63
N GLY A 239 -20.77 45.24 16.68
CA GLY A 239 -20.73 46.64 17.07
C GLY A 239 -22.03 47.15 17.63
N MET A 240 -22.81 46.30 18.28
CA MET A 240 -24.12 46.65 18.79
C MET A 240 -24.09 46.70 20.32
N THR A 241 -24.63 47.77 20.88
CA THR A 241 -24.77 47.88 22.32
C THR A 241 -25.86 46.92 22.81
N PRO A 242 -25.91 46.65 24.12
CA PRO A 242 -27.03 45.85 24.64
C PRO A 242 -28.40 46.39 24.26
N LEU A 243 -28.58 47.71 24.31
CA LEU A 243 -29.83 48.31 23.86
C LEU A 243 -30.09 48.00 22.38
N ALA A 244 -29.04 48.08 21.56
CA ALA A 244 -29.20 47.78 20.14
C ALA A 244 -29.58 46.31 19.93
N LEU A 245 -28.98 45.42 20.72
CA LEU A 245 -29.34 44.01 20.62
C LEU A 245 -30.78 43.77 21.02
N ALA A 246 -31.21 44.39 22.11
CA ALA A 246 -32.61 44.25 22.53
C ALA A 246 -33.56 44.82 21.50
N ALA A 247 -33.16 45.90 20.82
CA ALA A 247 -34.01 46.46 19.78
C ALA A 247 -34.08 45.56 18.56
N GLY A 248 -32.93 44.97 18.17
CA GLY A 248 -32.90 44.12 17.00
C GLY A 248 -33.59 42.79 17.20
N THR A 249 -33.58 42.26 18.42
CA THR A 249 -34.24 41.00 18.72
C THR A 249 -35.68 41.15 19.18
N GLY A 250 -36.17 42.38 19.29
CA GLY A 250 -37.55 42.60 19.72
C GLY A 250 -37.81 42.22 21.16
N LYS A 251 -36.91 42.59 22.06
CA LYS A 251 -37.10 42.37 23.50
C LYS A 251 -37.61 43.68 24.09
N ILE A 252 -38.94 43.78 24.21
CA ILE A 252 -39.56 45.05 24.58
C ILE A 252 -39.28 45.37 26.05
N GLY A 253 -39.51 44.40 26.94
CA GLY A 253 -39.26 44.62 28.35
C GLY A 253 -37.82 44.94 28.66
N VAL A 254 -36.88 44.34 27.92
CA VAL A 254 -35.47 44.65 28.12
C VAL A 254 -35.19 46.10 27.76
N LEU A 255 -35.75 46.59 26.65
CA LEU A 255 -35.62 47.99 26.31
C LEU A 255 -36.21 48.88 27.39
N ALA A 256 -37.40 48.51 27.88
CA ALA A 256 -38.05 49.29 28.92
C ALA A 256 -37.17 49.42 30.14
N TYR A 257 -36.62 48.31 30.62
CA TYR A 257 -35.78 48.36 31.82
C TYR A 257 -34.47 49.08 31.56
N ILE A 258 -33.87 48.87 30.38
CA ILE A 258 -32.65 49.58 30.01
C ILE A 258 -32.86 51.08 30.13
N LEU A 259 -33.92 51.59 29.52
CA LEU A 259 -34.13 53.03 29.49
C LEU A 259 -34.62 53.55 30.84
N GLN A 260 -35.34 52.72 31.61
CA GLN A 260 -35.73 53.12 32.96
C GLN A 260 -34.52 53.27 33.86
N ARG A 261 -33.54 52.37 33.72
CA ARG A 261 -32.32 52.46 34.53
C ARG A 261 -31.40 53.55 34.05
N GLU A 262 -31.36 53.82 32.74
CA GLU A 262 -30.53 54.91 32.24
C GLU A 262 -31.14 56.28 32.54
N ILE A 263 -32.46 56.36 32.71
CA ILE A 263 -33.07 57.62 33.13
C ILE A 263 -32.76 57.89 34.60
N GLN A 264 -32.98 56.91 35.46
CA GLN A 264 -32.66 57.02 36.87
C GLN A 264 -31.15 56.89 37.07
N GLU A 265 -30.71 57.04 38.32
CA GLU A 265 -29.31 56.93 38.71
C GLU A 265 -28.43 57.83 37.84
N PRO A 266 -28.46 59.15 38.05
CA PRO A 266 -27.70 60.04 37.18
C PRO A 266 -26.19 59.83 37.24
N GLU A 267 -25.67 59.17 38.27
CA GLU A 267 -24.23 58.91 38.35
C GLU A 267 -23.81 57.91 37.28
N THR B 14 -53.16 -4.58 38.36
CA THR B 14 -52.31 -3.48 37.94
C THR B 14 -51.63 -3.78 36.60
N LEU B 15 -50.72 -2.90 36.19
CA LEU B 15 -49.97 -3.08 34.95
C LEU B 15 -48.67 -2.31 35.05
N ARG B 16 -47.56 -2.97 34.73
CA ARG B 16 -46.23 -2.40 34.86
C ARG B 16 -45.70 -1.97 33.51
N LEU B 17 -44.84 -0.95 33.53
CA LEU B 17 -44.28 -0.39 32.30
C LEU B 17 -42.79 -0.09 32.50
N TYR B 18 -42.03 -0.20 31.42
CA TYR B 18 -40.61 0.11 31.43
C TYR B 18 -40.23 0.68 30.07
N ASP B 19 -39.59 1.85 30.07
CA ASP B 19 -39.07 2.45 28.85
C ASP B 19 -37.56 2.22 28.77
N ARG B 20 -36.95 2.79 27.74
CA ARG B 20 -35.53 2.53 27.50
C ARG B 20 -34.66 3.10 28.60
N ARG B 21 -34.95 4.33 29.04
CA ARG B 21 -34.06 4.99 30.00
C ARG B 21 -34.14 4.34 31.38
N SER B 22 -35.35 3.96 31.82
CA SER B 22 -35.48 3.28 33.10
C SER B 22 -34.78 1.92 33.08
N ILE B 23 -34.90 1.20 31.97
CA ILE B 23 -34.24 -0.09 31.85
C ILE B 23 -32.72 0.08 31.88
N PHE B 24 -32.20 1.08 31.15
CA PHE B 24 -30.77 1.34 31.17
C PHE B 24 -30.30 1.70 32.57
N GLU B 25 -31.07 2.52 33.29
CA GLU B 25 -30.68 2.93 34.63
C GLU B 25 -30.70 1.74 35.59
N ALA B 26 -31.68 0.85 35.45
CA ALA B 26 -31.73 -0.33 36.32
C ALA B 26 -30.63 -1.33 35.98
N VAL B 27 -30.21 -1.38 34.72
CA VAL B 27 -29.16 -2.30 34.31
C VAL B 27 -27.79 -1.79 34.75
N ALA B 28 -27.57 -0.48 34.66
CA ALA B 28 -26.25 0.08 34.95
C ALA B 28 -25.85 -0.12 36.41
N GLN B 29 -26.82 -0.10 37.33
CA GLN B 29 -26.53 -0.25 38.74
C GLN B 29 -26.54 -1.70 39.22
N ASN B 30 -26.70 -2.65 38.29
CA ASN B 30 -26.69 -4.08 38.60
C ASN B 30 -27.75 -4.43 39.64
N ASN B 31 -29.00 -4.09 39.32
CA ASN B 31 -30.15 -4.40 40.16
C ASN B 31 -31.11 -5.29 39.37
N CYS B 32 -31.38 -6.48 39.91
CA CYS B 32 -32.25 -7.44 39.25
C CYS B 32 -33.70 -7.38 39.73
N GLN B 33 -34.00 -6.56 40.74
CA GLN B 33 -35.37 -6.47 41.21
C GLN B 33 -36.21 -5.55 40.33
N ASP B 34 -35.61 -4.48 39.79
CA ASP B 34 -36.35 -3.59 38.91
C ASP B 34 -36.68 -4.24 37.57
N LEU B 35 -36.02 -5.35 37.24
CA LEU B 35 -36.26 -6.05 35.99
C LEU B 35 -37.16 -7.27 36.15
N GLU B 36 -37.76 -7.44 37.34
CA GLU B 36 -38.61 -8.60 37.57
C GLU B 36 -39.87 -8.54 36.71
N SER B 37 -40.60 -7.43 36.78
CA SER B 37 -41.84 -7.29 36.03
C SER B 37 -41.61 -6.89 34.57
N LEU B 38 -40.36 -6.80 34.12
CA LEU B 38 -40.09 -6.47 32.73
C LEU B 38 -40.57 -7.58 31.80
N LEU B 39 -40.40 -8.84 32.21
CA LEU B 39 -40.85 -9.96 31.39
C LEU B 39 -42.36 -9.90 31.16
N LEU B 40 -43.13 -9.79 32.25
CA LEU B 40 -44.58 -9.65 32.11
C LEU B 40 -44.94 -8.39 31.33
N PHE B 41 -44.14 -7.33 31.46
CA PHE B 41 -44.42 -6.10 30.72
C PHE B 41 -44.35 -6.33 29.22
N LEU B 42 -43.19 -6.77 28.73
CA LEU B 42 -43.07 -6.94 27.28
C LEU B 42 -43.77 -8.20 26.78
N GLN B 43 -44.30 -9.04 27.68
CA GLN B 43 -45.19 -10.12 27.24
C GLN B 43 -46.61 -9.60 27.05
N LYS B 44 -47.09 -8.73 27.95
CA LYS B 44 -48.44 -8.18 27.81
C LYS B 44 -48.53 -7.26 26.60
N SER B 45 -47.58 -6.33 26.48
CA SER B 45 -47.56 -5.40 25.34
C SER B 45 -47.14 -6.07 24.04
N LYS B 46 -46.80 -7.36 24.06
CA LYS B 46 -46.38 -8.11 22.88
C LYS B 46 -45.16 -7.46 22.21
N LYS B 47 -44.35 -6.76 22.99
CA LYS B 47 -43.16 -6.10 22.48
C LYS B 47 -41.95 -7.04 22.57
N HIS B 48 -41.03 -6.86 21.64
CA HIS B 48 -39.77 -7.59 21.63
C HIS B 48 -38.65 -6.71 22.16
N LEU B 49 -37.66 -7.35 22.79
CA LEU B 49 -36.55 -6.61 23.39
C LEU B 49 -35.58 -6.06 22.35
N THR B 50 -35.75 -6.42 21.08
CA THR B 50 -34.89 -5.95 20.01
C THR B 50 -35.52 -4.85 19.18
N ASP B 51 -36.65 -4.29 19.62
CA ASP B 51 -37.29 -3.22 18.90
C ASP B 51 -36.42 -1.97 18.88
N ASN B 52 -36.63 -1.13 17.87
CA ASN B 52 -35.90 0.12 17.76
C ASN B 52 -36.22 1.09 18.90
N GLU B 53 -37.25 0.80 19.70
CA GLU B 53 -37.61 1.66 20.82
C GLU B 53 -36.64 1.50 21.98
N PHE B 54 -36.27 0.26 22.32
CA PHE B 54 -35.41 0.00 23.46
C PHE B 54 -33.93 0.14 23.14
N LYS B 55 -33.59 0.77 22.02
CA LYS B 55 -32.21 0.98 21.62
C LYS B 55 -31.99 2.46 21.34
N ASP B 56 -30.75 2.89 21.53
CA ASP B 56 -30.37 4.26 21.24
C ASP B 56 -30.50 4.52 19.75
N PRO B 57 -31.38 5.43 19.30
CA PRO B 57 -31.61 5.58 17.86
C PRO B 57 -30.43 6.15 17.10
N GLU B 58 -29.35 6.53 17.77
CA GLU B 58 -28.16 7.06 17.12
C GLU B 58 -26.94 6.15 17.23
N THR B 59 -26.88 5.29 18.25
CA THR B 59 -25.76 4.37 18.41
C THR B 59 -26.19 2.91 18.44
N GLY B 60 -27.47 2.61 18.57
CA GLY B 60 -27.92 1.23 18.59
C GLY B 60 -27.55 0.46 19.84
N LYS B 61 -27.26 1.16 20.93
CA LYS B 61 -26.86 0.48 22.17
C LYS B 61 -28.05 -0.27 22.76
N THR B 62 -27.89 -1.58 22.94
CA THR B 62 -28.93 -2.41 23.49
C THR B 62 -28.76 -2.53 25.01
N CYS B 63 -29.71 -3.19 25.65
CA CYS B 63 -29.60 -3.45 27.09
C CYS B 63 -28.40 -4.32 27.39
N LEU B 64 -28.13 -5.32 26.55
CA LEU B 64 -26.96 -6.16 26.72
C LEU B 64 -25.69 -5.32 26.65
N LEU B 65 -25.64 -4.36 25.73
CA LEU B 65 -24.46 -3.52 25.59
C LEU B 65 -24.25 -2.65 26.83
N LYS B 66 -25.31 -1.99 27.30
CA LYS B 66 -25.17 -1.16 28.49
C LYS B 66 -24.81 -2.01 29.71
N ALA B 67 -25.25 -3.27 29.74
CA ALA B 67 -24.80 -4.17 30.79
C ALA B 67 -23.30 -4.46 30.65
N MET B 68 -22.83 -4.68 29.43
CA MET B 68 -21.42 -4.94 29.20
C MET B 68 -20.56 -3.75 29.64
N LEU B 69 -21.02 -2.53 29.33
CA LEU B 69 -20.26 -1.34 29.68
C LEU B 69 -20.45 -0.91 31.13
N ASN B 70 -21.40 -1.50 31.86
CA ASN B 70 -21.63 -1.18 33.27
C ASN B 70 -21.64 -2.49 34.06
N LEU B 71 -20.46 -2.92 34.49
CA LEU B 71 -20.28 -4.11 35.30
C LEU B 71 -19.78 -3.73 36.68
N HIS B 72 -19.84 -4.69 37.61
CA HIS B 72 -19.25 -4.54 38.92
C HIS B 72 -18.27 -5.69 39.12
N ASP B 73 -17.00 -5.35 39.37
CA ASP B 73 -15.93 -6.34 39.52
C ASP B 73 -15.87 -7.30 38.33
N GLY B 74 -16.33 -6.85 37.18
CA GLY B 74 -16.33 -7.67 35.98
C GLY B 74 -17.43 -8.71 35.91
N GLN B 75 -18.47 -8.60 36.74
CA GLN B 75 -19.56 -9.56 36.73
C GLN B 75 -20.88 -8.81 36.83
N ASN B 76 -21.96 -9.50 36.42
CA ASN B 76 -23.29 -8.92 36.44
C ASN B 76 -24.35 -9.99 36.25
N THR B 77 -25.38 -9.99 37.11
CA THR B 77 -26.49 -10.91 37.00
C THR B 77 -27.58 -10.42 36.05
N THR B 78 -27.60 -9.10 35.77
CA THR B 78 -28.51 -8.56 34.77
C THR B 78 -28.29 -9.22 33.41
N ILE B 79 -27.05 -9.61 33.11
CA ILE B 79 -26.74 -10.20 31.81
C ILE B 79 -27.43 -11.55 31.65
N PRO B 80 -27.27 -12.52 32.57
CA PRO B 80 -28.02 -13.77 32.42
C PRO B 80 -29.52 -13.59 32.60
N LEU B 81 -29.96 -12.65 33.43
CA LEU B 81 -31.38 -12.35 33.53
C LEU B 81 -31.95 -11.95 32.16
N LEU B 82 -31.29 -11.00 31.50
CA LEU B 82 -31.74 -10.55 30.18
C LEU B 82 -31.62 -11.66 29.14
N LEU B 83 -30.58 -12.50 29.25
CA LEU B 83 -30.43 -13.60 28.32
C LEU B 83 -31.60 -14.57 28.43
N GLU B 84 -32.01 -14.90 29.65
CA GLU B 84 -33.16 -15.79 29.82
C GLU B 84 -34.45 -15.12 29.35
N ILE B 85 -34.62 -13.83 29.62
CA ILE B 85 -35.83 -13.14 29.18
C ILE B 85 -35.91 -13.13 27.66
N ALA B 86 -34.77 -12.91 26.98
CA ALA B 86 -34.76 -12.91 25.52
C ALA B 86 -34.95 -14.31 24.96
N ARG B 87 -34.39 -15.32 25.62
CA ARG B 87 -34.63 -16.70 25.20
C ARG B 87 -36.11 -17.07 25.33
N GLN B 88 -36.79 -16.48 26.31
CA GLN B 88 -38.23 -16.68 26.42
C GLN B 88 -38.97 -15.90 25.34
N THR B 89 -38.48 -14.71 24.99
CA THR B 89 -39.09 -13.84 23.99
C THR B 89 -38.66 -14.18 22.57
N ASP B 90 -37.84 -15.23 22.39
CA ASP B 90 -37.27 -15.63 21.11
C ASP B 90 -36.38 -14.56 20.50
N SER B 91 -36.04 -13.51 21.26
CA SER B 91 -35.16 -12.45 20.81
C SER B 91 -33.71 -12.68 21.20
N LEU B 92 -33.32 -13.94 21.38
CA LEU B 92 -31.99 -14.26 21.91
C LEU B 92 -30.91 -14.05 20.85
N LYS B 93 -31.11 -14.58 19.65
CA LYS B 93 -30.08 -14.50 18.62
C LYS B 93 -29.90 -13.07 18.13
N GLU B 94 -30.95 -12.25 18.15
CA GLU B 94 -30.81 -10.87 17.72
C GLU B 94 -30.05 -10.04 18.75
N LEU B 95 -30.19 -10.36 20.04
CA LEU B 95 -29.48 -9.63 21.08
C LEU B 95 -28.04 -10.09 21.21
N VAL B 96 -27.78 -11.39 21.02
CA VAL B 96 -26.41 -11.89 21.13
C VAL B 96 -25.57 -11.43 19.94
N ASN B 97 -26.19 -11.13 18.80
CA ASN B 97 -25.51 -10.61 17.63
C ASN B 97 -25.79 -9.13 17.41
N ALA B 98 -26.30 -8.45 18.43
CA ALA B 98 -26.60 -7.03 18.33
C ALA B 98 -25.31 -6.22 18.20
N SER B 99 -25.15 -5.52 17.08
CA SER B 99 -23.97 -4.72 16.82
C SER B 99 -24.31 -3.23 16.86
N TYR B 100 -23.28 -2.41 16.96
CA TYR B 100 -23.47 -0.97 16.95
C TYR B 100 -23.86 -0.48 15.56
N THR B 101 -24.59 0.63 15.54
CA THR B 101 -25.04 1.23 14.29
C THR B 101 -24.53 2.66 14.11
N ASP B 102 -23.77 3.20 15.06
CA ASP B 102 -23.31 4.57 14.96
C ASP B 102 -22.14 4.67 13.98
N SER B 103 -21.60 5.89 13.84
CA SER B 103 -20.52 6.16 12.91
C SER B 103 -19.16 6.19 13.60
N TYR B 104 -19.02 5.54 14.75
CA TYR B 104 -17.73 5.48 15.42
C TYR B 104 -17.40 4.05 15.86
N TYR B 105 -18.43 3.24 16.12
CA TYR B 105 -18.25 1.88 16.62
C TYR B 105 -18.95 0.86 15.72
N LYS B 106 -19.09 1.17 14.43
CA LYS B 106 -19.86 0.32 13.54
C LYS B 106 -19.33 -1.12 13.52
N GLY B 107 -20.25 -2.07 13.46
CA GLY B 107 -19.89 -3.48 13.39
C GLY B 107 -19.41 -4.11 14.66
N GLN B 108 -19.37 -3.35 15.77
CA GLN B 108 -18.90 -3.87 17.05
C GLN B 108 -20.06 -4.55 17.77
N THR B 109 -19.94 -5.86 17.98
CA THR B 109 -20.97 -6.63 18.67
C THR B 109 -20.67 -6.68 20.15
N ALA B 110 -21.42 -7.48 20.90
CA ALA B 110 -21.15 -7.66 22.32
C ALA B 110 -19.96 -8.57 22.57
N LEU B 111 -19.66 -9.47 21.61
CA LEU B 111 -18.50 -10.33 21.76
C LEU B 111 -17.20 -9.53 21.67
N HIS B 112 -17.18 -8.50 20.82
CA HIS B 112 -16.02 -7.61 20.76
C HIS B 112 -15.77 -6.95 22.12
N ILE B 113 -16.84 -6.45 22.75
CA ILE B 113 -16.70 -5.82 24.06
C ILE B 113 -16.27 -6.84 25.10
N ALA B 114 -16.80 -8.06 25.02
CA ALA B 114 -16.44 -9.09 25.98
C ALA B 114 -14.96 -9.46 25.88
N ILE B 115 -14.44 -9.58 24.66
CA ILE B 115 -13.03 -9.87 24.47
C ILE B 115 -12.18 -8.66 24.87
N GLU B 116 -12.71 -7.45 24.65
CA GLU B 116 -11.97 -6.25 25.06
C GLU B 116 -11.78 -6.20 26.57
N ARG B 117 -12.85 -6.46 27.33
CA ARG B 117 -12.80 -6.38 28.78
C ARG B 117 -12.05 -7.56 29.41
N ARG B 118 -11.53 -8.48 28.60
CA ARG B 118 -10.76 -9.63 29.09
C ARG B 118 -11.56 -10.45 30.10
N ASN B 119 -12.88 -10.52 29.92
CA ASN B 119 -13.78 -11.24 30.81
C ASN B 119 -14.06 -12.61 30.19
N MET B 120 -13.45 -13.66 30.77
CA MET B 120 -13.58 -14.99 30.20
C MET B 120 -15.00 -15.53 30.33
N ALA B 121 -15.62 -15.34 31.50
CA ALA B 121 -16.95 -15.88 31.73
C ALA B 121 -17.96 -15.30 30.75
N LEU B 122 -17.87 -13.99 30.48
CA LEU B 122 -18.80 -13.37 29.55
C LEU B 122 -18.57 -13.84 28.12
N VAL B 123 -17.30 -14.00 27.72
CA VAL B 123 -17.00 -14.51 26.39
C VAL B 123 -17.57 -15.92 26.22
N THR B 124 -17.37 -16.76 27.22
CA THR B 124 -17.88 -18.13 27.17
C THR B 124 -19.41 -18.14 27.09
N LEU B 125 -20.05 -17.34 27.94
CA LEU B 125 -21.52 -17.30 27.95
C LEU B 125 -22.05 -16.78 26.62
N LEU B 126 -21.37 -15.82 26.01
CA LEU B 126 -21.82 -15.28 24.74
C LEU B 126 -21.68 -16.30 23.62
N VAL B 127 -20.51 -16.94 23.54
CA VAL B 127 -20.29 -17.92 22.48
C VAL B 127 -21.25 -19.11 22.64
N GLU B 128 -21.51 -19.52 23.88
CA GLU B 128 -22.42 -20.63 24.11
C GLU B 128 -23.86 -20.31 23.77
N ASN B 129 -24.23 -19.02 23.76
CA ASN B 129 -25.57 -18.61 23.37
C ASN B 129 -25.68 -18.29 21.88
N GLY B 130 -24.66 -18.61 21.09
CA GLY B 130 -24.73 -18.42 19.66
C GLY B 130 -24.27 -17.05 19.20
N ALA B 131 -23.16 -16.56 19.76
CA ALA B 131 -22.61 -15.29 19.32
C ALA B 131 -21.86 -15.46 18.01
N ASP B 132 -21.99 -14.47 17.13
CA ASP B 132 -21.33 -14.52 15.83
C ASP B 132 -19.82 -14.45 16.03
N VAL B 133 -19.13 -15.56 15.79
CA VAL B 133 -17.69 -15.61 16.00
C VAL B 133 -16.96 -14.82 14.92
N GLN B 134 -17.46 -14.88 13.69
CA GLN B 134 -16.85 -14.19 12.56
C GLN B 134 -17.51 -12.84 12.28
N ALA B 135 -18.02 -12.17 13.32
CA ALA B 135 -18.62 -10.86 13.16
C ALA B 135 -17.53 -9.84 12.81
N ALA B 136 -17.48 -9.42 11.56
CA ALA B 136 -16.44 -8.52 11.08
C ALA B 136 -16.77 -7.10 11.53
N ALA B 137 -16.11 -6.64 12.60
CA ALA B 137 -16.22 -5.25 13.04
C ALA B 137 -15.39 -4.40 12.09
N HIS B 138 -16.05 -3.71 11.16
CA HIS B 138 -15.37 -2.88 10.17
C HIS B 138 -15.69 -1.40 10.35
N GLY B 139 -15.86 -0.97 11.60
CA GLY B 139 -16.20 0.40 11.90
C GLY B 139 -15.11 1.42 11.65
N ASP B 140 -15.27 2.61 12.23
CA ASP B 140 -14.42 3.75 11.93
C ASP B 140 -13.28 3.94 12.92
N PHE B 141 -13.43 3.48 14.16
CA PHE B 141 -12.39 3.66 15.16
C PHE B 141 -11.12 2.92 14.78
N PHE B 142 -11.24 1.61 14.54
CA PHE B 142 -10.09 0.75 14.30
C PHE B 142 -9.75 0.73 12.81
N LYS B 143 -9.08 1.80 12.37
CA LYS B 143 -8.61 1.91 11.00
C LYS B 143 -7.28 2.66 11.01
N LYS B 144 -6.67 2.78 9.84
CA LYS B 144 -5.38 3.45 9.68
C LYS B 144 -5.62 4.89 9.26
N THR B 145 -5.94 5.73 10.24
CA THR B 145 -6.14 7.15 9.99
C THR B 145 -4.82 7.89 10.23
N LYS B 146 -4.86 9.21 10.21
CA LYS B 146 -3.63 10.00 10.29
C LYS B 146 -3.16 10.13 11.75
N GLY B 147 -3.95 10.79 12.58
CA GLY B 147 -3.56 11.02 13.95
C GLY B 147 -4.09 9.99 14.94
N ARG B 148 -3.27 8.99 15.26
CA ARG B 148 -3.59 7.96 16.23
C ARG B 148 -2.29 7.36 16.74
N PRO B 149 -2.27 6.87 17.98
CA PRO B 149 -1.08 6.16 18.48
C PRO B 149 -0.95 4.74 17.96
N GLY B 150 -1.83 4.31 17.06
CA GLY B 150 -1.79 2.96 16.52
C GLY B 150 -2.83 2.05 17.15
N PHE B 151 -3.92 1.79 16.43
CA PHE B 151 -4.97 0.93 16.94
C PHE B 151 -5.60 0.16 15.77
N TYR B 152 -5.37 -1.16 15.76
CA TYR B 152 -5.92 -2.04 14.75
C TYR B 152 -5.78 -3.49 15.18
N PHE B 153 -6.86 -4.27 15.11
CA PHE B 153 -6.86 -5.64 15.60
C PHE B 153 -7.49 -6.57 14.58
N GLY B 154 -7.26 -6.33 13.29
CA GLY B 154 -7.73 -7.24 12.27
C GLY B 154 -9.23 -7.33 12.11
N GLU B 155 -10.00 -6.46 12.76
CA GLU B 155 -11.44 -6.36 12.58
C GLU B 155 -12.20 -7.60 13.02
N LEU B 156 -11.49 -8.60 13.55
CA LEU B 156 -12.11 -9.87 13.89
C LEU B 156 -11.87 -10.20 15.35
N PRO B 157 -12.79 -10.96 15.97
CA PRO B 157 -12.57 -11.36 17.37
C PRO B 157 -11.33 -12.22 17.58
N LEU B 158 -11.00 -13.08 16.61
CA LEU B 158 -9.78 -13.88 16.71
C LEU B 158 -8.55 -12.98 16.74
N SER B 159 -8.43 -12.10 15.75
CA SER B 159 -7.29 -11.19 15.70
C SER B 159 -7.32 -10.20 16.85
N LEU B 160 -8.52 -9.86 17.36
CA LEU B 160 -8.61 -9.00 18.53
C LEU B 160 -7.99 -9.69 19.75
N ALA B 161 -8.40 -10.93 20.01
CA ALA B 161 -7.84 -11.67 21.13
C ALA B 161 -6.35 -11.94 20.94
N ALA B 162 -5.91 -12.06 19.68
CA ALA B 162 -4.48 -12.29 19.43
C ALA B 162 -3.67 -11.03 19.70
N CYS B 163 -4.19 -9.86 19.31
CA CYS B 163 -3.48 -8.61 19.55
C CYS B 163 -3.54 -8.15 21.00
N THR B 164 -4.51 -8.64 21.77
CA THR B 164 -4.58 -8.32 23.20
C THR B 164 -3.77 -9.29 24.04
N ASN B 165 -3.06 -10.23 23.43
CA ASN B 165 -2.20 -11.19 24.12
C ASN B 165 -3.00 -12.01 25.12
N GLN B 166 -4.04 -12.68 24.61
CA GLN B 166 -4.91 -13.54 25.40
C GLN B 166 -4.98 -14.89 24.70
N LEU B 167 -4.08 -15.80 25.09
CA LEU B 167 -4.01 -17.10 24.44
C LEU B 167 -5.26 -17.93 24.71
N GLY B 168 -5.75 -17.90 25.94
CA GLY B 168 -6.91 -18.71 26.29
C GLY B 168 -8.14 -18.36 25.47
N ILE B 169 -8.35 -17.07 25.21
CA ILE B 169 -9.49 -16.67 24.40
C ILE B 169 -9.35 -17.20 22.98
N VAL B 170 -8.13 -17.17 22.43
CA VAL B 170 -7.90 -17.70 21.09
C VAL B 170 -8.19 -19.20 21.07
N LYS B 171 -7.71 -19.92 22.08
CA LYS B 171 -7.96 -21.35 22.15
C LYS B 171 -9.45 -21.66 22.25
N PHE B 172 -10.18 -20.87 23.04
CA PHE B 172 -11.62 -21.10 23.17
C PHE B 172 -12.36 -20.77 21.88
N LEU B 173 -11.91 -19.73 21.17
CA LEU B 173 -12.57 -19.36 19.93
C LEU B 173 -12.31 -20.39 18.83
N LEU B 174 -11.13 -20.98 18.81
CA LEU B 174 -10.79 -21.94 17.76
C LEU B 174 -11.27 -23.35 18.06
N GLN B 175 -11.59 -23.65 19.32
CA GLN B 175 -11.95 -25.02 19.71
C GLN B 175 -13.20 -25.02 20.59
N ASN B 176 -14.22 -24.27 20.20
CA ASN B 176 -15.48 -24.29 20.92
C ASN B 176 -16.45 -25.25 20.26
N SER B 177 -17.43 -25.71 21.05
CA SER B 177 -18.40 -26.70 20.59
C SER B 177 -19.65 -26.06 19.98
N TRP B 178 -19.61 -24.76 19.68
CA TRP B 178 -20.76 -24.05 19.14
C TRP B 178 -20.51 -23.48 17.75
N GLN B 179 -19.41 -22.74 17.57
CA GLN B 179 -19.06 -22.19 16.26
C GLN B 179 -17.56 -21.96 16.24
N THR B 180 -16.83 -22.82 15.54
CA THR B 180 -15.38 -22.70 15.49
C THR B 180 -14.98 -21.47 14.67
N ALA B 181 -13.97 -20.75 15.18
CA ALA B 181 -13.48 -19.56 14.50
C ALA B 181 -12.64 -19.95 13.28
N ASP B 182 -12.75 -19.15 12.23
CA ASP B 182 -11.98 -19.38 11.01
C ASP B 182 -10.61 -18.71 11.16
N ILE B 183 -9.56 -19.52 11.14
CA ILE B 183 -8.21 -18.98 11.27
C ILE B 183 -7.74 -18.32 9.97
N SER B 184 -8.25 -18.78 8.83
CA SER B 184 -7.90 -18.20 7.54
C SER B 184 -8.80 -17.03 7.17
N ALA B 185 -9.56 -16.50 8.13
CA ALA B 185 -10.47 -15.39 7.85
C ALA B 185 -9.67 -14.12 7.56
N ARG B 186 -10.34 -13.19 6.88
CA ARG B 186 -9.74 -11.94 6.47
C ARG B 186 -10.70 -10.80 6.76
N ASP B 187 -10.14 -9.62 7.04
CA ASP B 187 -10.94 -8.44 7.36
C ASP B 187 -11.39 -7.77 6.07
N SER B 188 -11.93 -6.55 6.19
CA SER B 188 -12.36 -5.79 5.02
C SER B 188 -11.19 -5.40 4.14
N VAL B 189 -9.96 -5.40 4.66
CA VAL B 189 -8.78 -5.09 3.88
C VAL B 189 -8.06 -6.34 3.39
N GLY B 190 -8.40 -7.51 3.92
CA GLY B 190 -7.77 -8.76 3.53
C GLY B 190 -6.72 -9.27 4.49
N ASN B 191 -6.51 -8.61 5.62
CA ASN B 191 -5.48 -9.01 6.57
C ASN B 191 -5.97 -10.17 7.44
N THR B 192 -5.10 -11.15 7.63
CA THR B 192 -5.37 -12.27 8.51
C THR B 192 -4.88 -11.95 9.91
N VAL B 193 -4.85 -12.98 10.78
CA VAL B 193 -4.36 -12.78 12.14
C VAL B 193 -2.88 -12.45 12.14
N LEU B 194 -2.11 -13.10 11.26
CA LEU B 194 -0.68 -12.82 11.18
C LEU B 194 -0.43 -11.39 10.72
N HIS B 195 -1.20 -10.92 9.74
CA HIS B 195 -1.08 -9.54 9.29
C HIS B 195 -1.44 -8.57 10.40
N ALA B 196 -2.44 -8.92 11.22
CA ALA B 196 -2.81 -8.07 12.34
C ALA B 196 -1.67 -7.99 13.36
N LEU B 197 -1.06 -9.13 13.67
CA LEU B 197 0.07 -9.14 14.60
C LEU B 197 1.26 -8.37 14.03
N VAL B 198 1.42 -8.38 12.71
CA VAL B 198 2.51 -7.61 12.10
C VAL B 198 2.22 -6.12 12.19
N GLU B 199 0.98 -5.72 11.92
CA GLU B 199 0.63 -4.30 11.93
C GLU B 199 0.59 -3.73 13.35
N VAL B 200 0.32 -4.57 14.34
CA VAL B 200 0.19 -4.09 15.72
C VAL B 200 1.53 -3.90 16.41
N ALA B 201 2.62 -4.41 15.85
CA ALA B 201 3.92 -4.28 16.48
C ALA B 201 4.44 -2.85 16.36
N ASP B 202 5.32 -2.48 17.30
CA ASP B 202 5.94 -1.16 17.29
C ASP B 202 7.44 -1.21 17.53
N ASN B 203 8.05 -2.39 17.46
CA ASN B 203 9.50 -2.57 17.54
C ASN B 203 10.04 -2.17 18.91
N THR B 204 9.39 -2.64 19.96
CA THR B 204 9.87 -2.52 21.33
C THR B 204 10.05 -3.91 21.92
N ALA B 205 10.69 -3.97 23.09
CA ALA B 205 11.10 -5.24 23.67
C ALA B 205 9.89 -6.12 23.96
N ASP B 206 9.02 -5.68 24.88
CA ASP B 206 7.89 -6.51 25.29
C ASP B 206 6.92 -6.73 24.15
N ASN B 207 6.74 -5.72 23.30
CA ASN B 207 5.85 -5.87 22.15
C ASN B 207 6.37 -6.93 21.19
N THR B 208 7.66 -6.86 20.85
CA THR B 208 8.25 -7.89 19.98
C THR B 208 8.12 -9.26 20.63
N LYS B 209 8.36 -9.36 21.94
CA LYS B 209 8.28 -10.64 22.63
C LYS B 209 6.88 -11.24 22.52
N PHE B 210 5.85 -10.47 22.86
CA PHE B 210 4.51 -11.03 22.89
C PHE B 210 3.96 -11.25 21.49
N VAL B 211 4.32 -10.38 20.53
CA VAL B 211 3.89 -10.60 19.15
C VAL B 211 4.53 -11.86 18.59
N THR B 212 5.81 -12.09 18.90
CA THR B 212 6.49 -13.30 18.47
C THR B 212 5.83 -14.54 19.07
N SER B 213 5.53 -14.49 20.38
CA SER B 213 4.90 -15.64 21.03
C SER B 213 3.52 -15.92 20.43
N MET B 214 2.75 -14.86 20.14
CA MET B 214 1.43 -15.05 19.56
C MET B 214 1.53 -15.58 18.14
N TYR B 215 2.49 -15.09 17.35
CA TYR B 215 2.71 -15.61 16.00
C TYR B 215 3.03 -17.10 16.05
N ASN B 216 3.93 -17.49 16.96
CA ASN B 216 4.31 -18.89 17.08
C ASN B 216 3.11 -19.75 17.50
N GLU B 217 2.33 -19.27 18.47
CA GLU B 217 1.19 -20.05 18.95
C GLU B 217 0.12 -20.17 17.86
N ILE B 218 -0.09 -19.10 17.08
CA ILE B 218 -1.05 -19.15 15.98
C ILE B 218 -0.59 -20.16 14.93
N LEU B 219 0.70 -20.15 14.59
CA LEU B 219 1.22 -21.11 13.63
C LEU B 219 1.07 -22.53 14.14
N MET B 220 1.34 -22.76 15.42
CA MET B 220 1.22 -24.09 15.99
C MET B 220 -0.24 -24.57 15.98
N LEU B 221 -1.17 -23.70 16.38
CA LEU B 221 -2.58 -24.08 16.36
C LEU B 221 -3.09 -24.31 14.96
N GLY B 222 -2.59 -23.56 13.98
CA GLY B 222 -2.99 -23.79 12.60
C GLY B 222 -2.44 -25.10 12.05
N ALA B 223 -1.19 -25.42 12.39
CA ALA B 223 -0.63 -26.69 11.96
C ALA B 223 -1.32 -27.87 12.65
N LYS B 224 -1.82 -27.66 13.86
CA LYS B 224 -2.48 -28.76 14.58
C LYS B 224 -3.91 -28.96 14.09
N LEU B 225 -4.68 -27.87 13.99
CA LEU B 225 -6.08 -28.00 13.60
C LEU B 225 -6.23 -28.45 12.16
N HIS B 226 -5.59 -27.73 11.23
CA HIS B 226 -5.63 -28.06 9.80
C HIS B 226 -4.21 -28.06 9.26
N PRO B 227 -3.54 -29.22 9.26
CA PRO B 227 -2.17 -29.27 8.75
C PRO B 227 -2.05 -28.95 7.28
N THR B 228 -3.14 -29.02 6.52
CA THR B 228 -3.08 -28.75 5.10
C THR B 228 -2.95 -27.26 4.78
N LEU B 229 -3.41 -26.40 5.68
CA LEU B 229 -3.40 -24.97 5.44
C LEU B 229 -2.07 -24.36 5.90
N LYS B 230 -1.44 -23.58 5.02
CA LYS B 230 -0.23 -22.83 5.33
C LYS B 230 -0.59 -21.35 5.37
N LEU B 231 -0.72 -20.82 6.58
CA LEU B 231 -1.25 -19.47 6.76
C LEU B 231 -0.25 -18.39 6.36
N GLU B 232 1.05 -18.68 6.41
CA GLU B 232 2.06 -17.67 6.11
C GLU B 232 2.09 -17.27 4.65
N GLU B 233 1.35 -17.97 3.78
CA GLU B 233 1.34 -17.67 2.35
C GLU B 233 0.18 -16.77 1.93
N LEU B 234 -0.83 -16.59 2.79
CA LEU B 234 -1.98 -15.77 2.42
C LEU B 234 -1.58 -14.31 2.29
N THR B 235 -2.10 -13.66 1.25
CA THR B 235 -1.87 -12.26 1.01
C THR B 235 -3.19 -11.49 1.14
N ASN B 236 -3.09 -10.22 1.50
CA ASN B 236 -4.26 -9.36 1.64
C ASN B 236 -4.68 -8.85 0.27
N LYS B 237 -5.60 -7.87 0.25
CA LYS B 237 -5.99 -7.25 -1.01
C LYS B 237 -4.86 -6.45 -1.64
N LYS B 238 -3.82 -6.13 -0.87
CA LYS B 238 -2.64 -5.45 -1.41
C LYS B 238 -1.57 -6.43 -1.87
N GLY B 239 -1.83 -7.73 -1.80
CA GLY B 239 -0.85 -8.73 -2.20
C GLY B 239 0.38 -8.76 -1.31
N MET B 240 0.20 -8.66 0.00
CA MET B 240 1.30 -8.57 0.95
C MET B 240 1.31 -9.78 1.86
N THR B 241 2.45 -10.46 1.92
CA THR B 241 2.64 -11.53 2.87
C THR B 241 3.04 -10.96 4.23
N PRO B 242 2.90 -11.72 5.31
CA PRO B 242 3.36 -11.21 6.62
C PRO B 242 4.81 -10.77 6.61
N LEU B 243 5.69 -11.54 5.98
CA LEU B 243 7.09 -11.14 5.87
C LEU B 243 7.23 -9.86 5.05
N ALA B 244 6.53 -9.79 3.92
CA ALA B 244 6.58 -8.58 3.09
C ALA B 244 5.98 -7.39 3.80
N LEU B 245 4.90 -7.61 4.56
CA LEU B 245 4.30 -6.51 5.32
C LEU B 245 5.28 -6.01 6.39
N ALA B 246 5.99 -6.92 7.05
CA ALA B 246 6.99 -6.52 8.04
C ALA B 246 8.15 -5.79 7.38
N ALA B 247 8.53 -6.21 6.17
CA ALA B 247 9.61 -5.52 5.46
C ALA B 247 9.18 -4.13 5.01
N GLY B 248 7.90 -3.96 4.68
CA GLY B 248 7.42 -2.68 4.19
C GLY B 248 7.11 -1.67 5.28
N THR B 249 6.55 -2.13 6.41
CA THR B 249 6.19 -1.23 7.49
C THR B 249 7.28 -1.10 8.54
N GLY B 250 8.46 -1.69 8.32
CA GLY B 250 9.57 -1.52 9.22
C GLY B 250 9.48 -2.33 10.50
N LYS B 251 8.75 -3.45 10.49
CA LYS B 251 8.66 -4.34 11.65
C LYS B 251 9.88 -5.24 11.64
N ILE B 252 10.98 -4.73 12.21
CA ILE B 252 12.26 -5.41 12.14
C ILE B 252 12.24 -6.68 12.98
N GLY B 253 11.74 -6.59 14.21
CA GLY B 253 11.71 -7.76 15.08
C GLY B 253 10.82 -8.86 14.55
N VAL B 254 9.65 -8.49 14.02
CA VAL B 254 8.73 -9.49 13.48
C VAL B 254 9.36 -10.18 12.28
N LEU B 255 9.99 -9.41 11.39
CA LEU B 255 10.65 -9.99 10.22
C LEU B 255 11.78 -10.91 10.65
N ALA B 256 12.59 -10.48 11.62
CA ALA B 256 13.68 -11.31 12.11
C ALA B 256 13.17 -12.63 12.67
N TYR B 257 12.08 -12.59 13.45
CA TYR B 257 11.57 -13.83 14.01
C TYR B 257 10.94 -14.71 12.95
N ILE B 258 10.29 -14.12 11.94
CA ILE B 258 9.72 -14.92 10.85
C ILE B 258 10.83 -15.66 10.12
N LEU B 259 11.91 -14.95 9.79
CA LEU B 259 13.02 -15.61 9.11
C LEU B 259 13.72 -16.63 10.01
N GLN B 260 13.79 -16.36 11.32
CA GLN B 260 14.37 -17.31 12.25
C GLN B 260 13.55 -18.60 12.29
N ARG B 261 12.23 -18.48 12.39
CA ARG B 261 11.37 -19.66 12.41
C ARG B 261 11.43 -20.41 11.08
N GLU B 262 11.55 -19.69 9.97
CA GLU B 262 11.72 -20.36 8.69
C GLU B 262 13.06 -21.05 8.60
N ILE B 263 14.06 -20.57 9.35
CA ILE B 263 15.36 -21.25 9.38
C ILE B 263 15.24 -22.57 10.16
N GLN B 264 14.67 -22.52 11.36
CA GLN B 264 14.50 -23.71 12.18
C GLN B 264 13.16 -24.39 11.86
N GLU B 265 13.06 -24.87 10.61
CA GLU B 265 11.85 -25.58 10.21
C GLU B 265 11.74 -26.94 10.87
N PRO B 266 12.78 -27.81 10.90
CA PRO B 266 12.66 -29.06 11.66
C PRO B 266 13.10 -28.90 13.13
N GLU B 267 12.45 -27.98 13.83
CA GLU B 267 12.78 -27.70 15.23
C GLU B 267 11.53 -27.34 16.02
N THR C 14 70.75 0.66 57.76
CA THR C 14 70.02 1.15 56.60
C THR C 14 68.68 1.77 57.01
N LEU C 15 68.40 2.95 56.47
CA LEU C 15 67.17 3.69 56.76
C LEU C 15 66.54 4.20 55.47
N ARG C 16 66.41 3.32 54.47
CA ARG C 16 65.83 3.67 53.18
C ARG C 16 64.34 3.37 53.22
N LEU C 17 63.53 4.40 53.43
CA LEU C 17 62.08 4.28 53.47
C LEU C 17 61.48 4.73 52.15
N TYR C 18 60.32 4.18 51.81
CA TYR C 18 59.61 4.51 50.59
C TYR C 18 58.12 4.48 50.87
N ASP C 19 57.49 5.66 50.86
CA ASP C 19 56.04 5.74 50.97
C ASP C 19 55.40 5.42 49.63
N ARG C 20 54.06 5.43 49.59
CA ARG C 20 53.36 5.02 48.39
C ARG C 20 53.62 5.98 47.23
N ARG C 21 53.64 7.29 47.51
CA ARG C 21 53.77 8.26 46.44
C ARG C 21 55.16 8.23 45.82
N SER C 22 56.20 7.98 46.63
CA SER C 22 57.54 7.84 46.07
C SER C 22 57.63 6.63 45.15
N ILE C 23 57.01 5.51 45.54
CA ILE C 23 56.97 4.34 44.68
C ILE C 23 56.26 4.65 43.38
N PHE C 24 55.11 5.33 43.48
CA PHE C 24 54.32 5.64 42.28
C PHE C 24 55.09 6.57 41.34
N GLU C 25 55.78 7.57 41.89
CA GLU C 25 56.52 8.50 41.04
C GLU C 25 57.75 7.85 40.45
N ALA C 26 58.38 6.91 41.16
CA ALA C 26 59.50 6.16 40.59
C ALA C 26 59.02 5.22 39.49
N VAL C 27 57.81 4.67 39.63
CA VAL C 27 57.24 3.84 38.59
C VAL C 27 56.91 4.67 37.36
N ALA C 28 56.37 5.87 37.57
CA ALA C 28 55.95 6.72 36.45
C ALA C 28 57.16 7.16 35.62
N GLN C 29 58.28 7.46 36.26
CA GLN C 29 59.47 7.89 35.55
C GLN C 29 60.28 6.72 34.99
N ASN C 30 59.83 5.48 35.19
CA ASN C 30 60.50 4.28 34.70
C ASN C 30 61.93 4.19 35.21
N ASN C 31 62.11 4.46 36.50
CA ASN C 31 63.42 4.41 37.15
C ASN C 31 63.49 3.16 38.02
N CYS C 32 64.45 2.28 37.72
CA CYS C 32 64.63 1.06 38.49
C CYS C 32 65.59 1.23 39.65
N GLN C 33 66.21 2.40 39.80
CA GLN C 33 67.15 2.61 40.91
C GLN C 33 66.43 2.99 42.20
N ASP C 34 65.40 3.84 42.10
CA ASP C 34 64.64 4.24 43.28
C ASP C 34 63.81 3.10 43.85
N LEU C 35 63.67 1.99 43.12
CA LEU C 35 62.89 0.84 43.57
C LEU C 35 63.76 -0.35 43.95
N GLU C 36 65.07 -0.15 44.07
CA GLU C 36 65.96 -1.24 44.47
C GLU C 36 65.73 -1.63 45.92
N SER C 37 65.74 -0.65 46.82
CA SER C 37 65.56 -0.89 48.25
C SER C 37 64.10 -1.10 48.64
N LEU C 38 63.17 -1.06 47.68
CA LEU C 38 61.77 -1.32 48.01
C LEU C 38 61.57 -2.75 48.45
N LEU C 39 62.30 -3.69 47.84
CA LEU C 39 62.22 -5.09 48.26
C LEU C 39 62.60 -5.26 49.72
N LEU C 40 63.78 -4.76 50.10
CA LEU C 40 64.17 -4.82 51.51
C LEU C 40 63.26 -3.97 52.38
N PHE C 41 62.67 -2.91 51.84
CA PHE C 41 61.77 -2.07 52.63
C PHE C 41 60.52 -2.83 53.04
N LEU C 42 59.85 -3.48 52.08
CA LEU C 42 58.65 -4.23 52.44
C LEU C 42 58.97 -5.62 52.97
N GLN C 43 60.23 -6.04 52.95
CA GLN C 43 60.60 -7.27 53.66
C GLN C 43 60.90 -7.00 55.13
N LYS C 44 61.46 -5.82 55.44
CA LYS C 44 61.78 -5.49 56.83
C LYS C 44 60.52 -5.36 57.67
N SER C 45 59.56 -4.55 57.21
CA SER C 45 58.31 -4.38 57.92
C SER C 45 57.37 -5.57 57.81
N LYS C 46 57.76 -6.61 57.06
CA LYS C 46 56.95 -7.81 56.85
C LYS C 46 55.56 -7.47 56.30
N LYS C 47 55.47 -6.42 55.49
CA LYS C 47 54.22 -6.01 54.89
C LYS C 47 54.07 -6.63 53.50
N HIS C 48 52.82 -6.82 53.09
CA HIS C 48 52.50 -7.32 51.77
C HIS C 48 52.16 -6.14 50.85
N LEU C 49 52.57 -6.26 49.59
CA LEU C 49 52.40 -5.15 48.66
C LEU C 49 50.92 -4.87 48.35
N THR C 50 50.03 -5.81 48.67
CA THR C 50 48.61 -5.65 48.41
C THR C 50 47.86 -5.03 49.58
N ASP C 51 48.57 -4.47 50.56
CA ASP C 51 47.90 -3.84 51.70
C ASP C 51 47.15 -2.59 51.26
N ASN C 52 46.25 -2.14 52.14
CA ASN C 52 45.43 -0.96 51.86
C ASN C 52 46.22 0.33 51.88
N GLU C 53 47.45 0.32 52.41
CA GLU C 53 48.28 1.52 52.45
C GLU C 53 49.04 1.75 51.15
N PHE C 54 49.12 0.75 50.27
CA PHE C 54 49.83 0.88 49.00
C PHE C 54 48.90 1.20 47.84
N LYS C 55 47.67 1.62 48.12
CA LYS C 55 46.69 1.93 47.09
C LYS C 55 46.21 3.37 47.24
N ASP C 56 45.70 3.91 46.14
CA ASP C 56 45.13 5.25 46.13
C ASP C 56 43.93 5.29 47.07
N PRO C 57 43.91 6.19 48.07
CA PRO C 57 42.83 6.16 49.06
C PRO C 57 41.44 6.47 48.49
N GLU C 58 41.34 6.88 47.23
CA GLU C 58 40.04 7.15 46.62
C GLU C 58 39.70 6.24 45.46
N THR C 59 40.68 5.71 44.74
CA THR C 59 40.44 4.84 43.60
C THR C 59 41.05 3.46 43.72
N GLY C 60 41.86 3.20 44.75
CA GLY C 60 42.50 1.91 44.87
C GLY C 60 43.57 1.65 43.85
N LYS C 61 44.13 2.70 43.24
CA LYS C 61 45.15 2.54 42.22
C LYS C 61 46.40 1.92 42.83
N THR C 62 46.77 0.74 42.34
CA THR C 62 47.97 0.06 42.82
C THR C 62 49.17 0.50 41.99
N CYS C 63 50.35 -0.02 42.36
CA CYS C 63 51.56 0.29 41.61
C CYS C 63 51.50 -0.29 40.20
N LEU C 64 50.92 -1.48 40.05
CA LEU C 64 50.78 -2.09 38.73
C LEU C 64 49.93 -1.21 37.82
N LEU C 65 48.89 -0.59 38.37
CA LEU C 65 48.03 0.28 37.57
C LEU C 65 48.77 1.55 37.17
N LYS C 66 49.53 2.13 38.09
CA LYS C 66 50.33 3.32 37.75
C LYS C 66 51.40 2.98 36.72
N ALA C 67 51.85 1.73 36.69
CA ALA C 67 52.80 1.30 35.65
C ALA C 67 52.09 1.16 34.31
N MET C 68 50.89 0.54 34.32
CA MET C 68 50.15 0.34 33.07
C MET C 68 49.76 1.68 32.44
N LEU C 69 49.36 2.66 33.27
CA LEU C 69 48.94 3.94 32.73
C LEU C 69 50.11 4.75 32.21
N ASN C 70 51.20 4.81 33.00
CA ASN C 70 52.37 5.60 32.64
C ASN C 70 53.40 4.70 31.97
N LEU C 71 53.15 4.39 30.70
CA LEU C 71 54.05 3.59 29.88
C LEU C 71 54.73 4.46 28.83
N HIS C 72 55.86 3.97 28.33
CA HIS C 72 56.55 4.59 27.22
C HIS C 72 56.84 3.52 26.17
N ASP C 73 56.45 3.79 24.93
CA ASP C 73 56.61 2.85 23.81
C ASP C 73 56.03 1.48 24.12
N GLY C 74 55.05 1.42 25.03
CA GLY C 74 54.44 0.16 25.39
C GLY C 74 55.34 -0.82 26.11
N GLN C 75 56.30 -0.32 26.88
CA GLN C 75 57.22 -1.20 27.60
C GLN C 75 57.74 -0.47 28.83
N ASN C 76 58.00 -1.25 29.89
CA ASN C 76 58.54 -0.72 31.14
C ASN C 76 59.08 -1.89 31.95
N THR C 77 60.37 -1.85 32.30
CA THR C 77 60.94 -2.87 33.17
C THR C 77 60.43 -2.78 34.60
N THR C 78 59.79 -1.66 34.96
CA THR C 78 59.18 -1.55 36.28
C THR C 78 58.11 -2.60 36.49
N ILE C 79 57.42 -3.01 35.44
CA ILE C 79 56.33 -3.99 35.54
C ILE C 79 56.91 -5.35 35.92
N PRO C 80 57.90 -5.90 35.21
CA PRO C 80 58.49 -7.17 35.70
C PRO C 80 59.23 -7.02 37.01
N LEU C 81 59.82 -5.85 37.29
CA LEU C 81 60.43 -5.63 38.60
C LEU C 81 59.40 -5.80 39.71
N LEU C 82 58.24 -5.15 39.58
CA LEU C 82 57.18 -5.25 40.57
C LEU C 82 56.59 -6.66 40.60
N LEU C 83 56.52 -7.34 39.45
CA LEU C 83 56.03 -8.70 39.43
C LEU C 83 56.94 -9.62 40.23
N GLU C 84 58.26 -9.46 40.08
CA GLU C 84 59.20 -10.26 40.86
C GLU C 84 59.15 -9.90 42.34
N ILE C 85 58.96 -8.62 42.65
CA ILE C 85 58.81 -8.21 44.05
C ILE C 85 57.59 -8.88 44.68
N ALA C 86 56.46 -8.88 43.96
CA ALA C 86 55.26 -9.52 44.48
C ALA C 86 55.39 -11.03 44.54
N ARG C 87 56.11 -11.63 43.60
CA ARG C 87 56.36 -13.07 43.64
C ARG C 87 57.20 -13.44 44.85
N GLN C 88 58.15 -12.57 45.23
CA GLN C 88 58.91 -12.79 46.46
C GLN C 88 58.05 -12.53 47.69
N THR C 89 57.09 -11.59 47.60
CA THR C 89 56.20 -11.27 48.70
C THR C 89 55.02 -12.23 48.79
N ASP C 90 54.89 -13.17 47.85
CA ASP C 90 53.79 -14.14 47.76
C ASP C 90 52.44 -13.47 47.54
N SER C 91 52.41 -12.17 47.25
CA SER C 91 51.19 -11.45 46.95
C SER C 91 51.00 -11.26 45.45
N LEU C 92 51.49 -12.21 44.65
CA LEU C 92 51.44 -12.04 43.19
C LEU C 92 50.02 -12.19 42.67
N LYS C 93 49.29 -13.21 43.14
CA LYS C 93 47.93 -13.42 42.64
C LYS C 93 46.98 -12.33 43.11
N GLU C 94 47.20 -11.77 44.30
CA GLU C 94 46.35 -10.68 44.78
C GLU C 94 46.68 -9.38 44.07
N LEU C 95 47.91 -9.20 43.60
CA LEU C 95 48.28 -7.97 42.93
C LEU C 95 47.91 -7.98 41.46
N VAL C 96 48.13 -9.11 40.77
CA VAL C 96 47.83 -9.20 39.36
C VAL C 96 46.33 -9.10 39.09
N ASN C 97 45.51 -9.43 40.08
CA ASN C 97 44.06 -9.30 39.98
C ASN C 97 43.51 -8.15 40.83
N ALA C 98 44.38 -7.26 41.29
CA ALA C 98 43.94 -6.11 42.08
C ALA C 98 43.16 -5.15 41.19
N SER C 99 41.89 -4.94 41.51
CA SER C 99 41.01 -4.09 40.72
C SER C 99 40.79 -2.75 41.42
N TYR C 100 40.23 -1.81 40.66
CA TYR C 100 39.91 -0.50 41.21
C TYR C 100 38.83 -0.62 42.29
N THR C 101 38.86 0.33 43.24
CA THR C 101 37.88 0.38 44.31
C THR C 101 36.86 1.50 44.15
N ASP C 102 37.09 2.45 43.25
CA ASP C 102 36.15 3.53 43.04
C ASP C 102 34.89 3.02 42.34
N SER C 103 33.87 3.87 42.31
CA SER C 103 32.59 3.49 41.72
C SER C 103 32.55 3.70 40.21
N TYR C 104 33.53 4.40 39.64
CA TYR C 104 33.53 4.67 38.21
C TYR C 104 34.21 3.55 37.42
N TYR C 105 35.43 3.20 37.78
CA TYR C 105 36.18 2.11 37.14
C TYR C 105 36.15 0.84 37.97
N LYS C 106 35.03 0.57 38.65
CA LYS C 106 34.93 -0.58 39.53
C LYS C 106 35.09 -1.88 38.76
N GLY C 107 35.99 -2.73 39.24
CA GLY C 107 36.21 -4.04 38.65
C GLY C 107 37.28 -4.10 37.59
N GLN C 108 37.86 -2.97 37.20
CA GLN C 108 38.89 -2.95 36.16
C GLN C 108 40.22 -3.42 36.74
N THR C 109 40.73 -4.52 36.22
CA THR C 109 42.03 -5.03 36.64
C THR C 109 43.11 -4.52 35.69
N ALA C 110 44.34 -5.02 35.85
CA ALA C 110 45.42 -4.61 34.95
C ALA C 110 45.28 -5.23 33.57
N LEU C 111 44.59 -6.36 33.45
CA LEU C 111 44.43 -7.00 32.15
C LEU C 111 43.53 -6.17 31.23
N HIS C 112 42.50 -5.52 31.80
CA HIS C 112 41.67 -4.63 31.02
C HIS C 112 42.48 -3.49 30.43
N ILE C 113 43.37 -2.89 31.24
CA ILE C 113 44.19 -1.79 30.75
C ILE C 113 45.22 -2.30 29.75
N ALA C 114 45.69 -3.54 29.91
CA ALA C 114 46.64 -4.10 28.95
C ALA C 114 45.98 -4.32 27.60
N ILE C 115 44.72 -4.78 27.60
CA ILE C 115 44.01 -5.00 26.34
C ILE C 115 43.59 -3.67 25.71
N GLU C 116 43.22 -2.70 26.54
CA GLU C 116 42.78 -1.40 26.01
C GLU C 116 43.90 -0.70 25.27
N ARG C 117 45.14 -0.83 25.75
CA ARG C 117 46.28 -0.24 25.08
C ARG C 117 46.79 -1.07 23.91
N ARG C 118 46.11 -2.17 23.59
CA ARG C 118 46.42 -2.99 22.41
C ARG C 118 47.86 -3.51 22.47
N ASN C 119 48.32 -3.86 23.66
CA ASN C 119 49.65 -4.40 23.86
C ASN C 119 49.52 -5.90 24.11
N MET C 120 50.08 -6.71 23.21
CA MET C 120 49.97 -8.15 23.32
C MET C 120 51.00 -8.73 24.28
N ALA C 121 52.19 -8.13 24.38
CA ALA C 121 53.22 -8.63 25.26
C ALA C 121 52.80 -8.54 26.72
N LEU C 122 52.16 -7.43 27.10
CA LEU C 122 51.70 -7.27 28.49
C LEU C 122 50.59 -8.25 28.80
N VAL C 123 49.68 -8.49 27.85
CA VAL C 123 48.63 -9.48 28.05
C VAL C 123 49.23 -10.87 28.24
N THR C 124 50.23 -11.21 27.43
CA THR C 124 50.90 -12.50 27.58
C THR C 124 51.56 -12.62 28.94
N LEU C 125 52.28 -11.57 29.36
CA LEU C 125 52.97 -11.61 30.65
C LEU C 125 51.99 -11.71 31.81
N LEU C 126 50.82 -11.07 31.70
CA LEU C 126 49.84 -11.15 32.76
C LEU C 126 49.16 -12.51 32.81
N VAL C 127 48.88 -13.10 31.63
CA VAL C 127 48.24 -14.42 31.59
C VAL C 127 49.20 -15.48 32.10
N GLU C 128 50.49 -15.37 31.79
CA GLU C 128 51.47 -16.35 32.25
C GLU C 128 51.61 -16.34 33.77
N ASN C 129 51.29 -15.23 34.43
CA ASN C 129 51.35 -15.12 35.88
C ASN C 129 50.03 -15.46 36.56
N GLY C 130 49.13 -16.16 35.87
CA GLY C 130 47.87 -16.58 36.45
C GLY C 130 46.90 -15.47 36.76
N ALA C 131 46.79 -14.49 35.87
CA ALA C 131 45.82 -13.42 36.06
C ALA C 131 44.41 -13.93 35.82
N ASP C 132 43.45 -13.31 36.48
CA ASP C 132 42.04 -13.70 36.34
C ASP C 132 41.55 -13.28 34.96
N VAL C 133 41.41 -14.24 34.05
CA VAL C 133 41.00 -13.94 32.69
C VAL C 133 39.54 -13.51 32.64
N GLN C 134 38.70 -14.12 33.47
CA GLN C 134 37.27 -13.79 33.50
C GLN C 134 36.96 -12.67 34.49
N ALA C 135 37.93 -11.83 34.81
CA ALA C 135 37.71 -10.69 35.70
C ALA C 135 36.70 -9.73 35.09
N ALA C 136 35.52 -9.62 35.71
CA ALA C 136 34.45 -8.80 35.18
C ALA C 136 34.53 -7.40 35.75
N ALA C 137 34.78 -6.41 34.88
CA ALA C 137 34.78 -5.00 35.26
C ALA C 137 33.36 -4.47 35.10
N HIS C 138 32.67 -4.26 36.22
CA HIS C 138 31.27 -3.88 36.23
C HIS C 138 31.07 -2.48 36.82
N GLY C 139 31.94 -1.56 36.46
CA GLY C 139 31.81 -0.19 36.93
C GLY C 139 30.67 0.54 36.24
N ASP C 140 30.29 1.67 36.84
CA ASP C 140 29.23 2.52 36.30
C ASP C 140 29.65 3.26 35.04
N PHE C 141 30.86 3.02 34.53
CA PHE C 141 31.35 3.65 33.32
C PHE C 141 31.10 2.82 32.07
N PHE C 142 30.86 1.52 32.22
CA PHE C 142 30.70 0.62 31.08
C PHE C 142 29.25 0.45 30.64
N LYS C 143 28.28 0.90 31.43
CA LYS C 143 26.87 0.72 31.10
C LYS C 143 26.46 1.76 30.05
N LYS C 144 25.16 1.89 29.80
CA LYS C 144 24.67 2.87 28.84
C LYS C 144 25.07 4.27 29.28
N THR C 145 25.64 5.03 28.34
CA THR C 145 26.22 6.32 28.65
C THR C 145 25.15 7.41 28.74
N LYS C 146 25.55 8.56 29.28
CA LYS C 146 24.67 9.70 29.44
C LYS C 146 25.03 10.87 28.53
N GLY C 147 26.30 11.30 28.54
CA GLY C 147 26.74 12.40 27.71
C GLY C 147 28.02 12.10 26.95
N ARG C 148 28.46 10.85 27.00
CA ARG C 148 29.66 10.38 26.31
C ARG C 148 29.24 9.24 25.38
N PRO C 149 28.72 9.55 24.19
CA PRO C 149 28.03 8.52 23.40
C PRO C 149 28.92 7.40 22.89
N GLY C 150 28.84 6.26 23.58
CA GLY C 150 29.39 5.02 23.09
C GLY C 150 30.70 4.59 23.71
N PHE C 151 30.60 3.65 24.66
CA PHE C 151 31.77 2.93 25.15
C PHE C 151 31.28 1.75 25.96
N TYR C 152 31.51 0.54 25.46
CA TYR C 152 31.04 -0.69 26.10
C TYR C 152 31.74 -1.86 25.42
N PHE C 153 32.23 -2.80 26.22
CA PHE C 153 32.97 -3.95 25.70
C PHE C 153 32.54 -5.22 26.42
N GLY C 154 31.26 -5.32 26.77
CA GLY C 154 30.77 -6.52 27.40
C GLY C 154 31.28 -6.79 28.79
N GLU C 155 31.97 -5.83 29.42
CA GLU C 155 32.46 -5.90 30.78
C GLU C 155 33.46 -7.05 31.01
N LEU C 156 33.90 -7.71 29.95
CA LEU C 156 34.80 -8.84 30.06
C LEU C 156 36.01 -8.63 29.15
N PRO C 157 37.17 -9.16 29.55
CA PRO C 157 38.36 -9.04 28.67
C PRO C 157 38.19 -9.73 27.34
N LEU C 158 37.45 -10.84 27.30
CA LEU C 158 37.19 -11.52 26.03
C LEU C 158 36.44 -10.60 25.08
N SER C 159 35.28 -10.09 25.52
CA SER C 159 34.51 -9.18 24.69
C SER C 159 35.26 -7.86 24.47
N LEU C 160 36.15 -7.49 25.38
CA LEU C 160 36.97 -6.30 25.18
C LEU C 160 37.89 -6.47 23.99
N ALA C 161 38.61 -7.61 23.94
CA ALA C 161 39.48 -7.88 22.80
C ALA C 161 38.68 -8.11 21.52
N ALA C 162 37.46 -8.62 21.64
CA ALA C 162 36.64 -8.84 20.46
C ALA C 162 36.16 -7.53 19.85
N CYS C 163 35.74 -6.58 20.70
CA CYS C 163 35.21 -5.32 20.21
C CYS C 163 36.30 -4.36 19.73
N THR C 164 37.55 -4.57 20.15
CA THR C 164 38.67 -3.75 19.70
C THR C 164 39.31 -4.29 18.42
N ASN C 165 38.72 -5.31 17.81
CA ASN C 165 39.19 -5.88 16.55
C ASN C 165 40.63 -6.39 16.69
N GLN C 166 40.86 -7.23 17.70
CA GLN C 166 42.16 -7.83 17.97
C GLN C 166 41.96 -9.34 18.01
N LEU C 167 42.15 -9.99 16.86
CA LEU C 167 41.89 -11.41 16.76
C LEU C 167 42.94 -12.22 17.51
N GLY C 168 44.20 -11.79 17.47
CA GLY C 168 45.25 -12.55 18.12
C GLY C 168 45.09 -12.63 19.63
N ILE C 169 44.66 -11.53 20.25
CA ILE C 169 44.44 -11.53 21.69
C ILE C 169 43.31 -12.48 22.06
N VAL C 170 42.26 -12.52 21.24
CA VAL C 170 41.15 -13.43 21.51
C VAL C 170 41.61 -14.88 21.38
N LYS C 171 42.37 -15.18 20.31
CA LYS C 171 42.90 -16.53 20.14
C LYS C 171 43.78 -16.94 21.32
N PHE C 172 44.61 -16.02 21.81
CA PHE C 172 45.47 -16.35 22.95
C PHE C 172 44.66 -16.55 24.22
N LEU C 173 43.65 -15.70 24.45
CA LEU C 173 42.83 -15.82 25.65
C LEU C 173 42.01 -17.11 25.63
N LEU C 174 41.67 -17.60 24.44
CA LEU C 174 40.88 -18.82 24.33
C LEU C 174 41.73 -20.08 24.19
N GLN C 175 43.02 -19.95 23.90
CA GLN C 175 43.87 -21.12 23.67
C GLN C 175 45.21 -20.97 24.37
N ASN C 176 45.21 -20.41 25.57
CA ASN C 176 46.44 -20.31 26.35
C ASN C 176 46.60 -21.56 27.23
N SER C 177 47.84 -21.86 27.59
CA SER C 177 48.17 -23.03 28.38
C SER C 177 48.11 -22.77 29.88
N TRP C 178 47.47 -21.68 30.31
CA TRP C 178 47.40 -21.32 31.72
C TRP C 178 45.98 -21.35 32.24
N GLN C 179 45.06 -20.62 31.63
CA GLN C 179 43.67 -20.59 32.08
C GLN C 179 42.80 -20.18 30.88
N THR C 180 42.06 -21.13 30.33
CA THR C 180 41.21 -20.84 29.18
C THR C 180 40.07 -19.92 29.57
N ALA C 181 39.78 -18.96 28.69
CA ALA C 181 38.69 -18.02 28.92
C ALA C 181 37.35 -18.67 28.63
N ASP C 182 36.35 -18.29 29.41
CA ASP C 182 34.99 -18.81 29.25
C ASP C 182 34.28 -18.02 28.15
N ILE C 183 34.03 -18.67 27.02
CA ILE C 183 33.39 -17.96 25.91
C ILE C 183 31.91 -17.78 26.15
N SER C 184 31.28 -18.67 26.92
CA SER C 184 29.86 -18.56 27.25
C SER C 184 29.59 -17.65 28.43
N ALA C 185 30.57 -16.82 28.81
CA ALA C 185 30.42 -15.95 29.96
C ALA C 185 29.43 -14.82 29.66
N ARG C 186 28.94 -14.21 30.74
CA ARG C 186 27.98 -13.13 30.65
C ARG C 186 28.48 -11.95 31.47
N ASP C 187 28.03 -10.75 31.11
CA ASP C 187 28.35 -9.55 31.86
C ASP C 187 27.32 -9.36 32.98
N SER C 188 27.34 -8.19 33.61
CA SER C 188 26.34 -7.89 34.64
C SER C 188 24.95 -7.73 34.05
N VAL C 189 24.83 -7.50 32.74
CA VAL C 189 23.54 -7.37 32.08
C VAL C 189 23.06 -8.69 31.47
N GLY C 190 23.92 -9.71 31.41
CA GLY C 190 23.55 -10.98 30.84
C GLY C 190 23.99 -11.18 29.40
N ASN C 191 24.58 -10.16 28.78
CA ASN C 191 25.01 -10.25 27.38
C ASN C 191 26.28 -11.07 27.25
N THR C 192 26.39 -11.78 26.14
CA THR C 192 27.57 -12.56 25.81
C THR C 192 28.49 -11.76 24.89
N VAL C 193 29.51 -12.43 24.36
CA VAL C 193 30.41 -11.77 23.41
C VAL C 193 29.66 -11.41 22.13
N LEU C 194 28.74 -12.28 21.70
CA LEU C 194 27.96 -12.00 20.50
C LEU C 194 27.04 -10.80 20.72
N HIS C 195 26.37 -10.74 21.87
CA HIS C 195 25.55 -9.57 22.18
C HIS C 195 26.39 -8.31 22.26
N ALA C 196 27.62 -8.42 22.76
CA ALA C 196 28.51 -7.26 22.82
C ALA C 196 28.88 -6.78 21.42
N LEU C 197 29.20 -7.71 20.52
CA LEU C 197 29.50 -7.32 19.14
C LEU C 197 28.28 -6.71 18.46
N VAL C 198 27.08 -7.18 18.79
CA VAL C 198 25.87 -6.57 18.23
C VAL C 198 25.71 -5.16 18.77
N GLU C 199 25.98 -4.96 20.06
CA GLU C 199 25.79 -3.65 20.67
C GLU C 199 26.85 -2.66 20.20
N VAL C 200 28.02 -3.15 19.77
CA VAL C 200 29.11 -2.25 19.38
C VAL C 200 29.02 -1.80 17.93
N ALA C 201 28.15 -2.41 17.13
CA ALA C 201 28.02 -2.02 15.73
C ALA C 201 27.23 -0.71 15.62
N ASP C 202 27.48 0.01 14.52
CA ASP C 202 26.80 1.27 14.26
C ASP C 202 26.27 1.37 12.84
N ASN C 203 26.12 0.22 12.15
CA ASN C 203 25.55 0.13 10.81
C ASN C 203 26.35 0.89 9.76
N THR C 204 27.62 1.16 10.01
CA THR C 204 28.51 1.73 9.01
C THR C 204 29.32 0.62 8.36
N ALA C 205 29.94 0.94 7.22
CA ALA C 205 30.52 -0.08 6.36
C ALA C 205 31.63 -0.85 7.07
N ASP C 206 32.72 -0.16 7.42
CA ASP C 206 33.86 -0.83 8.02
C ASP C 206 33.52 -1.43 9.38
N ASN C 207 32.70 -0.73 10.16
CA ASN C 207 32.30 -1.24 11.46
C ASN C 207 31.50 -2.54 11.33
N THR C 208 30.50 -2.54 10.45
CA THR C 208 29.72 -3.76 10.25
C THR C 208 30.59 -4.88 9.71
N LYS C 209 31.53 -4.55 8.83
CA LYS C 209 32.40 -5.58 8.25
C LYS C 209 33.27 -6.23 9.32
N PHE C 210 33.90 -5.42 10.18
CA PHE C 210 34.80 -6.01 11.17
C PHE C 210 34.02 -6.69 12.30
N VAL C 211 32.83 -6.19 12.63
CA VAL C 211 31.98 -6.89 13.57
C VAL C 211 31.55 -8.25 13.00
N THR C 212 31.27 -8.29 11.70
CA THR C 212 30.94 -9.54 11.03
C THR C 212 32.11 -10.52 11.09
N SER C 213 33.31 -10.03 10.79
CA SER C 213 34.49 -10.90 10.83
C SER C 213 34.74 -11.42 12.23
N MET C 214 34.58 -10.56 13.24
CA MET C 214 34.77 -11.00 14.63
C MET C 214 33.71 -12.02 15.04
N TYR C 215 32.45 -11.79 14.65
CA TYR C 215 31.40 -12.75 14.92
C TYR C 215 31.70 -14.10 14.30
N ASN C 216 32.15 -14.09 13.05
CA ASN C 216 32.52 -15.34 12.37
C ASN C 216 33.66 -16.04 13.08
N GLU C 217 34.69 -15.29 13.49
CA GLU C 217 35.84 -15.90 14.14
C GLU C 217 35.45 -16.47 15.50
N ILE C 218 34.59 -15.77 16.24
CA ILE C 218 34.14 -16.27 17.54
C ILE C 218 33.34 -17.55 17.36
N LEU C 219 32.44 -17.58 16.37
CA LEU C 219 31.68 -18.80 16.11
C LEU C 219 32.58 -19.95 15.69
N MET C 220 33.60 -19.66 14.88
CA MET C 220 34.54 -20.69 14.45
C MET C 220 35.30 -21.27 15.64
N LEU C 221 35.84 -20.40 16.49
CA LEU C 221 36.58 -20.87 17.65
C LEU C 221 35.68 -21.63 18.62
N GLY C 222 34.42 -21.22 18.75
CA GLY C 222 33.50 -21.94 19.62
C GLY C 222 33.14 -23.30 19.07
N ALA C 223 32.93 -23.41 17.76
CA ALA C 223 32.63 -24.70 17.16
C ALA C 223 33.83 -25.62 17.16
N LYS C 224 35.05 -25.05 17.14
CA LYS C 224 36.24 -25.90 17.17
C LYS C 224 36.57 -26.35 18.58
N LEU C 225 36.40 -25.46 19.57
CA LEU C 225 36.73 -25.82 20.95
C LEU C 225 35.63 -26.67 21.58
N HIS C 226 34.39 -26.21 21.51
CA HIS C 226 33.26 -26.91 22.12
C HIS C 226 32.12 -26.99 21.10
N PRO C 227 32.09 -28.06 20.29
CA PRO C 227 30.99 -28.22 19.32
C PRO C 227 29.63 -28.43 19.96
N THR C 228 29.57 -28.72 21.26
CA THR C 228 28.30 -28.99 21.91
C THR C 228 27.56 -27.72 22.33
N LEU C 229 28.27 -26.61 22.52
CA LEU C 229 27.64 -25.37 22.97
C LEU C 229 27.12 -24.57 21.79
N LYS C 230 25.85 -24.18 21.86
CA LYS C 230 25.21 -23.36 20.83
C LYS C 230 25.15 -21.93 21.34
N LEU C 231 26.07 -21.09 20.85
CA LEU C 231 26.19 -19.73 21.37
C LEU C 231 25.04 -18.83 20.92
N GLU C 232 24.54 -19.03 19.71
CA GLU C 232 23.48 -18.17 19.17
C GLU C 232 22.13 -18.39 19.85
N GLU C 233 21.98 -19.46 20.64
CA GLU C 233 20.76 -19.70 21.40
C GLU C 233 20.85 -19.22 22.84
N LEU C 234 21.97 -18.62 23.23
CA LEU C 234 22.13 -18.11 24.59
C LEU C 234 21.42 -16.77 24.70
N THR C 235 20.46 -16.68 25.62
CA THR C 235 19.69 -15.47 25.84
C THR C 235 20.25 -14.70 27.03
N ASN C 236 20.15 -13.38 26.98
CA ASN C 236 20.62 -12.53 28.06
C ASN C 236 19.58 -12.51 29.18
N LYS C 237 19.75 -11.60 30.14
CA LYS C 237 18.81 -11.49 31.24
C LYS C 237 17.41 -11.07 30.78
N LYS C 238 17.32 -10.40 29.63
CA LYS C 238 16.02 -10.05 29.05
C LYS C 238 15.46 -11.15 28.16
N GLY C 239 16.15 -12.27 28.04
CA GLY C 239 15.69 -13.36 27.20
C GLY C 239 15.73 -13.05 25.72
N MET C 240 16.89 -12.60 25.23
CA MET C 240 17.05 -12.17 23.85
C MET C 240 18.31 -12.78 23.26
N THR C 241 18.16 -13.41 22.10
CA THR C 241 19.30 -13.88 21.35
C THR C 241 20.00 -12.69 20.69
N PRO C 242 21.23 -12.87 20.20
CA PRO C 242 21.88 -11.77 19.47
C PRO C 242 21.08 -11.30 18.26
N LEU C 243 20.37 -12.21 17.60
CA LEU C 243 19.53 -11.81 16.47
C LEU C 243 18.41 -10.88 16.91
N ALA C 244 17.75 -11.21 18.03
CA ALA C 244 16.68 -10.34 18.54
C ALA C 244 17.25 -8.99 18.99
N LEU C 245 18.45 -8.99 19.58
CA LEU C 245 19.07 -7.73 19.98
C LEU C 245 19.38 -6.88 18.75
N ALA C 246 19.86 -7.50 17.68
CA ALA C 246 20.12 -6.75 16.44
C ALA C 246 18.81 -6.22 15.86
N ALA C 247 17.74 -7.00 15.94
CA ALA C 247 16.45 -6.55 15.42
C ALA C 247 15.89 -5.40 16.25
N GLY C 248 16.14 -5.39 17.55
CA GLY C 248 15.63 -4.34 18.41
C GLY C 248 16.42 -3.06 18.38
N THR C 249 17.75 -3.16 18.28
CA THR C 249 18.62 -2.00 18.28
C THR C 249 18.89 -1.45 16.88
N GLY C 250 18.24 -2.00 15.85
CA GLY C 250 18.41 -1.47 14.51
C GLY C 250 19.74 -1.79 13.87
N LYS C 251 20.30 -2.96 14.14
CA LYS C 251 21.55 -3.40 13.51
C LYS C 251 21.18 -4.21 12.28
N ILE C 252 21.07 -3.53 11.14
CA ILE C 252 20.57 -4.18 9.93
C ILE C 252 21.61 -5.14 9.36
N GLY C 253 22.85 -4.66 9.18
CA GLY C 253 23.88 -5.50 8.57
C GLY C 253 24.23 -6.70 9.42
N VAL C 254 24.28 -6.51 10.74
CA VAL C 254 24.60 -7.63 11.63
C VAL C 254 23.50 -8.68 11.58
N LEU C 255 22.23 -8.24 11.58
CA LEU C 255 21.12 -9.18 11.45
C LEU C 255 21.19 -9.92 10.12
N ALA C 256 21.44 -9.20 9.04
CA ALA C 256 21.56 -9.82 7.73
C ALA C 256 22.66 -10.88 7.72
N TYR C 257 23.80 -10.55 8.32
CA TYR C 257 24.91 -11.50 8.30
C TYR C 257 24.63 -12.71 9.19
N ILE C 258 23.97 -12.51 10.33
CA ILE C 258 23.63 -13.64 11.19
C ILE C 258 22.67 -14.57 10.46
N LEU C 259 21.68 -14.00 9.75
CA LEU C 259 20.74 -14.83 9.01
C LEU C 259 21.41 -15.52 7.83
N GLN C 260 22.38 -14.86 7.18
CA GLN C 260 23.12 -15.49 6.10
C GLN C 260 23.97 -16.65 6.63
N ARG C 261 24.57 -16.48 7.82
CA ARG C 261 25.32 -17.56 8.43
C ARG C 261 24.42 -18.73 8.79
N GLU C 262 23.24 -18.45 9.36
CA GLU C 262 22.30 -19.52 9.69
C GLU C 262 21.77 -20.20 8.44
N ILE C 263 21.75 -19.50 7.31
CA ILE C 263 21.31 -20.13 6.05
C ILE C 263 22.31 -21.16 5.59
N GLN C 264 23.60 -20.81 5.56
CA GLN C 264 24.66 -21.69 5.10
C GLN C 264 25.26 -22.53 6.23
N GLU C 265 24.50 -22.78 7.29
CA GLU C 265 24.98 -23.59 8.40
C GLU C 265 24.67 -25.06 8.14
N PRO C 266 25.67 -25.93 8.05
CA PRO C 266 25.41 -27.36 7.87
C PRO C 266 25.24 -28.09 9.19
N GLU C 267 24.48 -29.18 9.14
CA GLU C 267 24.22 -30.00 10.32
C GLU C 267 25.32 -31.05 10.54
N LEU D 17 26.51 37.60 -18.28
CA LEU D 17 26.91 36.53 -17.36
C LEU D 17 26.57 35.16 -17.94
N TYR D 18 25.54 35.12 -18.78
CA TYR D 18 25.10 33.87 -19.40
C TYR D 18 24.74 34.12 -20.85
N ASP D 19 25.34 33.33 -21.75
CA ASP D 19 25.03 33.38 -23.17
C ASP D 19 24.02 32.28 -23.51
N ARG D 20 23.65 32.23 -24.79
CA ARG D 20 22.64 31.25 -25.21
C ARG D 20 23.14 29.82 -25.05
N ARG D 21 24.41 29.58 -25.35
CA ARG D 21 24.94 28.21 -25.30
C ARG D 21 24.89 27.64 -23.89
N SER D 22 25.37 28.40 -22.90
CA SER D 22 25.39 27.91 -21.53
C SER D 22 23.98 27.71 -20.99
N ILE D 23 23.07 28.64 -21.29
CA ILE D 23 21.69 28.52 -20.80
C ILE D 23 21.03 27.29 -21.42
N PHE D 24 21.22 27.09 -22.73
CA PHE D 24 20.62 25.93 -23.38
C PHE D 24 21.19 24.63 -22.84
N GLU D 25 22.50 24.57 -22.61
CA GLU D 25 23.11 23.36 -22.08
C GLU D 25 22.63 23.08 -20.66
N ALA D 26 22.49 24.12 -19.84
CA ALA D 26 22.02 23.93 -18.46
C ALA D 26 20.55 23.52 -18.43
N VAL D 27 19.74 24.04 -19.35
CA VAL D 27 18.33 23.65 -19.40
C VAL D 27 18.20 22.22 -19.91
N ALA D 28 19.06 21.81 -20.83
CA ALA D 28 18.98 20.46 -21.38
C ALA D 28 19.33 19.41 -20.34
N GLN D 29 20.42 19.61 -19.60
CA GLN D 29 20.88 18.63 -18.62
C GLN D 29 20.22 18.82 -17.25
N ASN D 30 19.21 19.68 -17.16
CA ASN D 30 18.44 19.88 -15.93
C ASN D 30 19.34 20.31 -14.77
N ASN D 31 19.95 21.48 -14.92
CA ASN D 31 20.78 22.09 -13.88
C ASN D 31 20.18 23.44 -13.53
N CYS D 32 19.87 23.63 -12.25
CA CYS D 32 19.23 24.84 -11.77
C CYS D 32 20.20 25.83 -11.13
N GLN D 33 21.47 25.46 -11.00
CA GLN D 33 22.44 26.38 -10.40
C GLN D 33 22.99 27.38 -11.42
N ASP D 34 23.06 27.00 -12.69
CA ASP D 34 23.53 27.90 -13.73
C ASP D 34 22.50 28.93 -14.14
N LEU D 35 21.32 28.93 -13.53
CA LEU D 35 20.27 29.90 -13.82
C LEU D 35 19.93 30.78 -12.64
N GLU D 36 20.75 30.76 -11.58
CA GLU D 36 20.49 31.58 -10.40
C GLU D 36 20.68 33.06 -10.71
N SER D 37 21.88 33.44 -11.13
CA SER D 37 22.17 34.83 -11.48
C SER D 37 21.61 35.22 -12.84
N LEU D 38 20.88 34.32 -13.52
CA LEU D 38 20.27 34.67 -14.80
C LEU D 38 19.21 35.75 -14.61
N LEU D 39 18.45 35.68 -13.52
CA LEU D 39 17.47 36.72 -13.22
C LEU D 39 18.13 38.09 -13.13
N LEU D 40 19.16 38.20 -12.31
CA LEU D 40 19.89 39.46 -12.21
C LEU D 40 20.56 39.82 -13.53
N PHE D 41 20.93 38.82 -14.32
CA PHE D 41 21.58 39.07 -15.60
C PHE D 41 20.62 39.78 -16.56
N LEU D 42 19.43 39.22 -16.76
CA LEU D 42 18.51 39.84 -17.71
C LEU D 42 17.70 40.97 -17.10
N GLN D 43 17.82 41.21 -15.79
CA GLN D 43 17.24 42.42 -15.20
C GLN D 43 18.23 43.58 -15.19
N LYS D 44 19.53 43.31 -15.10
CA LYS D 44 20.52 44.38 -15.12
C LYS D 44 20.62 45.00 -16.51
N SER D 45 20.76 44.17 -17.55
CA SER D 45 20.85 44.64 -18.92
C SER D 45 19.51 45.02 -19.52
N LYS D 46 18.42 44.90 -18.74
CA LYS D 46 17.07 45.22 -19.21
C LYS D 46 16.68 44.41 -20.45
N LYS D 47 17.27 43.23 -20.59
CA LYS D 47 16.98 42.36 -21.73
C LYS D 47 15.78 41.47 -21.44
N HIS D 48 15.00 41.21 -22.48
CA HIS D 48 13.84 40.33 -22.37
C HIS D 48 14.24 38.92 -22.77
N LEU D 49 13.65 37.93 -22.08
CA LEU D 49 13.97 36.54 -22.35
C LEU D 49 13.46 36.06 -23.70
N THR D 50 12.61 36.85 -24.37
CA THR D 50 12.09 36.50 -25.68
C THR D 50 12.89 37.11 -26.82
N ASP D 51 14.05 37.68 -26.54
CA ASP D 51 14.90 38.23 -27.58
C ASP D 51 15.49 37.12 -28.44
N ASN D 52 15.92 37.49 -29.64
CA ASN D 52 16.48 36.51 -30.57
C ASN D 52 17.82 35.95 -30.12
N GLU D 53 18.48 36.61 -29.16
CA GLU D 53 19.76 36.11 -28.66
C GLU D 53 19.55 34.88 -27.78
N PHE D 54 18.50 34.86 -26.97
CA PHE D 54 18.20 33.76 -26.07
C PHE D 54 17.33 32.70 -26.71
N LYS D 55 17.12 32.76 -28.02
CA LYS D 55 16.33 31.77 -28.75
C LYS D 55 17.16 31.17 -29.87
N ASP D 56 16.67 30.06 -30.41
CA ASP D 56 17.36 29.38 -31.49
C ASP D 56 17.27 30.24 -32.76
N PRO D 57 18.38 30.67 -33.34
CA PRO D 57 18.33 31.57 -34.50
C PRO D 57 17.82 30.91 -35.78
N GLU D 58 17.41 29.65 -35.75
CA GLU D 58 16.90 28.98 -36.95
C GLU D 58 15.52 28.37 -36.79
N THR D 59 15.06 28.09 -35.57
CA THR D 59 13.74 27.54 -35.34
C THR D 59 12.93 28.25 -34.26
N GLY D 60 13.53 29.20 -33.53
CA GLY D 60 12.81 29.89 -32.49
C GLY D 60 12.62 29.11 -31.21
N LYS D 61 13.43 28.09 -30.97
CA LYS D 61 13.31 27.27 -29.78
C LYS D 61 13.70 28.07 -28.55
N THR D 62 12.78 28.19 -27.60
CA THR D 62 13.03 28.90 -26.35
C THR D 62 13.58 27.94 -25.30
N CYS D 63 13.91 28.48 -24.12
CA CYS D 63 14.37 27.64 -23.03
C CYS D 63 13.26 26.74 -22.51
N LEU D 64 12.01 27.22 -22.52
CA LEU D 64 10.89 26.37 -22.13
C LEU D 64 10.74 25.18 -23.07
N LEU D 65 10.88 25.42 -24.37
CA LEU D 65 10.79 24.33 -25.33
C LEU D 65 11.96 23.36 -25.18
N LYS D 66 13.17 23.89 -24.92
CA LYS D 66 14.32 23.02 -24.72
C LYS D 66 14.17 22.18 -23.46
N ALA D 67 13.48 22.70 -22.44
CA ALA D 67 13.22 21.91 -21.25
C ALA D 67 12.13 20.88 -21.50
N MET D 68 11.12 21.23 -22.29
CA MET D 68 10.04 20.27 -22.60
C MET D 68 10.53 19.15 -23.48
N LEU D 69 11.51 19.41 -24.35
CA LEU D 69 12.05 18.35 -25.21
C LEU D 69 12.94 17.40 -24.41
N ASN D 70 13.82 17.94 -23.58
CA ASN D 70 14.75 17.13 -22.79
C ASN D 70 14.19 16.96 -21.38
N LEU D 71 13.19 16.09 -21.29
CA LEU D 71 12.57 15.75 -20.02
C LEU D 71 13.12 14.42 -19.49
N HIS D 72 13.10 14.28 -18.17
CA HIS D 72 13.49 13.04 -17.52
C HIS D 72 12.37 12.61 -16.57
N ASP D 73 11.91 11.37 -16.73
CA ASP D 73 10.85 10.79 -15.90
C ASP D 73 9.62 11.70 -15.86
N GLY D 74 9.41 12.49 -16.91
CA GLY D 74 8.25 13.35 -16.99
C GLY D 74 8.25 14.54 -16.05
N GLN D 75 9.39 14.87 -15.46
CA GLN D 75 9.47 16.00 -14.53
C GLN D 75 10.75 16.77 -14.80
N ASN D 76 10.71 18.08 -14.50
CA ASN D 76 11.86 18.95 -14.69
C ASN D 76 11.64 20.22 -13.90
N THR D 77 12.59 20.54 -13.00
CA THR D 77 12.49 21.77 -12.21
C THR D 77 12.84 23.00 -13.03
N THR D 78 13.49 22.82 -14.18
CA THR D 78 13.75 23.94 -15.07
C THR D 78 12.45 24.62 -15.49
N ILE D 79 11.37 23.86 -15.61
CA ILE D 79 10.09 24.41 -16.06
C ILE D 79 9.54 25.39 -15.01
N PRO D 80 9.38 25.02 -13.74
CA PRO D 80 8.92 26.03 -12.76
C PRO D 80 9.94 27.13 -12.52
N LEU D 81 11.24 26.83 -12.59
CA LEU D 81 12.24 27.87 -12.45
C LEU D 81 12.05 28.94 -13.53
N LEU D 82 11.92 28.51 -14.79
CA LEU D 82 11.71 29.44 -15.89
C LEU D 82 10.36 30.13 -15.79
N LEU D 83 9.35 29.44 -15.27
CA LEU D 83 8.04 30.07 -15.07
C LEU D 83 8.16 31.23 -14.08
N GLU D 84 8.87 31.02 -12.98
CA GLU D 84 9.06 32.11 -12.01
C GLU D 84 9.91 33.22 -12.58
N ILE D 85 10.95 32.87 -13.36
CA ILE D 85 11.79 33.89 -13.99
C ILE D 85 10.95 34.76 -14.94
N ALA D 86 10.09 34.13 -15.74
CA ALA D 86 9.26 34.88 -16.66
C ALA D 86 8.18 35.69 -15.94
N ARG D 87 7.65 35.16 -14.83
CA ARG D 87 6.71 35.92 -14.03
C ARG D 87 7.36 37.15 -13.41
N GLN D 88 8.65 37.05 -13.09
CA GLN D 88 9.37 38.21 -12.56
C GLN D 88 9.80 39.18 -13.66
N THR D 89 9.99 38.70 -14.88
CA THR D 89 10.41 39.54 -16.00
C THR D 89 9.28 39.89 -16.95
N ASP D 90 8.03 39.55 -16.59
CA ASP D 90 6.85 39.88 -17.39
C ASP D 90 6.91 39.29 -18.80
N SER D 91 7.58 38.15 -18.95
CA SER D 91 7.64 37.42 -20.21
C SER D 91 6.92 36.08 -20.11
N LEU D 92 5.93 35.99 -19.22
CA LEU D 92 5.26 34.72 -18.97
C LEU D 92 4.39 34.31 -20.15
N LYS D 93 3.55 35.23 -20.65
CA LYS D 93 2.64 34.89 -21.73
C LYS D 93 3.38 34.68 -23.04
N GLU D 94 4.48 35.40 -23.27
CA GLU D 94 5.23 35.24 -24.51
C GLU D 94 6.06 33.97 -24.54
N LEU D 95 6.28 33.33 -23.39
CA LEU D 95 7.05 32.09 -23.33
C LEU D 95 6.22 30.85 -23.11
N VAL D 96 5.11 30.94 -22.38
CA VAL D 96 4.27 29.77 -22.16
C VAL D 96 3.54 29.36 -23.43
N ASN D 97 3.33 30.30 -24.36
CA ASN D 97 2.68 30.03 -25.64
C ASN D 97 3.62 30.24 -26.82
N ALA D 98 4.93 30.19 -26.58
CA ALA D 98 5.89 30.37 -27.66
C ALA D 98 5.83 29.21 -28.63
N SER D 99 5.64 29.52 -29.92
CA SER D 99 5.52 28.52 -30.96
C SER D 99 6.74 28.54 -31.86
N TYR D 100 6.94 27.43 -32.57
CA TYR D 100 8.06 27.32 -33.51
C TYR D 100 7.83 28.24 -34.71
N THR D 101 8.93 28.53 -35.41
CA THR D 101 8.90 29.36 -36.60
C THR D 101 9.27 28.61 -37.88
N ASP D 102 9.76 27.39 -37.79
CA ASP D 102 10.11 26.62 -38.97
C ASP D 102 8.86 26.10 -39.66
N SER D 103 9.03 25.69 -40.92
CA SER D 103 7.92 25.23 -41.75
C SER D 103 7.44 23.84 -41.37
N TYR D 104 8.14 23.12 -40.49
CA TYR D 104 7.76 21.77 -40.12
C TYR D 104 6.88 21.75 -38.87
N TYR D 105 7.31 22.44 -37.81
CA TYR D 105 6.58 22.49 -36.56
C TYR D 105 5.88 23.84 -36.35
N LYS D 106 5.41 24.46 -37.43
CA LYS D 106 4.79 25.77 -37.32
C LYS D 106 3.52 25.69 -36.48
N GLY D 107 3.46 26.52 -35.44
CA GLY D 107 2.30 26.58 -34.58
C GLY D 107 2.32 25.63 -33.40
N GLN D 108 3.41 24.90 -33.19
CA GLN D 108 3.49 23.96 -32.07
C GLN D 108 3.92 24.70 -30.82
N THR D 109 3.08 24.69 -29.80
CA THR D 109 3.37 25.33 -28.53
C THR D 109 3.85 24.30 -27.51
N ALA D 110 4.08 24.77 -26.28
CA ALA D 110 4.54 23.86 -25.23
C ALA D 110 3.42 22.97 -24.73
N LEU D 111 2.17 23.45 -24.80
CA LEU D 111 1.04 22.64 -24.35
C LEU D 111 0.85 21.41 -25.23
N HIS D 112 1.07 21.56 -26.55
CA HIS D 112 0.99 20.40 -27.44
C HIS D 112 2.03 19.36 -27.08
N ILE D 113 3.24 19.80 -26.75
CA ILE D 113 4.29 18.86 -26.37
C ILE D 113 3.98 18.21 -25.03
N ALA D 114 3.40 18.98 -24.10
CA ALA D 114 3.04 18.42 -22.80
C ALA D 114 1.95 17.37 -22.93
N ILE D 115 0.98 17.60 -23.81
CA ILE D 115 -0.08 16.61 -24.01
C ILE D 115 0.45 15.40 -24.76
N GLU D 116 1.36 15.63 -25.72
CA GLU D 116 1.94 14.53 -26.48
C GLU D 116 2.76 13.60 -25.59
N ARG D 117 3.45 14.15 -24.59
CA ARG D 117 4.30 13.36 -23.70
C ARG D 117 3.51 12.69 -22.58
N ARG D 118 2.18 12.79 -22.59
CA ARG D 118 1.32 12.07 -21.65
C ARG D 118 1.66 12.42 -20.20
N ASN D 119 1.69 13.72 -19.89
CA ASN D 119 2.07 14.22 -18.58
C ASN D 119 0.93 15.05 -18.02
N MET D 120 0.22 14.51 -17.02
CA MET D 120 -0.86 15.25 -16.39
C MET D 120 -0.34 16.44 -15.59
N ALA D 121 0.80 16.27 -14.92
CA ALA D 121 1.33 17.34 -14.08
C ALA D 121 1.77 18.54 -14.90
N LEU D 122 2.45 18.30 -16.02
CA LEU D 122 2.90 19.41 -16.85
C LEU D 122 1.72 20.11 -17.52
N VAL D 123 0.71 19.35 -17.95
CA VAL D 123 -0.49 19.96 -18.51
C VAL D 123 -1.18 20.82 -17.47
N THR D 124 -1.30 20.31 -16.24
CA THR D 124 -1.95 21.07 -15.18
C THR D 124 -1.17 22.34 -14.86
N LEU D 125 0.16 22.25 -14.79
CA LEU D 125 0.97 23.42 -14.50
C LEU D 125 0.89 24.44 -15.63
N LEU D 126 0.84 23.98 -16.88
CA LEU D 126 0.77 24.91 -18.00
C LEU D 126 -0.58 25.61 -18.08
N VAL D 127 -1.67 24.86 -17.88
CA VAL D 127 -2.99 25.49 -17.85
C VAL D 127 -3.11 26.45 -16.66
N GLU D 128 -2.47 26.11 -15.54
CA GLU D 128 -2.49 26.99 -14.38
C GLU D 128 -1.76 28.30 -14.67
N ASN D 129 -0.72 28.26 -15.49
CA ASN D 129 0.04 29.45 -15.85
C ASN D 129 -0.51 30.12 -17.10
N GLY D 130 -1.74 29.82 -17.49
CA GLY D 130 -2.37 30.51 -18.60
C GLY D 130 -1.87 30.11 -19.98
N ALA D 131 -1.61 28.83 -20.20
CA ALA D 131 -1.23 28.37 -21.53
C ALA D 131 -2.44 28.38 -22.45
N ASP D 132 -2.21 28.73 -23.72
CA ASP D 132 -3.28 28.81 -24.70
C ASP D 132 -3.83 27.41 -24.96
N VAL D 133 -5.07 27.17 -24.53
CA VAL D 133 -5.69 25.86 -24.74
C VAL D 133 -6.17 25.71 -26.18
N GLN D 134 -6.53 26.81 -26.84
CA GLN D 134 -7.01 26.77 -28.22
C GLN D 134 -5.90 27.08 -29.22
N ALA D 135 -4.64 26.85 -28.85
CA ALA D 135 -3.53 27.09 -29.75
C ALA D 135 -3.58 26.11 -30.91
N ALA D 136 -3.45 26.63 -32.12
CA ALA D 136 -3.57 25.84 -33.35
C ALA D 136 -2.18 25.54 -33.90
N ALA D 137 -1.86 24.26 -34.05
CA ALA D 137 -0.62 23.82 -34.68
C ALA D 137 -0.89 23.61 -36.16
N HIS D 138 -0.53 24.60 -36.98
CA HIS D 138 -0.81 24.59 -38.41
C HIS D 138 0.46 24.39 -39.23
N GLY D 139 1.34 23.51 -38.76
CA GLY D 139 2.55 23.20 -39.51
C GLY D 139 2.30 22.27 -40.67
N ASP D 140 3.30 22.18 -41.55
CA ASP D 140 3.19 21.33 -42.73
C ASP D 140 3.14 19.86 -42.37
N PHE D 141 3.54 19.48 -41.15
CA PHE D 141 3.50 18.08 -40.77
C PHE D 141 2.10 17.64 -40.35
N PHE D 142 1.27 18.55 -39.89
CA PHE D 142 -0.07 18.22 -39.42
C PHE D 142 -1.11 18.52 -40.50
N LYS D 143 -1.00 17.80 -41.61
CA LYS D 143 -1.93 17.96 -42.72
C LYS D 143 -2.20 16.58 -43.34
N LYS D 144 -2.93 16.57 -44.45
CA LYS D 144 -3.18 15.34 -45.19
C LYS D 144 -1.88 14.83 -45.78
N THR D 145 -1.54 13.58 -45.48
CA THR D 145 -0.25 13.03 -45.87
C THR D 145 -0.32 12.46 -47.28
N LYS D 146 0.87 12.25 -47.86
CA LYS D 146 1.02 11.65 -49.18
C LYS D 146 1.72 10.30 -49.13
N GLY D 147 2.87 10.22 -48.47
CA GLY D 147 3.59 8.97 -48.34
C GLY D 147 4.03 8.67 -46.92
N ARG D 148 3.52 9.45 -45.98
CA ARG D 148 3.82 9.30 -44.55
C ARG D 148 2.54 8.85 -43.86
N PRO D 149 2.24 7.56 -43.83
CA PRO D 149 0.89 7.12 -43.42
C PRO D 149 0.58 7.33 -41.95
N GLY D 150 -0.15 8.40 -41.65
CA GLY D 150 -0.82 8.55 -40.38
C GLY D 150 -0.18 9.50 -39.40
N PHE D 151 -0.74 10.72 -39.33
CA PHE D 151 -0.43 11.65 -38.26
C PHE D 151 -1.40 12.81 -38.38
N TYR D 152 -2.29 12.95 -37.41
CA TYR D 152 -3.31 13.99 -37.42
C TYR D 152 -3.97 13.98 -36.05
N PHE D 153 -4.16 15.17 -35.50
CA PHE D 153 -4.78 15.32 -34.18
C PHE D 153 -5.75 16.50 -34.15
N GLY D 154 -6.34 16.83 -35.29
CA GLY D 154 -7.30 17.92 -35.33
C GLY D 154 -6.72 19.29 -35.09
N GLU D 155 -5.39 19.44 -35.06
CA GLU D 155 -4.67 20.70 -34.90
C GLU D 155 -4.92 21.38 -33.57
N LEU D 156 -5.70 20.76 -32.67
CA LEU D 156 -6.08 21.36 -31.41
C LEU D 156 -5.64 20.49 -30.24
N PRO D 157 -5.24 21.08 -29.12
CA PRO D 157 -4.93 20.27 -27.93
C PRO D 157 -6.10 19.43 -27.46
N LEU D 158 -7.33 19.92 -27.60
CA LEU D 158 -8.50 19.11 -27.25
C LEU D 158 -8.58 17.88 -28.14
N SER D 159 -8.55 18.08 -29.46
CA SER D 159 -8.58 16.94 -30.38
C SER D 159 -7.31 16.10 -30.28
N LEU D 160 -6.19 16.71 -29.90
CA LEU D 160 -4.97 15.94 -29.69
C LEU D 160 -5.13 14.96 -28.52
N ALA D 161 -5.65 15.46 -27.39
CA ALA D 161 -5.88 14.58 -26.25
C ALA D 161 -6.99 13.58 -26.54
N ALA D 162 -7.93 13.93 -27.42
CA ALA D 162 -9.00 12.99 -27.77
C ALA D 162 -8.48 11.85 -28.63
N CYS D 163 -7.59 12.16 -29.59
CA CYS D 163 -7.06 11.12 -30.47
C CYS D 163 -6.09 10.20 -29.74
N THR D 164 -5.33 10.74 -28.77
CA THR D 164 -4.38 9.94 -28.03
C THR D 164 -5.04 9.08 -26.94
N ASN D 165 -6.36 9.16 -26.80
CA ASN D 165 -7.12 8.36 -25.84
C ASN D 165 -6.64 8.61 -24.41
N GLN D 166 -6.80 9.86 -23.97
CA GLN D 166 -6.44 10.29 -22.63
C GLN D 166 -7.64 11.02 -22.02
N LEU D 167 -8.49 10.25 -21.33
CA LEU D 167 -9.72 10.82 -20.80
C LEU D 167 -9.44 11.86 -19.73
N GLY D 168 -8.39 11.65 -18.94
CA GLY D 168 -8.07 12.61 -17.87
C GLY D 168 -7.68 13.97 -18.40
N ILE D 169 -6.86 14.00 -19.45
CA ILE D 169 -6.45 15.29 -20.02
C ILE D 169 -7.65 16.01 -20.60
N VAL D 170 -8.56 15.28 -21.24
CA VAL D 170 -9.76 15.90 -21.80
C VAL D 170 -10.63 16.48 -20.68
N LYS D 171 -10.88 15.69 -19.64
CA LYS D 171 -11.69 16.16 -18.53
C LYS D 171 -11.07 17.36 -17.83
N PHE D 172 -9.73 17.42 -17.77
CA PHE D 172 -9.08 18.57 -17.16
C PHE D 172 -9.17 19.79 -18.06
N LEU D 173 -8.98 19.62 -19.37
CA LEU D 173 -9.05 20.76 -20.29
C LEU D 173 -10.46 21.29 -20.42
N LEU D 174 -11.47 20.46 -20.16
CA LEU D 174 -12.86 20.91 -20.26
C LEU D 174 -13.42 21.45 -18.95
N GLN D 175 -12.77 21.16 -17.81
CA GLN D 175 -13.29 21.57 -16.51
C GLN D 175 -12.21 22.22 -15.64
N ASN D 176 -11.28 22.93 -16.25
CA ASN D 176 -10.27 23.64 -15.48
C ASN D 176 -10.76 25.03 -15.10
N SER D 177 -10.17 25.58 -14.04
CA SER D 177 -10.61 26.86 -13.48
C SER D 177 -9.84 28.05 -14.06
N TRP D 178 -9.07 27.85 -15.13
CA TRP D 178 -8.25 28.90 -15.70
C TRP D 178 -8.65 29.25 -17.13
N GLN D 179 -8.75 28.25 -18.02
CA GLN D 179 -9.13 28.49 -19.40
C GLN D 179 -9.76 27.21 -19.94
N THR D 180 -11.09 27.20 -20.06
CA THR D 180 -11.78 26.03 -20.54
C THR D 180 -11.54 25.82 -22.04
N ALA D 181 -11.56 24.56 -22.45
CA ALA D 181 -11.33 24.19 -23.83
C ALA D 181 -12.61 24.29 -24.65
N ASP D 182 -12.50 24.88 -25.84
CA ASP D 182 -13.65 25.03 -26.74
C ASP D 182 -13.95 23.70 -27.40
N ILE D 183 -15.05 23.07 -27.01
CA ILE D 183 -15.41 21.76 -27.56
C ILE D 183 -15.92 21.88 -28.99
N SER D 184 -16.44 23.04 -29.38
CA SER D 184 -16.96 23.26 -30.72
C SER D 184 -15.93 23.91 -31.64
N ALA D 185 -14.65 23.87 -31.29
CA ALA D 185 -13.62 24.47 -32.12
C ALA D 185 -13.38 23.63 -33.37
N ARG D 186 -12.83 24.28 -34.40
CA ARG D 186 -12.58 23.66 -35.68
C ARG D 186 -11.16 23.95 -36.12
N ASP D 187 -10.58 23.02 -36.89
CA ASP D 187 -9.21 23.15 -37.37
C ASP D 187 -9.19 23.93 -38.67
N SER D 188 -8.05 23.92 -39.36
CA SER D 188 -7.92 24.62 -40.63
C SER D 188 -8.78 24.00 -41.73
N VAL D 189 -9.13 22.73 -41.60
CA VAL D 189 -10.01 22.07 -42.57
C VAL D 189 -11.47 22.07 -42.13
N GLY D 190 -11.76 22.48 -40.89
CA GLY D 190 -13.11 22.51 -40.37
C GLY D 190 -13.48 21.34 -39.49
N ASN D 191 -12.59 20.35 -39.35
CA ASN D 191 -12.89 19.18 -38.56
C ASN D 191 -12.93 19.51 -37.07
N THR D 192 -13.94 18.98 -36.39
CA THR D 192 -14.10 19.16 -34.95
C THR D 192 -13.42 18.01 -34.22
N VAL D 193 -13.68 17.89 -32.91
CA VAL D 193 -13.12 16.79 -32.14
C VAL D 193 -13.72 15.46 -32.61
N LEU D 194 -15.02 15.43 -32.88
CA LEU D 194 -15.64 14.21 -33.37
C LEU D 194 -15.12 13.83 -34.76
N HIS D 195 -14.91 14.83 -35.62
CA HIS D 195 -14.32 14.57 -36.92
C HIS D 195 -12.91 14.01 -36.79
N ALA D 196 -12.15 14.51 -35.81
CA ALA D 196 -10.80 13.98 -35.58
C ALA D 196 -10.86 12.54 -35.10
N LEU D 197 -11.77 12.23 -34.17
CA LEU D 197 -11.91 10.85 -33.71
C LEU D 197 -12.35 9.92 -34.83
N VAL D 198 -13.16 10.42 -35.77
CA VAL D 198 -13.54 9.61 -36.92
C VAL D 198 -12.34 9.39 -37.84
N GLU D 199 -11.57 10.45 -38.09
CA GLU D 199 -10.43 10.34 -38.99
C GLU D 199 -9.32 9.47 -38.42
N VAL D 200 -9.24 9.35 -37.09
CA VAL D 200 -8.15 8.61 -36.47
C VAL D 200 -8.38 7.11 -36.47
N ALA D 201 -9.60 6.65 -36.77
CA ALA D 201 -9.88 5.23 -36.74
C ALA D 201 -9.29 4.52 -37.96
N ASP D 202 -9.04 3.21 -37.80
CA ASP D 202 -8.55 2.42 -38.92
C ASP D 202 -9.28 1.08 -39.05
N ASN D 203 -10.42 0.91 -38.39
CA ASN D 203 -11.29 -0.26 -38.56
C ASN D 203 -10.64 -1.55 -38.05
N THR D 204 -10.06 -1.48 -36.86
CA THR D 204 -9.62 -2.66 -36.13
C THR D 204 -10.37 -2.73 -34.80
N ALA D 205 -10.27 -3.89 -34.15
CA ALA D 205 -11.08 -4.16 -32.96
C ALA D 205 -10.79 -3.16 -31.86
N ASP D 206 -9.54 -3.12 -31.38
CA ASP D 206 -9.20 -2.24 -30.27
C ASP D 206 -9.36 -0.78 -30.66
N ASN D 207 -9.01 -0.44 -31.91
CA ASN D 207 -9.17 0.93 -32.37
C ASN D 207 -10.64 1.34 -32.37
N THR D 208 -11.50 0.50 -32.92
CA THR D 208 -12.93 0.81 -32.92
C THR D 208 -13.45 0.94 -31.49
N LYS D 209 -13.02 0.06 -30.59
CA LYS D 209 -13.48 0.12 -29.21
C LYS D 209 -13.08 1.43 -28.54
N PHE D 210 -11.81 1.83 -28.68
CA PHE D 210 -11.37 3.03 -27.98
C PHE D 210 -11.92 4.29 -28.62
N VAL D 211 -12.08 4.31 -29.95
CA VAL D 211 -12.71 5.45 -30.59
C VAL D 211 -14.18 5.55 -30.18
N THR D 212 -14.84 4.40 -30.04
CA THR D 212 -16.21 4.38 -29.50
C THR D 212 -16.27 5.00 -28.12
N SER D 213 -15.38 4.56 -27.22
CA SER D 213 -15.39 5.08 -25.85
C SER D 213 -15.10 6.58 -25.83
N MET D 214 -14.12 7.03 -26.62
CA MET D 214 -13.80 8.45 -26.68
C MET D 214 -14.98 9.27 -27.21
N TYR D 215 -15.63 8.78 -28.28
CA TYR D 215 -16.78 9.48 -28.82
C TYR D 215 -17.90 9.59 -27.81
N ASN D 216 -18.20 8.49 -27.11
CA ASN D 216 -19.24 8.51 -26.10
C ASN D 216 -18.91 9.48 -24.97
N GLU D 217 -17.65 9.47 -24.51
CA GLU D 217 -17.27 10.37 -23.43
C GLU D 217 -17.33 11.83 -23.87
N ILE D 218 -16.92 12.11 -25.11
CA ILE D 218 -16.97 13.48 -25.62
C ILE D 218 -18.42 13.95 -25.70
N LEU D 219 -19.31 13.10 -26.22
CA LEU D 219 -20.72 13.49 -26.31
C LEU D 219 -21.33 13.68 -24.94
N MET D 220 -20.99 12.81 -23.98
CA MET D 220 -21.53 12.95 -22.63
C MET D 220 -21.05 14.23 -21.97
N LEU D 221 -19.76 14.53 -22.05
CA LEU D 221 -19.23 15.75 -21.46
C LEU D 221 -19.80 16.99 -22.15
N GLY D 222 -20.04 16.92 -23.46
CA GLY D 222 -20.65 18.06 -24.14
C GLY D 222 -22.09 18.26 -23.74
N ALA D 223 -22.85 17.17 -23.60
CA ALA D 223 -24.24 17.29 -23.16
C ALA D 223 -24.32 17.77 -21.71
N LYS D 224 -23.31 17.46 -20.89
CA LYS D 224 -23.32 17.93 -19.51
C LYS D 224 -22.94 19.42 -19.43
N LEU D 225 -21.89 19.82 -20.14
CA LEU D 225 -21.41 21.19 -20.04
C LEU D 225 -22.33 22.15 -20.79
N HIS D 226 -22.46 21.96 -22.11
CA HIS D 226 -23.27 22.82 -22.97
C HIS D 226 -24.32 21.98 -23.68
N PRO D 227 -25.52 21.83 -23.09
CA PRO D 227 -26.57 21.03 -23.74
C PRO D 227 -27.09 21.64 -25.03
N THR D 228 -26.79 22.90 -25.32
CA THR D 228 -27.27 23.53 -26.54
C THR D 228 -26.41 23.18 -27.75
N LEU D 229 -25.14 22.85 -27.53
CA LEU D 229 -24.21 22.56 -28.62
C LEU D 229 -24.38 21.10 -29.05
N LYS D 230 -24.92 20.90 -30.25
CA LYS D 230 -25.07 19.57 -30.84
C LYS D 230 -23.95 19.38 -31.84
N LEU D 231 -22.82 18.82 -31.36
CA LEU D 231 -21.65 18.65 -32.21
C LEU D 231 -21.85 17.58 -33.28
N GLU D 232 -22.85 16.70 -33.11
CA GLU D 232 -23.07 15.64 -34.08
C GLU D 232 -23.57 16.19 -35.43
N GLU D 233 -24.05 17.42 -35.47
CA GLU D 233 -24.55 18.02 -36.70
C GLU D 233 -23.59 19.04 -37.30
N LEU D 234 -22.46 19.29 -36.66
CA LEU D 234 -21.48 20.23 -37.23
C LEU D 234 -20.82 19.65 -38.46
N THR D 235 -20.51 20.52 -39.42
CA THR D 235 -19.86 20.14 -40.66
C THR D 235 -18.55 20.90 -40.79
N ASN D 236 -17.59 20.28 -41.46
CA ASN D 236 -16.29 20.91 -41.70
C ASN D 236 -16.42 21.93 -42.84
N LYS D 237 -15.30 22.48 -43.28
CA LYS D 237 -15.31 23.40 -44.40
C LYS D 237 -15.69 22.71 -45.71
N LYS D 238 -15.55 21.38 -45.78
CA LYS D 238 -15.95 20.62 -46.95
C LYS D 238 -17.43 20.23 -46.92
N GLY D 239 -18.12 20.46 -45.81
CA GLY D 239 -19.51 20.09 -45.69
C GLY D 239 -19.70 18.62 -45.38
N MET D 240 -19.07 18.15 -44.31
CA MET D 240 -19.10 16.74 -43.93
C MET D 240 -19.45 16.63 -42.45
N THR D 241 -20.56 15.96 -42.15
CA THR D 241 -20.89 15.61 -40.78
C THR D 241 -20.02 14.44 -40.33
N PRO D 242 -19.92 14.19 -39.02
CA PRO D 242 -19.17 13.01 -38.57
C PRO D 242 -19.67 11.71 -39.16
N LEU D 243 -21.00 11.55 -39.24
CA LEU D 243 -21.56 10.36 -39.87
C LEU D 243 -21.20 10.30 -41.35
N ALA D 244 -21.32 11.43 -42.06
CA ALA D 244 -20.98 11.46 -43.47
C ALA D 244 -19.49 11.25 -43.69
N LEU D 245 -18.65 11.79 -42.80
CA LEU D 245 -17.22 11.57 -42.90
C LEU D 245 -16.86 10.11 -42.69
N ALA D 246 -17.50 9.46 -41.70
CA ALA D 246 -17.26 8.04 -41.48
C ALA D 246 -17.76 7.21 -42.66
N ALA D 247 -18.86 7.62 -43.29
CA ALA D 247 -19.36 6.89 -44.46
C ALA D 247 -18.40 7.03 -45.64
N GLY D 248 -17.91 8.24 -45.88
CA GLY D 248 -17.02 8.49 -47.02
C GLY D 248 -15.61 7.99 -46.83
N THR D 249 -15.17 7.78 -45.59
CA THR D 249 -13.83 7.29 -45.32
C THR D 249 -13.79 5.81 -44.95
N GLY D 250 -14.94 5.16 -44.87
CA GLY D 250 -14.97 3.73 -44.63
C GLY D 250 -14.85 3.29 -43.19
N LYS D 251 -15.11 4.19 -42.24
CA LYS D 251 -15.05 3.84 -40.82
C LYS D 251 -16.34 3.09 -40.48
N ILE D 252 -16.28 1.76 -40.52
CA ILE D 252 -17.48 0.95 -40.39
C ILE D 252 -17.95 0.89 -38.94
N GLY D 253 -17.07 0.48 -38.03
CA GLY D 253 -17.46 0.37 -36.64
C GLY D 253 -17.83 1.70 -36.01
N VAL D 254 -17.10 2.76 -36.37
CA VAL D 254 -17.40 4.09 -35.85
C VAL D 254 -18.80 4.52 -36.27
N LEU D 255 -19.10 4.35 -37.57
CA LEU D 255 -20.42 4.72 -38.08
C LEU D 255 -21.52 3.88 -37.44
N ALA D 256 -21.28 2.57 -37.29
CA ALA D 256 -22.26 1.71 -36.65
C ALA D 256 -22.55 2.15 -35.22
N TYR D 257 -21.51 2.49 -34.47
CA TYR D 257 -21.73 2.92 -33.08
C TYR D 257 -22.41 4.28 -33.03
N ILE D 258 -22.06 5.19 -33.95
CA ILE D 258 -22.72 6.49 -33.97
C ILE D 258 -24.21 6.32 -34.21
N LEU D 259 -24.57 5.46 -35.18
CA LEU D 259 -25.99 5.22 -35.45
C LEU D 259 -26.67 4.53 -34.28
N GLN D 260 -25.97 3.60 -33.62
CA GLN D 260 -26.53 2.94 -32.44
C GLN D 260 -26.81 3.95 -31.33
N ARG D 261 -25.87 4.86 -31.08
CA ARG D 261 -26.08 5.88 -30.05
C ARG D 261 -27.20 6.82 -30.43
N GLU D 262 -27.33 7.13 -31.73
CA GLU D 262 -28.44 7.96 -32.19
C GLU D 262 -29.77 7.24 -32.07
N ILE D 263 -29.78 5.91 -32.07
CA ILE D 263 -31.03 5.19 -31.83
C ILE D 263 -31.49 5.39 -30.39
N GLN D 264 -30.55 5.46 -29.44
CA GLN D 264 -30.88 5.65 -28.03
C GLN D 264 -30.85 7.12 -27.61
N GLU D 265 -31.12 8.04 -28.52
CA GLU D 265 -31.21 9.46 -28.17
C GLU D 265 -32.54 9.78 -27.48
N PRO D 266 -33.70 9.43 -28.07
CA PRO D 266 -34.95 9.71 -27.35
C PRO D 266 -35.19 8.80 -26.16
N GLU D 267 -34.74 7.56 -26.22
CA GLU D 267 -34.87 6.63 -25.10
C GLU D 267 -33.50 6.14 -24.64
N THR E 14 22.58 16.65 -60.82
CA THR E 14 23.84 16.46 -61.53
C THR E 14 24.94 15.99 -60.58
N LEU E 15 25.09 16.70 -59.46
CA LEU E 15 26.07 16.37 -58.44
C LEU E 15 25.42 15.87 -57.15
N ARG E 16 24.47 16.64 -56.60
CA ARG E 16 23.71 16.26 -55.41
C ARG E 16 24.63 16.01 -54.22
N LEU E 17 25.27 17.09 -53.79
CA LEU E 17 26.14 17.06 -52.62
C LEU E 17 25.33 17.24 -51.34
N TYR E 18 25.75 16.55 -50.29
CA TYR E 18 25.10 16.62 -48.98
C TYR E 18 26.11 16.99 -47.92
N ASP E 19 25.70 17.83 -46.98
CA ASP E 19 26.50 18.17 -45.81
C ASP E 19 25.80 17.65 -44.56
N ARG E 20 26.49 17.80 -43.41
CA ARG E 20 25.97 17.26 -42.17
C ARG E 20 24.67 17.94 -41.74
N ARG E 21 24.59 19.26 -41.95
CA ARG E 21 23.41 20.01 -41.51
C ARG E 21 22.16 19.55 -42.24
N SER E 22 22.23 19.47 -43.57
CA SER E 22 21.05 19.07 -44.35
C SER E 22 20.66 17.64 -44.05
N ILE E 23 21.64 16.75 -43.89
CA ILE E 23 21.33 15.35 -43.59
C ILE E 23 20.66 15.23 -42.23
N PHE E 24 21.18 15.95 -41.23
CA PHE E 24 20.56 15.92 -39.90
C PHE E 24 19.15 16.49 -39.94
N GLU E 25 18.93 17.57 -40.69
CA GLU E 25 17.61 18.15 -40.79
C GLU E 25 16.64 17.19 -41.46
N ALA E 26 17.09 16.49 -42.50
CA ALA E 26 16.23 15.52 -43.18
C ALA E 26 15.95 14.31 -42.30
N VAL E 27 16.91 13.91 -41.48
CA VAL E 27 16.68 12.79 -40.57
C VAL E 27 15.69 13.19 -39.48
N ALA E 28 15.77 14.44 -39.01
CA ALA E 28 14.88 14.88 -37.94
C ALA E 28 13.42 14.87 -38.39
N GLN E 29 13.14 15.42 -39.57
CA GLN E 29 11.77 15.46 -40.07
C GLN E 29 11.32 14.15 -40.70
N ASN E 30 12.16 13.11 -40.63
CA ASN E 30 11.83 11.77 -41.13
C ASN E 30 11.49 11.79 -42.62
N ASN E 31 12.46 12.25 -43.41
CA ASN E 31 12.36 12.29 -44.86
C ASN E 31 13.43 11.41 -45.47
N CYS E 32 13.04 10.54 -46.40
CA CYS E 32 13.96 9.61 -47.04
C CYS E 32 14.30 9.98 -48.48
N GLN E 33 13.61 10.95 -49.07
CA GLN E 33 13.96 11.37 -50.43
C GLN E 33 15.26 12.16 -50.46
N ASP E 34 15.59 12.86 -49.37
CA ASP E 34 16.82 13.63 -49.29
C ASP E 34 18.03 12.76 -48.96
N LEU E 35 17.87 11.44 -48.91
CA LEU E 35 18.97 10.54 -48.61
C LEU E 35 19.15 9.46 -49.68
N GLU E 36 18.48 9.60 -50.82
CA GLU E 36 18.60 8.59 -51.88
C GLU E 36 19.98 8.62 -52.50
N SER E 37 20.38 9.76 -53.06
CA SER E 37 21.68 9.91 -53.73
C SER E 37 22.83 10.09 -52.75
N LEU E 38 22.59 9.94 -51.45
CA LEU E 38 23.68 10.03 -50.48
C LEU E 38 24.68 8.89 -50.68
N LEU E 39 24.18 7.71 -51.06
CA LEU E 39 25.07 6.58 -51.34
C LEU E 39 26.02 6.91 -52.47
N LEU E 40 25.48 7.38 -53.60
CA LEU E 40 26.34 7.81 -54.70
C LEU E 40 27.22 8.99 -54.30
N PHE E 41 26.73 9.84 -53.38
CA PHE E 41 27.52 10.97 -52.93
C PHE E 41 28.80 10.51 -52.23
N LEU E 42 28.67 9.71 -51.18
CA LEU E 42 29.86 9.26 -50.47
C LEU E 42 30.57 8.12 -51.19
N GLN E 43 30.03 7.61 -52.29
CA GLN E 43 30.79 6.68 -53.13
C GLN E 43 31.70 7.44 -54.09
N LYS E 44 31.18 8.48 -54.74
CA LYS E 44 32.00 9.25 -55.68
C LYS E 44 33.07 10.04 -54.94
N SER E 45 32.70 10.73 -53.86
CA SER E 45 33.67 11.46 -53.07
C SER E 45 34.55 10.55 -52.23
N LYS E 46 34.30 9.24 -52.23
CA LYS E 46 35.08 8.25 -51.49
C LYS E 46 35.13 8.55 -50.00
N LYS E 47 34.16 9.28 -49.48
CA LYS E 47 34.09 9.59 -48.06
C LYS E 47 33.53 8.41 -47.28
N HIS E 48 33.62 8.50 -45.96
CA HIS E 48 33.07 7.50 -45.06
C HIS E 48 32.19 8.19 -44.04
N LEU E 49 31.02 7.60 -43.78
CA LEU E 49 30.04 8.22 -42.90
C LEU E 49 30.51 8.30 -41.45
N THR E 50 31.55 7.55 -41.08
CA THR E 50 32.06 7.55 -39.72
C THR E 50 33.15 8.59 -39.49
N ASP E 51 33.43 9.43 -40.48
CA ASP E 51 34.43 10.49 -40.30
C ASP E 51 33.95 11.50 -39.27
N ASN E 52 34.91 12.19 -38.65
CA ASN E 52 34.61 13.15 -37.60
C ASN E 52 33.93 14.41 -38.11
N GLU E 53 33.80 14.57 -39.43
CA GLU E 53 33.09 15.71 -39.98
C GLU E 53 31.59 15.48 -40.13
N PHE E 54 31.14 14.22 -40.05
CA PHE E 54 29.74 13.88 -40.13
C PHE E 54 29.10 13.68 -38.76
N LYS E 55 29.77 14.14 -37.70
CA LYS E 55 29.28 14.02 -36.34
C LYS E 55 29.33 15.38 -35.66
N ASP E 56 28.66 15.47 -34.53
CA ASP E 56 28.65 16.71 -33.75
C ASP E 56 30.05 16.97 -33.20
N PRO E 57 30.69 18.10 -33.53
CA PRO E 57 32.06 18.34 -33.05
C PRO E 57 32.17 18.61 -31.56
N GLU E 58 31.07 18.54 -30.81
CA GLU E 58 31.12 18.74 -29.36
C GLU E 58 30.51 17.61 -28.55
N THR E 59 29.61 16.80 -29.13
CA THR E 59 29.04 15.67 -28.42
C THR E 59 29.22 14.34 -29.14
N GLY E 60 29.55 14.33 -30.43
CA GLY E 60 29.72 13.08 -31.16
C GLY E 60 28.45 12.44 -31.63
N LYS E 61 27.35 13.19 -31.68
CA LYS E 61 26.07 12.63 -32.10
C LYS E 61 26.09 12.32 -33.59
N THR E 62 25.84 11.06 -33.93
CA THR E 62 25.84 10.62 -35.31
C THR E 62 24.44 10.72 -35.91
N CYS E 63 24.32 10.39 -37.19
CA CYS E 63 23.02 10.38 -37.84
C CYS E 63 22.13 9.29 -37.25
N LEU E 64 22.70 8.11 -37.00
CA LEU E 64 21.94 7.04 -36.36
C LEU E 64 21.44 7.48 -34.99
N LEU E 65 22.28 8.18 -34.22
CA LEU E 65 21.86 8.67 -32.91
C LEU E 65 20.68 9.63 -33.03
N LYS E 66 20.87 10.73 -33.77
CA LYS E 66 19.80 11.72 -33.91
C LYS E 66 18.53 11.10 -34.48
N ALA E 67 18.67 10.04 -35.28
CA ALA E 67 17.49 9.30 -35.73
C ALA E 67 16.83 8.55 -34.58
N MET E 68 17.63 7.98 -33.68
CA MET E 68 17.08 7.30 -32.53
C MET E 68 16.37 8.28 -31.58
N LEU E 69 16.94 9.48 -31.40
CA LEU E 69 16.33 10.45 -30.49
C LEU E 69 15.01 10.98 -31.01
N ASN E 70 14.86 11.10 -32.33
CA ASN E 70 13.64 11.64 -32.94
C ASN E 70 12.88 10.46 -33.56
N LEU E 71 11.99 9.87 -32.76
CA LEU E 71 11.17 8.75 -33.19
C LEU E 71 9.69 9.12 -33.15
N HIS E 72 8.89 8.33 -33.86
CA HIS E 72 7.44 8.47 -33.84
C HIS E 72 6.83 7.08 -33.81
N ASP E 73 5.88 6.86 -32.89
CA ASP E 73 5.24 5.56 -32.71
C ASP E 73 6.25 4.43 -32.58
N GLY E 74 7.42 4.75 -32.04
CA GLY E 74 8.48 3.76 -31.90
C GLY E 74 9.06 3.26 -33.19
N GLN E 75 8.88 4.01 -34.29
CA GLN E 75 9.35 3.57 -35.60
C GLN E 75 9.93 4.76 -36.37
N ASN E 76 10.83 4.45 -37.30
CA ASN E 76 11.42 5.44 -38.18
C ASN E 76 12.09 4.73 -39.35
N THR E 77 11.73 5.10 -40.58
CA THR E 77 12.35 4.51 -41.76
C THR E 77 13.79 4.97 -41.94
N THR E 78 14.16 6.11 -41.34
CA THR E 78 15.53 6.58 -41.38
C THR E 78 16.49 5.55 -40.80
N ILE E 79 16.04 4.79 -39.80
CA ILE E 79 16.90 3.82 -39.14
C ILE E 79 17.28 2.69 -40.10
N PRO E 80 16.33 1.96 -40.71
CA PRO E 80 16.75 0.93 -41.68
C PRO E 80 17.40 1.51 -42.92
N LEU E 81 17.02 2.72 -43.34
CA LEU E 81 17.69 3.34 -44.47
C LEU E 81 19.17 3.55 -44.17
N LEU E 82 19.49 4.12 -43.01
CA LEU E 82 20.87 4.31 -42.61
C LEU E 82 21.58 2.99 -42.38
N LEU E 83 20.86 1.98 -41.88
CA LEU E 83 21.45 0.66 -41.71
C LEU E 83 21.90 0.09 -43.05
N GLU E 84 21.05 0.19 -44.08
CA GLU E 84 21.43 -0.30 -45.40
C GLU E 84 22.54 0.54 -46.00
N ILE E 85 22.52 1.85 -45.77
CA ILE E 85 23.60 2.71 -46.27
C ILE E 85 24.93 2.31 -45.65
N ALA E 86 24.94 2.04 -44.34
CA ALA E 86 26.17 1.66 -43.67
C ALA E 86 26.61 0.25 -44.09
N ARG E 87 25.65 -0.65 -44.32
CA ARG E 87 26.00 -1.99 -44.80
C ARG E 87 26.61 -1.93 -46.19
N GLN E 88 26.16 -0.98 -47.02
CA GLN E 88 26.80 -0.78 -48.31
C GLN E 88 28.17 -0.10 -48.18
N THR E 89 28.32 0.76 -47.17
CA THR E 89 29.57 1.48 -46.94
C THR E 89 30.50 0.74 -45.97
N ASP E 90 30.07 -0.41 -45.44
CA ASP E 90 30.82 -1.20 -44.46
C ASP E 90 31.08 -0.43 -43.17
N SER E 91 30.29 0.61 -42.90
CA SER E 91 30.36 1.37 -41.66
C SER E 91 29.26 0.98 -40.68
N LEU E 92 28.82 -0.29 -40.73
CA LEU E 92 27.68 -0.71 -39.93
C LEU E 92 28.07 -0.80 -38.45
N LYS E 93 29.14 -1.54 -38.14
CA LYS E 93 29.53 -1.73 -36.76
C LYS E 93 30.12 -0.47 -36.14
N GLU E 94 30.61 0.46 -36.95
CA GLU E 94 31.15 1.70 -36.43
C GLU E 94 30.07 2.73 -36.12
N LEU E 95 28.87 2.56 -36.67
CA LEU E 95 27.76 3.47 -36.41
C LEU E 95 26.71 2.90 -35.48
N VAL E 96 26.47 1.59 -35.51
CA VAL E 96 25.51 0.99 -34.59
C VAL E 96 26.03 1.02 -33.16
N ASN E 97 27.34 1.11 -32.97
CA ASN E 97 27.96 1.20 -31.66
C ASN E 97 28.59 2.57 -31.42
N ALA E 98 28.21 3.57 -32.22
CA ALA E 98 28.76 4.92 -32.06
C ALA E 98 28.29 5.51 -30.74
N SER E 99 29.25 5.89 -29.89
CA SER E 99 28.95 6.44 -28.58
C SER E 99 29.26 7.94 -28.55
N TYR E 100 28.63 8.63 -27.60
CA TYR E 100 28.86 10.05 -27.42
C TYR E 100 30.29 10.30 -26.94
N THR E 101 30.72 11.55 -27.12
CA THR E 101 32.06 11.98 -26.68
C THR E 101 32.03 13.07 -25.63
N ASP E 102 30.86 13.67 -25.35
CA ASP E 102 30.77 14.73 -24.37
C ASP E 102 30.92 14.16 -22.95
N SER E 103 30.95 15.05 -21.97
CA SER E 103 31.11 14.68 -20.57
C SER E 103 29.80 14.31 -19.89
N TYR E 104 28.67 14.42 -20.59
CA TYR E 104 27.36 14.15 -20.00
C TYR E 104 26.79 12.81 -20.43
N TYR E 105 26.72 12.56 -21.74
CA TYR E 105 26.18 11.31 -22.27
C TYR E 105 27.28 10.34 -22.70
N LYS E 106 28.46 10.43 -22.08
CA LYS E 106 29.59 9.60 -22.50
C LYS E 106 29.25 8.12 -22.36
N GLY E 107 29.58 7.35 -23.38
CA GLY E 107 29.36 5.92 -23.37
C GLY E 107 27.98 5.48 -23.79
N GLN E 108 27.07 6.41 -24.10
CA GLN E 108 25.72 6.05 -24.49
C GLN E 108 25.68 5.70 -25.97
N THR E 109 25.30 4.47 -26.28
CA THR E 109 25.19 3.99 -27.65
C THR E 109 23.72 4.00 -28.07
N ALA E 110 23.48 3.57 -29.31
CA ALA E 110 22.11 3.50 -29.81
C ALA E 110 21.31 2.40 -29.12
N LEU E 111 21.99 1.34 -28.66
CA LEU E 111 21.28 0.27 -27.99
C LEU E 111 20.74 0.72 -26.63
N HIS E 112 21.52 1.52 -25.90
CA HIS E 112 21.05 2.07 -24.64
C HIS E 112 19.83 2.96 -24.85
N ILE E 113 19.86 3.77 -25.91
CA ILE E 113 18.72 4.64 -26.20
C ILE E 113 17.50 3.82 -26.60
N ALA E 114 17.72 2.74 -27.35
CA ALA E 114 16.61 1.88 -27.76
C ALA E 114 15.97 1.19 -26.57
N ILE E 115 16.79 0.76 -25.60
CA ILE E 115 16.24 0.16 -24.39
C ILE E 115 15.57 1.22 -23.52
N GLU E 116 16.07 2.46 -23.56
CA GLU E 116 15.47 3.54 -22.77
C GLU E 116 14.03 3.81 -23.21
N ARG E 117 13.76 3.76 -24.51
CA ARG E 117 12.43 4.05 -25.02
C ARG E 117 11.51 2.85 -25.00
N ARG E 118 11.97 1.71 -24.47
CA ARG E 118 11.13 0.51 -24.30
C ARG E 118 10.54 0.04 -25.62
N ASN E 119 11.43 -0.27 -26.57
CA ASN E 119 11.03 -0.75 -27.88
C ASN E 119 11.76 -2.06 -28.15
N MET E 120 11.05 -3.18 -28.01
CA MET E 120 11.67 -4.49 -28.22
C MET E 120 12.08 -4.69 -29.67
N ALA E 121 11.30 -4.15 -30.61
CA ALA E 121 11.63 -4.35 -32.02
C ALA E 121 12.94 -3.67 -32.39
N LEU E 122 13.14 -2.43 -31.92
CA LEU E 122 14.38 -1.72 -32.24
C LEU E 122 15.59 -2.38 -31.57
N VAL E 123 15.43 -2.83 -30.32
CA VAL E 123 16.51 -3.53 -29.64
C VAL E 123 16.86 -4.81 -30.38
N THR E 124 15.85 -5.56 -30.81
CA THR E 124 16.10 -6.78 -31.57
C THR E 124 16.83 -6.49 -32.87
N LEU E 125 16.37 -5.49 -33.61
CA LEU E 125 17.01 -5.15 -34.88
C LEU E 125 18.43 -4.66 -34.68
N LEU E 126 18.70 -3.98 -33.56
CA LEU E 126 20.06 -3.51 -33.30
C LEU E 126 20.99 -4.66 -32.90
N VAL E 127 20.49 -5.59 -32.09
CA VAL E 127 21.31 -6.76 -31.73
C VAL E 127 21.57 -7.62 -32.96
N GLU E 128 20.60 -7.71 -33.88
CA GLU E 128 20.83 -8.45 -35.12
C GLU E 128 21.95 -7.83 -35.95
N ASN E 129 22.16 -6.52 -35.83
CA ASN E 129 23.22 -5.82 -36.56
C ASN E 129 24.52 -5.74 -35.77
N GLY E 130 24.77 -6.70 -34.88
CA GLY E 130 26.02 -6.74 -34.15
C GLY E 130 26.26 -5.56 -33.22
N ALA E 131 25.23 -5.10 -32.53
CA ALA E 131 25.42 -4.02 -31.57
C ALA E 131 26.18 -4.53 -30.35
N ASP E 132 27.05 -3.67 -29.81
CA ASP E 132 27.85 -4.04 -28.64
C ASP E 132 26.95 -4.29 -27.44
N VAL E 133 26.85 -5.55 -27.02
CA VAL E 133 25.93 -5.90 -25.93
C VAL E 133 26.48 -5.45 -24.58
N GLN E 134 27.80 -5.39 -24.43
CA GLN E 134 28.43 -5.01 -23.18
C GLN E 134 28.99 -3.59 -23.23
N ALA E 135 28.37 -2.71 -24.02
CA ALA E 135 28.83 -1.33 -24.11
C ALA E 135 28.57 -0.61 -22.79
N ALA E 136 29.61 0.03 -22.27
CA ALA E 136 29.55 0.70 -20.96
C ALA E 136 29.25 2.18 -21.15
N ALA E 137 28.24 2.67 -20.42
CA ALA E 137 27.87 4.08 -20.45
C ALA E 137 28.60 4.79 -19.32
N HIS E 138 29.80 5.28 -19.62
CA HIS E 138 30.66 5.94 -18.64
C HIS E 138 30.39 7.45 -18.63
N GLY E 139 29.13 7.79 -18.40
CA GLY E 139 28.70 9.18 -18.39
C GLY E 139 28.48 9.71 -16.98
N ASP E 140 28.50 11.03 -16.87
CA ASP E 140 28.29 11.71 -15.59
C ASP E 140 26.83 11.72 -15.15
N PHE E 141 25.92 11.18 -15.97
CA PHE E 141 24.52 11.11 -15.62
C PHE E 141 24.17 9.83 -14.85
N PHE E 142 25.15 8.94 -14.61
CA PHE E 142 24.89 7.67 -13.96
C PHE E 142 25.82 7.41 -12.79
N LYS E 143 26.60 8.41 -12.38
CA LYS E 143 27.50 8.29 -11.24
C LYS E 143 26.73 8.59 -9.95
N LYS E 144 27.46 8.78 -8.85
CA LYS E 144 26.84 9.09 -7.57
C LYS E 144 26.00 10.35 -7.66
N THR E 145 24.68 10.21 -7.53
CA THR E 145 23.74 11.31 -7.67
C THR E 145 23.18 11.71 -6.30
N LYS E 146 22.91 13.00 -6.15
CA LYS E 146 22.34 13.55 -4.92
C LYS E 146 20.98 14.18 -5.14
N GLY E 147 20.85 15.09 -6.11
CA GLY E 147 19.59 15.77 -6.31
C GLY E 147 18.59 15.01 -7.15
N ARG E 148 19.07 14.20 -8.09
CA ARG E 148 18.18 13.44 -8.94
C ARG E 148 17.50 12.33 -8.13
N PRO E 149 16.19 12.11 -8.33
CA PRO E 149 15.45 11.08 -7.58
C PRO E 149 15.70 9.66 -8.07
N GLY E 150 16.96 9.33 -8.32
CA GLY E 150 17.33 8.00 -8.75
C GLY E 150 17.49 7.87 -10.25
N PHE E 151 18.74 7.78 -10.72
CA PHE E 151 18.99 7.58 -12.14
C PHE E 151 20.30 6.79 -12.27
N TYR E 152 20.17 5.47 -12.42
CA TYR E 152 21.30 4.57 -12.53
C TYR E 152 20.80 3.22 -12.99
N PHE E 153 21.52 2.59 -13.92
CA PHE E 153 21.08 1.32 -14.49
C PHE E 153 22.23 0.35 -14.68
N GLY E 154 23.26 0.44 -13.85
CA GLY E 154 24.39 -0.47 -13.96
C GLY E 154 25.23 -0.30 -15.20
N GLU E 155 25.04 0.77 -15.96
CA GLU E 155 25.85 1.14 -17.13
C GLU E 155 25.87 0.06 -18.20
N LEU E 156 25.04 -0.97 -18.10
CA LEU E 156 25.03 -2.07 -19.05
C LEU E 156 23.64 -2.24 -19.64
N PRO E 157 23.53 -2.60 -20.91
CA PRO E 157 22.20 -2.85 -21.50
C PRO E 157 21.41 -3.91 -20.74
N LEU E 158 22.08 -4.96 -20.25
CA LEU E 158 21.39 -5.95 -19.44
C LEU E 158 20.84 -5.33 -18.16
N SER E 159 21.71 -4.67 -17.39
CA SER E 159 21.26 -4.02 -16.17
C SER E 159 20.31 -2.86 -16.47
N LEU E 160 20.44 -2.25 -17.65
CA LEU E 160 19.49 -1.20 -18.04
C LEU E 160 18.09 -1.77 -18.20
N ALA E 161 17.95 -2.83 -19.00
CA ALA E 161 16.66 -3.48 -19.14
C ALA E 161 16.17 -4.09 -17.83
N ALA E 162 17.08 -4.42 -16.92
CA ALA E 162 16.67 -4.94 -15.62
C ALA E 162 16.07 -3.85 -14.75
N CYS E 163 16.74 -2.70 -14.65
CA CYS E 163 16.25 -1.61 -13.81
C CYS E 163 15.00 -0.94 -14.37
N THR E 164 14.64 -1.21 -15.62
CA THR E 164 13.47 -0.61 -16.25
C THR E 164 12.27 -1.56 -16.28
N ASN E 165 12.39 -2.73 -15.66
CA ASN E 165 11.31 -3.72 -15.59
C ASN E 165 10.84 -4.11 -16.98
N GLN E 166 11.76 -4.69 -17.75
CA GLN E 166 11.49 -5.14 -19.13
C GLN E 166 11.96 -6.59 -19.22
N LEU E 167 11.07 -7.52 -18.86
CA LEU E 167 11.44 -8.94 -18.87
C LEU E 167 11.75 -9.41 -20.28
N GLY E 168 11.01 -8.91 -21.27
CA GLY E 168 11.25 -9.33 -22.64
C GLY E 168 12.63 -8.95 -23.15
N ILE E 169 13.03 -7.71 -22.89
CA ILE E 169 14.35 -7.26 -23.34
C ILE E 169 15.46 -8.03 -22.64
N VAL E 170 15.27 -8.33 -21.36
CA VAL E 170 16.26 -9.11 -20.62
C VAL E 170 16.39 -10.51 -21.19
N LYS E 171 15.25 -11.18 -21.40
CA LYS E 171 15.27 -12.53 -21.96
C LYS E 171 15.89 -12.54 -23.35
N PHE E 172 15.63 -11.50 -24.15
CA PHE E 172 16.22 -11.43 -25.48
C PHE E 172 17.73 -11.23 -25.41
N LEU E 173 18.18 -10.28 -24.58
CA LEU E 173 19.61 -10.03 -24.47
C LEU E 173 20.35 -11.25 -23.92
N LEU E 174 19.67 -12.08 -23.13
CA LEU E 174 20.31 -13.28 -22.61
C LEU E 174 20.21 -14.48 -23.54
N GLN E 175 19.22 -14.51 -24.43
CA GLN E 175 18.98 -15.68 -25.29
C GLN E 175 18.99 -15.33 -26.78
N ASN E 176 19.63 -14.23 -27.16
CA ASN E 176 19.70 -13.87 -28.57
C ASN E 176 20.70 -14.76 -29.30
N SER E 177 20.46 -14.96 -30.59
CA SER E 177 21.29 -15.82 -31.42
C SER E 177 22.45 -15.06 -32.08
N TRP E 178 22.77 -13.86 -31.59
CA TRP E 178 23.82 -13.03 -32.18
C TRP E 178 24.97 -12.78 -31.22
N GLN E 179 24.69 -12.26 -30.03
CA GLN E 179 25.74 -12.04 -29.02
C GLN E 179 25.06 -12.06 -27.65
N THR E 180 25.18 -13.17 -26.93
CA THR E 180 24.53 -13.30 -25.64
C THR E 180 25.15 -12.34 -24.64
N ALA E 181 24.30 -11.77 -23.79
CA ALA E 181 24.76 -10.83 -22.76
C ALA E 181 25.39 -11.58 -21.60
N ASP E 182 26.37 -10.95 -20.97
CA ASP E 182 27.07 -11.52 -19.82
C ASP E 182 26.29 -11.16 -18.56
N ILE E 183 25.68 -12.16 -17.93
CA ILE E 183 24.89 -11.91 -16.73
C ILE E 183 25.77 -11.55 -15.54
N SER E 184 27.04 -11.95 -15.55
CA SER E 184 27.98 -11.64 -14.48
C SER E 184 28.80 -10.40 -14.78
N ALA E 185 28.37 -9.56 -15.72
CA ALA E 185 29.12 -8.37 -16.06
C ALA E 185 28.97 -7.31 -14.97
N ARG E 186 30.00 -6.49 -14.82
CA ARG E 186 30.04 -5.45 -13.79
C ARG E 186 30.29 -4.10 -14.44
N ASP E 187 29.78 -3.05 -13.81
CA ASP E 187 29.91 -1.70 -14.34
C ASP E 187 31.25 -1.10 -13.92
N SER E 188 31.42 0.21 -14.15
CA SER E 188 32.63 0.89 -13.71
C SER E 188 32.70 1.04 -12.20
N VAL E 189 31.56 0.99 -11.52
CA VAL E 189 31.54 1.06 -10.06
C VAL E 189 31.71 -0.32 -9.42
N GLY E 190 31.41 -1.39 -10.16
CA GLY E 190 31.53 -2.74 -9.66
C GLY E 190 30.22 -3.46 -9.45
N ASN E 191 29.10 -2.77 -9.58
CA ASN E 191 27.80 -3.37 -9.33
C ASN E 191 27.38 -4.25 -10.50
N THR E 192 26.76 -5.38 -10.19
CA THR E 192 26.25 -6.31 -11.20
C THR E 192 24.79 -5.99 -11.49
N VAL E 193 24.11 -6.90 -12.20
CA VAL E 193 22.68 -6.74 -12.45
C VAL E 193 21.91 -6.78 -11.14
N LEU E 194 22.21 -7.76 -10.28
CA LEU E 194 21.54 -7.85 -8.99
C LEU E 194 21.87 -6.66 -8.11
N HIS E 195 23.13 -6.21 -8.12
CA HIS E 195 23.50 -5.04 -7.35
C HIS E 195 22.80 -3.79 -7.85
N ALA E 196 22.59 -3.70 -9.17
CA ALA E 196 21.84 -2.57 -9.72
C ALA E 196 20.38 -2.62 -9.28
N LEU E 197 19.78 -3.81 -9.31
CA LEU E 197 18.39 -3.95 -8.84
C LEU E 197 18.28 -3.56 -7.37
N VAL E 198 19.29 -3.89 -6.57
CA VAL E 198 19.28 -3.50 -5.17
C VAL E 198 19.43 -1.99 -5.03
N GLU E 199 20.34 -1.39 -5.79
CA GLU E 199 20.59 0.05 -5.70
C GLU E 199 19.39 0.86 -6.19
N VAL E 200 18.56 0.29 -7.06
CA VAL E 200 17.46 1.04 -7.66
C VAL E 200 16.20 1.03 -6.79
N ALA E 201 16.13 0.18 -5.78
CA ALA E 201 14.94 0.11 -4.94
C ALA E 201 14.84 1.33 -4.02
N ASP E 202 13.60 1.68 -3.65
CA ASP E 202 13.36 2.80 -2.76
C ASP E 202 12.35 2.47 -1.67
N ASN E 203 12.09 1.18 -1.43
CA ASN E 203 11.25 0.71 -0.33
C ASN E 203 9.80 1.19 -0.46
N THR E 204 9.23 0.98 -1.64
CA THR E 204 7.79 1.16 -1.86
C THR E 204 7.19 -0.15 -2.32
N ALA E 205 5.86 -0.20 -2.38
CA ALA E 205 5.16 -1.44 -2.67
C ALA E 205 5.50 -1.96 -4.07
N ASP E 206 5.15 -1.17 -5.10
CA ASP E 206 5.36 -1.62 -6.47
C ASP E 206 6.84 -1.80 -6.79
N ASN E 207 7.68 -0.91 -6.24
CA ASN E 207 9.12 -1.01 -6.48
C ASN E 207 9.68 -2.32 -5.93
N THR E 208 9.39 -2.61 -4.67
CA THR E 208 9.85 -3.86 -4.08
C THR E 208 9.28 -5.06 -4.83
N LYS E 209 8.01 -5.00 -5.21
CA LYS E 209 7.40 -6.11 -5.92
C LYS E 209 8.11 -6.41 -7.23
N PHE E 210 8.30 -5.40 -8.07
CA PHE E 210 8.90 -5.65 -9.37
C PHE E 210 10.39 -5.97 -9.25
N VAL E 211 11.08 -5.36 -8.29
CA VAL E 211 12.48 -5.70 -8.06
C VAL E 211 12.61 -7.15 -7.64
N THR E 212 11.72 -7.62 -6.76
CA THR E 212 11.70 -9.02 -6.37
C THR E 212 11.45 -9.93 -7.56
N SER E 213 10.44 -9.60 -8.37
CA SER E 213 10.10 -10.45 -9.51
C SER E 213 11.27 -10.54 -10.48
N MET E 214 11.86 -9.41 -10.84
CA MET E 214 12.95 -9.44 -11.81
C MET E 214 14.23 -10.02 -11.21
N TYR E 215 14.42 -9.91 -9.90
CA TYR E 215 15.53 -10.58 -9.25
C TYR E 215 15.40 -12.09 -9.37
N ASN E 216 14.20 -12.60 -9.06
CA ASN E 216 13.95 -14.03 -9.24
C ASN E 216 14.15 -14.45 -10.70
N GLU E 217 13.68 -13.62 -11.63
CA GLU E 217 13.82 -13.95 -13.04
C GLU E 217 15.27 -13.98 -13.48
N ILE E 218 16.06 -12.99 -13.05
CA ILE E 218 17.48 -12.96 -13.37
C ILE E 218 18.18 -14.19 -12.80
N LEU E 219 17.85 -14.56 -11.56
CA LEU E 219 18.52 -15.70 -10.95
C LEU E 219 18.14 -17.01 -11.61
N MET E 220 16.86 -17.18 -11.97
CA MET E 220 16.46 -18.42 -12.64
C MET E 220 17.05 -18.50 -14.05
N LEU E 221 17.13 -17.36 -14.75
CA LEU E 221 17.74 -17.37 -16.08
C LEU E 221 19.24 -17.64 -16.00
N GLY E 222 19.90 -17.13 -14.98
CA GLY E 222 21.32 -17.43 -14.80
C GLY E 222 21.55 -18.88 -14.45
N ALA E 223 20.69 -19.45 -13.59
CA ALA E 223 20.79 -20.87 -13.28
C ALA E 223 20.51 -21.73 -14.50
N LYS E 224 19.65 -21.27 -15.40
CA LYS E 224 19.39 -21.99 -16.64
C LYS E 224 20.60 -21.93 -17.58
N LEU E 225 21.11 -20.73 -17.83
CA LEU E 225 22.21 -20.56 -18.77
C LEU E 225 23.54 -21.03 -18.18
N HIS E 226 23.93 -20.45 -17.04
CA HIS E 226 25.20 -20.76 -16.39
C HIS E 226 24.93 -21.34 -15.00
N PRO E 227 24.69 -22.65 -14.89
CA PRO E 227 24.40 -23.23 -13.57
C PRO E 227 25.55 -23.14 -12.59
N THR E 228 26.78 -22.89 -13.06
CA THR E 228 27.91 -22.81 -12.16
C THR E 228 28.03 -21.44 -11.49
N LEU E 229 27.68 -20.38 -12.20
CA LEU E 229 27.83 -19.01 -11.69
C LEU E 229 26.81 -18.78 -10.59
N LYS E 230 27.28 -18.65 -9.35
CA LYS E 230 26.44 -18.32 -8.20
C LYS E 230 26.52 -16.81 -7.99
N LEU E 231 25.58 -16.09 -8.59
CA LEU E 231 25.61 -14.63 -8.54
C LEU E 231 25.25 -14.08 -7.16
N GLU E 232 24.52 -14.85 -6.35
CA GLU E 232 24.12 -14.36 -5.04
C GLU E 232 25.33 -14.11 -4.14
N GLU E 233 26.40 -14.87 -4.33
CA GLU E 233 27.61 -14.75 -3.52
C GLU E 233 28.67 -13.89 -4.16
N LEU E 234 28.38 -13.29 -5.32
CA LEU E 234 29.34 -12.44 -6.00
C LEU E 234 29.38 -11.07 -5.34
N THR E 235 30.58 -10.57 -5.09
CA THR E 235 30.77 -9.28 -4.42
C THR E 235 31.17 -8.22 -5.44
N ASN E 236 30.75 -6.98 -5.18
CA ASN E 236 31.02 -5.87 -6.08
C ASN E 236 32.45 -5.36 -5.87
N LYS E 237 32.75 -4.19 -6.42
CA LYS E 237 34.09 -3.63 -6.30
C LYS E 237 34.41 -3.23 -4.86
N LYS E 238 33.38 -2.93 -4.06
CA LYS E 238 33.57 -2.61 -2.66
C LYS E 238 33.51 -3.84 -1.75
N GLY E 239 33.41 -5.03 -2.33
CA GLY E 239 33.32 -6.25 -1.55
C GLY E 239 31.99 -6.44 -0.86
N MET E 240 30.89 -6.14 -1.55
CA MET E 240 29.55 -6.20 -0.98
C MET E 240 28.71 -7.17 -1.78
N THR E 241 28.20 -8.21 -1.12
CA THR E 241 27.21 -9.07 -1.74
C THR E 241 25.89 -8.30 -1.90
N PRO E 242 24.99 -8.77 -2.77
CA PRO E 242 23.68 -8.10 -2.87
C PRO E 242 22.96 -7.99 -1.54
N LEU E 243 23.00 -9.07 -0.74
CA LEU E 243 22.39 -9.02 0.59
C LEU E 243 23.06 -7.96 1.46
N ALA E 244 24.40 -7.92 1.45
CA ALA E 244 25.11 -6.91 2.23
C ALA E 244 24.84 -5.51 1.72
N LEU E 245 24.72 -5.35 0.39
CA LEU E 245 24.38 -4.05 -0.16
C LEU E 245 23.01 -3.59 0.31
N ALA E 246 22.02 -4.49 0.29
CA ALA E 246 20.69 -4.14 0.77
C ALA E 246 20.70 -3.85 2.26
N ALA E 247 21.54 -4.55 3.03
CA ALA E 247 21.62 -4.28 4.46
C ALA E 247 22.25 -2.93 4.73
N GLY E 248 23.25 -2.54 3.93
CA GLY E 248 23.92 -1.28 4.16
C GLY E 248 23.16 -0.07 3.64
N THR E 249 22.38 -0.24 2.57
CA THR E 249 21.62 0.87 2.00
C THR E 249 20.20 0.95 2.53
N GLY E 250 19.78 0.01 3.38
CA GLY E 250 18.45 0.09 3.96
C GLY E 250 17.34 -0.49 3.11
N LYS E 251 17.66 -1.35 2.15
CA LYS E 251 16.65 -1.98 1.30
C LYS E 251 16.06 -3.16 2.07
N ILE E 252 14.99 -2.89 2.81
CA ILE E 252 14.44 -3.87 3.74
C ILE E 252 13.72 -4.98 2.97
N GLY E 253 12.85 -4.61 2.04
CA GLY E 253 12.10 -5.62 1.30
C GLY E 253 12.99 -6.47 0.40
N VAL E 254 13.99 -5.84 -0.23
CA VAL E 254 14.92 -6.59 -1.08
C VAL E 254 15.69 -7.61 -0.25
N LEU E 255 16.19 -7.18 0.90
CA LEU E 255 16.89 -8.09 1.80
C LEU E 255 15.98 -9.22 2.26
N ALA E 256 14.75 -8.89 2.64
CA ALA E 256 13.80 -9.90 3.09
C ALA E 256 13.57 -10.94 2.01
N TYR E 257 13.37 -10.50 0.77
CA TYR E 257 13.11 -11.45 -0.31
C TYR E 257 14.36 -12.26 -0.65
N ILE E 258 15.55 -11.64 -0.58
CA ILE E 258 16.76 -12.39 -0.85
C ILE E 258 16.94 -13.50 0.17
N LEU E 259 16.68 -13.21 1.44
CA LEU E 259 16.78 -14.24 2.47
C LEU E 259 15.69 -15.29 2.29
N GLN E 260 14.48 -14.87 1.89
CA GLN E 260 13.41 -15.81 1.64
C GLN E 260 13.75 -16.78 0.50
N ARG E 261 14.38 -16.26 -0.55
CA ARG E 261 14.74 -17.10 -1.69
C ARG E 261 15.93 -17.99 -1.38
N GLU E 262 16.85 -17.51 -0.53
CA GLU E 262 17.94 -18.38 -0.08
C GLU E 262 17.44 -19.46 0.85
N ILE E 263 16.34 -19.21 1.56
CA ILE E 263 15.72 -20.27 2.36
C ILE E 263 15.16 -21.37 1.45
N GLN E 264 14.55 -20.98 0.34
CA GLN E 264 14.01 -21.94 -0.61
C GLN E 264 15.09 -22.44 -1.58
N THR F 14 -20.19 -75.03 -27.67
CA THR F 14 -20.59 -73.96 -28.59
C THR F 14 -20.55 -72.60 -27.91
N LEU F 15 -21.73 -72.02 -27.69
CA LEU F 15 -21.88 -70.72 -27.04
C LEU F 15 -21.13 -69.63 -27.81
N ARG F 16 -21.60 -69.38 -29.03
CA ARG F 16 -20.98 -68.41 -29.91
C ARG F 16 -21.10 -66.99 -29.34
N LEU F 17 -20.16 -66.13 -29.75
CA LEU F 17 -20.12 -64.75 -29.27
C LEU F 17 -20.13 -63.77 -30.44
N TYR F 18 -19.90 -62.48 -30.15
CA TYR F 18 -19.82 -61.44 -31.17
C TYR F 18 -18.73 -60.45 -30.80
N ASP F 19 -17.96 -60.03 -31.80
CA ASP F 19 -16.86 -59.08 -31.62
C ASP F 19 -17.27 -57.72 -32.19
N ARG F 20 -16.31 -56.79 -32.20
CA ARG F 20 -16.63 -55.43 -32.62
C ARG F 20 -16.83 -55.33 -34.13
N ARG F 21 -15.98 -55.99 -34.92
CA ARG F 21 -16.02 -55.81 -36.36
C ARG F 21 -17.28 -56.41 -36.97
N SER F 22 -17.72 -57.56 -36.45
CA SER F 22 -18.96 -58.15 -36.96
C SER F 22 -20.16 -57.26 -36.65
N ILE F 23 -20.19 -56.66 -35.46
CA ILE F 23 -21.27 -55.75 -35.12
C ILE F 23 -21.23 -54.52 -36.01
N PHE F 24 -20.03 -53.99 -36.29
CA PHE F 24 -19.89 -52.84 -37.17
C PHE F 24 -20.39 -53.17 -38.58
N GLU F 25 -20.04 -54.35 -39.08
CA GLU F 25 -20.49 -54.75 -40.42
C GLU F 25 -22.00 -54.95 -40.47
N ALA F 26 -22.58 -55.55 -39.40
CA ALA F 26 -24.02 -55.73 -39.36
C ALA F 26 -24.75 -54.41 -39.25
N VAL F 27 -24.18 -53.42 -38.55
CA VAL F 27 -24.77 -52.10 -38.49
C VAL F 27 -24.64 -51.39 -39.84
N ALA F 28 -23.55 -51.65 -40.57
CA ALA F 28 -23.36 -51.03 -41.87
C ALA F 28 -24.38 -51.52 -42.89
N GLN F 29 -24.73 -52.80 -42.84
CA GLN F 29 -25.72 -53.38 -43.73
C GLN F 29 -27.14 -53.32 -43.19
N ASN F 30 -27.32 -52.76 -41.99
CA ASN F 30 -28.64 -52.59 -41.37
C ASN F 30 -29.35 -53.94 -41.21
N ASN F 31 -28.72 -54.81 -40.42
CA ASN F 31 -29.27 -56.14 -40.12
C ASN F 31 -29.34 -56.29 -38.61
N CYS F 32 -30.56 -56.42 -38.09
CA CYS F 32 -30.79 -56.52 -36.66
C CYS F 32 -30.97 -57.95 -36.16
N GLN F 33 -31.06 -58.92 -37.05
CA GLN F 33 -31.22 -60.32 -36.63
C GLN F 33 -29.92 -60.92 -36.11
N ASP F 34 -28.77 -60.40 -36.53
CA ASP F 34 -27.48 -60.89 -36.07
C ASP F 34 -27.10 -60.39 -34.68
N LEU F 35 -27.97 -59.60 -34.03
CA LEU F 35 -27.69 -59.04 -32.72
C LEU F 35 -28.62 -59.59 -31.64
N GLU F 36 -29.45 -60.58 -31.97
CA GLU F 36 -30.38 -61.14 -31.00
C GLU F 36 -29.65 -61.69 -29.79
N SER F 37 -28.63 -62.52 -30.02
CA SER F 37 -27.81 -63.06 -28.94
C SER F 37 -26.81 -62.05 -28.40
N LEU F 38 -26.89 -60.79 -28.84
CA LEU F 38 -25.95 -59.79 -28.36
C LEU F 38 -26.25 -59.38 -26.93
N LEU F 39 -27.54 -59.21 -26.60
CA LEU F 39 -27.93 -58.76 -25.26
C LEU F 39 -27.34 -59.65 -24.18
N LEU F 40 -27.73 -60.94 -24.18
CA LEU F 40 -27.15 -61.89 -23.25
C LEU F 40 -25.63 -61.87 -23.30
N PHE F 41 -25.06 -61.63 -24.49
CA PHE F 41 -23.62 -61.62 -24.63
C PHE F 41 -22.97 -60.59 -23.73
N LEU F 42 -23.58 -59.41 -23.59
CA LEU F 42 -23.04 -58.38 -22.71
C LEU F 42 -23.72 -58.38 -21.35
N GLN F 43 -24.55 -59.39 -21.06
CA GLN F 43 -25.13 -59.54 -19.73
C GLN F 43 -24.47 -60.66 -18.92
N LYS F 44 -23.92 -61.67 -19.60
CA LYS F 44 -23.20 -62.72 -18.88
C LYS F 44 -21.91 -62.18 -18.28
N SER F 45 -21.10 -61.49 -19.08
CA SER F 45 -19.86 -60.91 -18.60
C SER F 45 -20.08 -59.72 -17.69
N LYS F 46 -21.31 -59.21 -17.60
CA LYS F 46 -21.65 -58.06 -16.76
C LYS F 46 -20.80 -56.83 -17.11
N LYS F 47 -20.41 -56.73 -18.37
CA LYS F 47 -19.58 -55.63 -18.85
C LYS F 47 -20.46 -54.55 -19.47
N HIS F 48 -20.03 -53.31 -19.31
CA HIS F 48 -20.70 -52.16 -19.89
C HIS F 48 -19.98 -51.70 -21.15
N LEU F 49 -20.74 -51.19 -22.11
CA LEU F 49 -20.18 -50.81 -23.40
C LEU F 49 -19.36 -49.53 -23.34
N THR F 50 -19.41 -48.78 -22.23
CA THR F 50 -18.67 -47.53 -22.09
C THR F 50 -17.22 -47.74 -21.70
N ASP F 51 -16.77 -48.97 -21.54
CA ASP F 51 -15.37 -49.23 -21.21
C ASP F 51 -14.47 -48.89 -22.40
N ASN F 52 -13.20 -48.65 -22.09
CA ASN F 52 -12.23 -48.27 -23.12
C ASN F 52 -11.95 -49.40 -24.10
N GLU F 53 -12.19 -50.65 -23.71
CA GLU F 53 -11.92 -51.79 -24.59
C GLU F 53 -12.98 -51.99 -25.65
N PHE F 54 -14.20 -51.47 -25.43
CA PHE F 54 -15.28 -51.62 -26.40
C PHE F 54 -15.39 -50.44 -27.35
N LYS F 55 -14.53 -49.43 -27.21
CA LYS F 55 -14.55 -48.24 -28.05
C LYS F 55 -13.29 -48.17 -28.88
N ASP F 56 -13.31 -47.29 -29.88
CA ASP F 56 -12.15 -47.07 -30.72
C ASP F 56 -11.08 -46.33 -29.92
N PRO F 57 -9.90 -46.92 -29.72
CA PRO F 57 -8.89 -46.25 -28.88
C PRO F 57 -8.24 -45.04 -29.51
N GLU F 58 -8.57 -44.70 -30.76
CA GLU F 58 -7.99 -43.54 -31.44
C GLU F 58 -8.96 -42.42 -31.69
N THR F 59 -10.22 -42.73 -32.03
CA THR F 59 -11.23 -41.72 -32.30
C THR F 59 -12.45 -41.80 -31.41
N GLY F 60 -12.72 -42.95 -30.78
CA GLY F 60 -13.88 -43.09 -29.94
C GLY F 60 -15.17 -43.36 -30.68
N LYS F 61 -15.09 -43.85 -31.92
CA LYS F 61 -16.29 -44.14 -32.69
C LYS F 61 -17.05 -45.30 -32.06
N THR F 62 -18.34 -45.09 -31.80
CA THR F 62 -19.19 -46.09 -31.18
C THR F 62 -20.11 -46.73 -32.22
N CYS F 63 -20.90 -47.70 -31.77
CA CYS F 63 -21.87 -48.34 -32.67
C CYS F 63 -22.94 -47.35 -33.09
N LEU F 64 -23.35 -46.45 -32.19
CA LEU F 64 -24.27 -45.38 -32.55
C LEU F 64 -23.68 -44.48 -33.63
N LEU F 65 -22.40 -44.12 -33.46
CA LEU F 65 -21.73 -43.29 -34.46
C LEU F 65 -21.64 -44.03 -35.80
N LYS F 66 -21.16 -45.27 -35.78
CA LYS F 66 -21.06 -46.05 -37.01
C LYS F 66 -22.42 -46.23 -37.68
N ALA F 67 -23.50 -46.25 -36.88
CA ALA F 67 -24.83 -46.26 -37.46
C ALA F 67 -25.16 -44.92 -38.11
N MET F 68 -24.74 -43.82 -37.48
CA MET F 68 -24.94 -42.50 -38.08
C MET F 68 -24.20 -42.38 -39.42
N LEU F 69 -22.98 -42.92 -39.50
CA LEU F 69 -22.24 -42.88 -40.75
C LEU F 69 -22.87 -43.80 -41.80
N ASN F 70 -23.34 -44.97 -41.38
CA ASN F 70 -23.91 -45.97 -42.29
C ASN F 70 -25.42 -45.99 -42.11
N LEU F 71 -26.12 -45.13 -42.84
CA LEU F 71 -27.57 -45.08 -42.88
C LEU F 71 -28.06 -45.45 -44.27
N HIS F 72 -29.37 -45.45 -44.44
CA HIS F 72 -29.98 -45.65 -45.75
C HIS F 72 -31.24 -44.82 -45.83
N ASP F 73 -31.35 -44.01 -46.88
CA ASP F 73 -32.48 -43.10 -47.07
C ASP F 73 -32.68 -42.20 -45.85
N GLY F 74 -31.63 -41.99 -45.07
CA GLY F 74 -31.68 -41.16 -43.89
C GLY F 74 -32.33 -41.79 -42.68
N GLN F 75 -32.57 -43.10 -42.69
CA GLN F 75 -33.21 -43.78 -41.57
C GLN F 75 -32.55 -45.13 -41.36
N ASN F 76 -32.68 -45.64 -40.13
CA ASN F 76 -32.13 -46.94 -39.76
C ASN F 76 -32.80 -47.40 -38.48
N THR F 77 -33.40 -48.59 -38.50
CA THR F 77 -34.01 -49.16 -37.31
C THR F 77 -32.98 -49.73 -36.33
N THR F 78 -31.74 -49.92 -36.79
CA THR F 78 -30.69 -50.39 -35.90
C THR F 78 -30.45 -49.42 -34.75
N ILE F 79 -30.60 -48.12 -34.99
CA ILE F 79 -30.35 -47.11 -33.97
C ILE F 79 -31.40 -47.21 -32.86
N PRO F 80 -32.71 -47.19 -33.14
CA PRO F 80 -33.67 -47.38 -32.04
C PRO F 80 -33.63 -48.77 -31.43
N LEU F 81 -33.32 -49.81 -32.21
CA LEU F 81 -33.16 -51.14 -31.64
C LEU F 81 -32.04 -51.16 -30.60
N LEU F 82 -30.89 -50.58 -30.94
CA LEU F 82 -29.77 -50.51 -30.01
C LEU F 82 -30.07 -49.59 -28.84
N LEU F 83 -30.87 -48.54 -29.06
CA LEU F 83 -31.28 -47.68 -27.95
C LEU F 83 -32.12 -48.46 -26.94
N GLU F 84 -33.08 -49.25 -27.44
CA GLU F 84 -33.88 -50.09 -26.54
C GLU F 84 -33.01 -51.12 -25.82
N ILE F 85 -32.05 -51.72 -26.55
CA ILE F 85 -31.17 -52.70 -25.93
C ILE F 85 -30.33 -52.06 -24.83
N ALA F 86 -29.82 -50.85 -25.06
CA ALA F 86 -29.02 -50.17 -24.06
C ALA F 86 -29.86 -49.73 -22.87
N ARG F 87 -31.11 -49.33 -23.12
CA ARG F 87 -32.00 -48.99 -22.01
C ARG F 87 -32.34 -50.23 -21.17
N GLN F 88 -32.40 -51.40 -21.81
CA GLN F 88 -32.59 -52.63 -21.05
C GLN F 88 -31.34 -53.01 -20.24
N THR F 89 -30.17 -52.52 -20.62
CA THR F 89 -28.91 -52.82 -19.94
C THR F 89 -28.51 -51.73 -18.96
N ASP F 90 -29.38 -50.75 -18.73
CA ASP F 90 -29.12 -49.62 -17.83
C ASP F 90 -27.90 -48.80 -18.26
N SER F 91 -27.49 -48.91 -19.53
CA SER F 91 -26.38 -48.15 -20.08
C SER F 91 -26.85 -47.12 -21.10
N LEU F 92 -28.11 -46.67 -20.97
CA LEU F 92 -28.67 -45.73 -21.95
C LEU F 92 -28.17 -44.31 -21.70
N LYS F 93 -28.14 -43.87 -20.44
CA LYS F 93 -27.71 -42.50 -20.16
C LYS F 93 -26.21 -42.32 -20.37
N GLU F 94 -25.43 -43.40 -20.26
CA GLU F 94 -24.00 -43.33 -20.49
C GLU F 94 -23.64 -43.34 -21.96
N LEU F 95 -24.51 -43.88 -22.82
CA LEU F 95 -24.25 -43.94 -24.25
C LEU F 95 -24.95 -42.84 -25.04
N VAL F 96 -26.02 -42.25 -24.50
CA VAL F 96 -26.73 -41.20 -25.22
C VAL F 96 -25.90 -39.91 -25.22
N ASN F 97 -25.06 -39.70 -24.21
CA ASN F 97 -24.19 -38.54 -24.13
C ASN F 97 -22.75 -38.87 -24.50
N ALA F 98 -22.53 -39.97 -25.21
CA ALA F 98 -21.18 -40.38 -25.58
C ALA F 98 -20.60 -39.42 -26.62
N SER F 99 -19.51 -38.76 -26.27
CA SER F 99 -18.81 -37.83 -27.14
C SER F 99 -17.51 -38.45 -27.64
N TYR F 100 -16.90 -37.80 -28.62
CA TYR F 100 -15.64 -38.27 -29.18
C TYR F 100 -14.52 -38.16 -28.16
N THR F 101 -13.54 -39.06 -28.28
CA THR F 101 -12.39 -39.09 -27.39
C THR F 101 -11.12 -38.57 -28.02
N ASP F 102 -11.09 -38.36 -29.33
CA ASP F 102 -9.91 -37.83 -29.98
C ASP F 102 -9.84 -36.32 -29.83
N SER F 103 -8.62 -35.78 -29.93
CA SER F 103 -8.38 -34.35 -29.75
C SER F 103 -8.84 -33.51 -30.92
N TYR F 104 -9.22 -34.12 -32.04
CA TYR F 104 -9.64 -33.36 -33.22
C TYR F 104 -11.14 -33.05 -33.19
N TYR F 105 -11.96 -34.04 -32.87
CA TYR F 105 -13.41 -33.87 -32.78
C TYR F 105 -13.90 -33.82 -31.33
N LYS F 106 -13.11 -33.27 -30.43
CA LYS F 106 -13.48 -33.24 -29.02
C LYS F 106 -14.76 -32.44 -28.82
N GLY F 107 -15.70 -33.01 -28.06
CA GLY F 107 -16.97 -32.36 -27.78
C GLY F 107 -18.08 -32.69 -28.75
N GLN F 108 -17.78 -33.38 -29.85
CA GLN F 108 -18.81 -33.72 -30.82
C GLN F 108 -19.58 -34.96 -30.38
N THR F 109 -20.90 -34.89 -30.46
CA THR F 109 -21.78 -35.99 -30.07
C THR F 109 -22.61 -36.42 -31.29
N ALA F 110 -23.55 -37.33 -31.06
CA ALA F 110 -24.41 -37.80 -32.13
C ALA F 110 -25.48 -36.77 -32.50
N LEU F 111 -25.84 -35.88 -31.57
CA LEU F 111 -26.81 -34.84 -31.87
C LEU F 111 -26.26 -33.86 -32.89
N HIS F 112 -24.95 -33.56 -32.83
CA HIS F 112 -24.33 -32.70 -33.83
C HIS F 112 -24.44 -33.31 -35.21
N ILE F 113 -24.15 -34.60 -35.33
CA ILE F 113 -24.23 -35.27 -36.62
C ILE F 113 -25.67 -35.34 -37.09
N ALA F 114 -26.61 -35.51 -36.17
CA ALA F 114 -28.02 -35.59 -36.55
C ALA F 114 -28.52 -34.24 -37.09
N ILE F 115 -28.11 -33.14 -36.44
CA ILE F 115 -28.50 -31.83 -36.93
C ILE F 115 -27.78 -31.49 -38.24
N GLU F 116 -26.54 -31.95 -38.39
CA GLU F 116 -25.80 -31.70 -39.62
C GLU F 116 -26.44 -32.40 -40.81
N ARG F 117 -26.93 -33.62 -40.60
CA ARG F 117 -27.50 -34.41 -41.68
C ARG F 117 -28.93 -34.00 -42.02
N ARG F 118 -29.49 -33.02 -41.31
CA ARG F 118 -30.83 -32.49 -41.59
C ARG F 118 -31.88 -33.59 -41.49
N ASN F 119 -31.89 -34.28 -40.34
CA ASN F 119 -32.84 -35.36 -40.07
C ASN F 119 -33.55 -35.04 -38.76
N MET F 120 -34.81 -34.61 -38.85
CA MET F 120 -35.52 -34.15 -37.68
C MET F 120 -35.96 -35.31 -36.79
N ALA F 121 -36.34 -36.44 -37.38
CA ALA F 121 -36.81 -37.57 -36.60
C ALA F 121 -35.69 -38.12 -35.71
N LEU F 122 -34.48 -38.23 -36.25
CA LEU F 122 -33.36 -38.72 -35.44
C LEU F 122 -33.03 -37.74 -34.32
N VAL F 123 -33.08 -36.43 -34.61
CA VAL F 123 -32.86 -35.43 -33.57
C VAL F 123 -33.90 -35.59 -32.46
N THR F 124 -35.16 -35.79 -32.83
CA THR F 124 -36.21 -35.94 -31.84
C THR F 124 -36.01 -37.19 -30.98
N LEU F 125 -35.65 -38.30 -31.61
CA LEU F 125 -35.37 -39.53 -30.85
C LEU F 125 -34.21 -39.31 -29.88
N LEU F 126 -33.12 -38.71 -30.37
CA LEU F 126 -31.95 -38.49 -29.53
C LEU F 126 -32.28 -37.59 -28.35
N VAL F 127 -33.06 -36.53 -28.58
CA VAL F 127 -33.44 -35.63 -27.49
C VAL F 127 -34.35 -36.36 -26.50
N GLU F 128 -35.27 -37.18 -27.01
CA GLU F 128 -36.15 -37.94 -26.12
C GLU F 128 -35.36 -38.91 -25.25
N ASN F 129 -34.22 -39.40 -25.74
CA ASN F 129 -33.38 -40.26 -24.91
C ASN F 129 -32.48 -39.47 -23.97
N GLY F 130 -32.73 -38.18 -23.77
CA GLY F 130 -31.98 -37.41 -22.81
C GLY F 130 -30.60 -37.00 -23.26
N ALA F 131 -30.43 -36.72 -24.55
CA ALA F 131 -29.13 -36.29 -25.06
C ALA F 131 -28.78 -34.90 -24.54
N ASP F 132 -27.48 -34.65 -24.37
CA ASP F 132 -27.02 -33.37 -23.89
C ASP F 132 -27.28 -32.30 -24.94
N VAL F 133 -28.12 -31.32 -24.58
CA VAL F 133 -28.51 -30.29 -25.53
C VAL F 133 -27.40 -29.25 -25.69
N GLN F 134 -26.67 -28.94 -24.62
CA GLN F 134 -25.63 -27.92 -24.64
C GLN F 134 -24.23 -28.50 -24.71
N ALA F 135 -24.07 -29.60 -25.45
CA ALA F 135 -22.75 -30.21 -25.62
C ALA F 135 -21.90 -29.36 -26.55
N ALA F 136 -20.86 -28.73 -26.00
CA ALA F 136 -20.03 -27.80 -26.76
C ALA F 136 -18.95 -28.59 -27.49
N ALA F 137 -19.05 -28.65 -28.82
CA ALA F 137 -18.04 -29.30 -29.65
C ALA F 137 -17.01 -28.26 -30.05
N HIS F 138 -15.92 -28.19 -29.28
CA HIS F 138 -14.85 -27.21 -29.51
C HIS F 138 -13.62 -27.84 -30.13
N GLY F 139 -13.81 -28.80 -31.04
CA GLY F 139 -12.69 -29.44 -31.70
C GLY F 139 -11.92 -28.50 -32.61
N ASP F 140 -10.80 -29.03 -33.12
CA ASP F 140 -9.92 -28.23 -33.96
C ASP F 140 -10.47 -28.00 -35.36
N PHE F 141 -11.58 -28.66 -35.72
CA PHE F 141 -12.17 -28.52 -37.04
C PHE F 141 -13.11 -27.32 -37.14
N PHE F 142 -13.47 -26.71 -36.02
CA PHE F 142 -14.48 -25.67 -36.00
C PHE F 142 -13.92 -24.28 -35.78
N LYS F 143 -12.61 -24.14 -35.56
CA LYS F 143 -11.99 -22.84 -35.37
C LYS F 143 -11.67 -22.22 -36.73
N LYS F 144 -10.87 -21.15 -36.73
CA LYS F 144 -10.48 -20.50 -37.97
C LYS F 144 -9.67 -21.46 -38.84
N THR F 145 -10.03 -21.53 -40.12
CA THR F 145 -9.42 -22.47 -41.04
C THR F 145 -8.03 -22.00 -41.47
N LYS F 146 -7.38 -22.78 -42.31
CA LYS F 146 -6.05 -22.48 -42.83
C LYS F 146 -6.05 -22.21 -44.33
N GLY F 147 -6.59 -23.12 -45.14
CA GLY F 147 -6.61 -22.95 -46.58
C GLY F 147 -7.92 -23.35 -47.21
N ARG F 148 -8.94 -23.58 -46.39
CA ARG F 148 -10.28 -23.94 -46.84
C ARG F 148 -11.24 -22.94 -46.23
N PRO F 149 -11.50 -21.81 -46.91
CA PRO F 149 -12.12 -20.65 -46.23
C PRO F 149 -13.57 -20.87 -45.80
N GLY F 150 -13.78 -20.91 -44.48
CA GLY F 150 -15.12 -20.81 -43.92
C GLY F 150 -15.77 -22.10 -43.45
N PHE F 151 -15.71 -22.36 -42.14
CA PHE F 151 -16.54 -23.39 -41.53
C PHE F 151 -16.60 -23.13 -40.03
N TYR F 152 -17.77 -22.71 -39.54
CA TYR F 152 -17.98 -22.43 -38.12
C TYR F 152 -19.46 -22.28 -37.83
N PHE F 153 -19.95 -22.97 -36.80
CA PHE F 153 -21.38 -22.95 -36.47
C PHE F 153 -21.58 -22.77 -34.98
N GLY F 154 -20.75 -21.94 -34.35
CA GLY F 154 -20.91 -21.61 -32.95
C GLY F 154 -20.62 -22.73 -31.97
N GLU F 155 -20.19 -23.89 -32.44
CA GLU F 155 -19.79 -25.03 -31.62
C GLU F 155 -20.95 -25.58 -30.78
N LEU F 156 -22.17 -25.11 -30.99
CA LEU F 156 -23.31 -25.54 -30.20
C LEU F 156 -24.41 -26.05 -31.12
N PRO F 157 -25.22 -27.01 -30.65
CA PRO F 157 -26.32 -27.50 -31.50
C PRO F 157 -27.33 -26.42 -31.85
N LEU F 158 -27.58 -25.49 -30.93
CA LEU F 158 -28.48 -24.37 -31.23
C LEU F 158 -27.90 -23.52 -32.36
N SER F 159 -26.66 -23.07 -32.20
CA SER F 159 -26.02 -22.28 -33.25
C SER F 159 -25.81 -23.09 -34.53
N LEU F 160 -25.61 -24.40 -34.40
CA LEU F 160 -25.49 -25.25 -35.59
C LEU F 160 -26.79 -25.25 -36.39
N ALA F 161 -27.90 -25.52 -35.72
CA ALA F 161 -29.20 -25.52 -36.40
C ALA F 161 -29.55 -24.13 -36.92
N ALA F 162 -29.09 -23.08 -36.23
CA ALA F 162 -29.35 -21.73 -36.72
C ALA F 162 -28.54 -21.42 -37.97
N CYS F 163 -27.30 -21.90 -38.03
CA CYS F 163 -26.46 -21.63 -39.19
C CYS F 163 -26.79 -22.54 -40.37
N THR F 164 -27.48 -23.65 -40.14
CA THR F 164 -27.87 -24.55 -41.23
C THR F 164 -29.22 -24.18 -41.83
N ASN F 165 -29.85 -23.10 -41.36
CA ASN F 165 -31.13 -22.63 -41.88
C ASN F 165 -32.21 -23.70 -41.75
N GLN F 166 -32.39 -24.17 -40.52
CA GLN F 166 -33.38 -25.19 -40.19
C GLN F 166 -34.20 -24.66 -39.01
N LEU F 167 -35.30 -23.97 -39.32
CA LEU F 167 -36.10 -23.32 -38.29
C LEU F 167 -36.80 -24.35 -37.40
N GLY F 168 -37.28 -25.44 -37.99
CA GLY F 168 -37.97 -26.46 -37.20
C GLY F 168 -37.07 -27.08 -36.14
N ILE F 169 -35.81 -27.31 -36.48
CA ILE F 169 -34.88 -27.89 -35.51
C ILE F 169 -34.62 -26.91 -34.38
N VAL F 170 -34.50 -25.62 -34.69
CA VAL F 170 -34.31 -24.62 -33.64
C VAL F 170 -35.53 -24.56 -32.73
N LYS F 171 -36.72 -24.58 -33.31
CA LYS F 171 -37.94 -24.56 -32.51
C LYS F 171 -38.05 -25.79 -31.63
N PHE F 172 -37.61 -26.95 -32.13
CA PHE F 172 -37.65 -28.16 -31.31
C PHE F 172 -36.62 -28.12 -30.20
N LEU F 173 -35.43 -27.58 -30.48
CA LEU F 173 -34.39 -27.50 -29.47
C LEU F 173 -34.74 -26.51 -28.37
N LEU F 174 -35.40 -25.41 -28.72
CA LEU F 174 -35.77 -24.41 -27.72
C LEU F 174 -37.06 -24.74 -27.00
N GLN F 175 -37.92 -25.57 -27.58
CA GLN F 175 -39.21 -25.90 -26.96
C GLN F 175 -39.37 -27.40 -26.78
N ASN F 176 -38.34 -28.06 -26.26
CA ASN F 176 -38.40 -29.49 -25.98
C ASN F 176 -38.85 -29.73 -24.54
N SER F 177 -39.37 -30.92 -24.29
CA SER F 177 -39.93 -31.29 -22.99
C SER F 177 -38.91 -31.98 -22.09
N TRP F 178 -37.62 -31.97 -22.44
CA TRP F 178 -36.60 -32.66 -21.67
C TRP F 178 -35.56 -31.70 -21.10
N GLN F 179 -34.95 -30.87 -21.93
CA GLN F 179 -33.93 -29.92 -21.47
C GLN F 179 -33.90 -28.77 -22.45
N THR F 180 -34.52 -27.65 -22.07
CA THR F 180 -34.59 -26.49 -22.95
C THR F 180 -33.20 -25.91 -23.20
N ALA F 181 -32.93 -25.56 -24.46
CA ALA F 181 -31.63 -25.03 -24.83
C ALA F 181 -31.51 -23.57 -24.43
N ASP F 182 -30.34 -23.21 -23.89
CA ASP F 182 -30.07 -21.84 -23.49
C ASP F 182 -29.79 -21.01 -24.74
N ILE F 183 -30.64 -20.01 -24.98
CA ILE F 183 -30.46 -19.17 -26.16
C ILE F 183 -29.26 -18.25 -26.00
N SER F 184 -28.89 -17.94 -24.76
CA SER F 184 -27.71 -17.12 -24.48
C SER F 184 -26.46 -17.97 -24.24
N ALA F 185 -26.48 -19.23 -24.66
CA ALA F 185 -25.33 -20.10 -24.47
C ALA F 185 -24.14 -19.61 -25.28
N ARG F 186 -22.97 -19.68 -24.67
CA ARG F 186 -21.73 -19.22 -25.28
C ARG F 186 -20.78 -20.40 -25.45
N ASP F 187 -20.03 -20.39 -26.55
CA ASP F 187 -19.09 -21.46 -26.86
C ASP F 187 -17.81 -21.29 -26.04
N SER F 188 -16.78 -22.06 -26.38
CA SER F 188 -15.49 -21.91 -25.72
C SER F 188 -14.83 -20.57 -26.02
N VAL F 189 -15.24 -19.90 -27.10
CA VAL F 189 -14.69 -18.59 -27.43
C VAL F 189 -15.50 -17.46 -26.82
N GLY F 190 -16.75 -17.70 -26.42
CA GLY F 190 -17.61 -16.68 -25.87
C GLY F 190 -18.70 -16.19 -26.80
N ASN F 191 -18.75 -16.70 -28.02
CA ASN F 191 -19.73 -16.25 -29.00
C ASN F 191 -21.06 -16.94 -28.78
N THR F 192 -22.15 -16.20 -29.01
CA THR F 192 -23.50 -16.71 -28.86
C THR F 192 -24.05 -17.14 -30.22
N VAL F 193 -25.34 -17.46 -30.26
CA VAL F 193 -25.98 -17.81 -31.52
C VAL F 193 -26.00 -16.60 -32.45
N LEU F 194 -26.16 -15.39 -31.89
CA LEU F 194 -26.13 -14.19 -32.70
C LEU F 194 -24.77 -13.98 -33.33
N HIS F 195 -23.70 -14.14 -32.54
CA HIS F 195 -22.36 -14.04 -33.09
C HIS F 195 -22.11 -15.13 -34.13
N ALA F 196 -22.68 -16.33 -33.94
CA ALA F 196 -22.53 -17.38 -34.93
C ALA F 196 -23.19 -17.03 -36.24
N LEU F 197 -24.40 -16.45 -36.18
CA LEU F 197 -25.06 -16.01 -37.40
C LEU F 197 -24.35 -14.81 -38.02
N VAL F 198 -23.65 -14.02 -37.21
CA VAL F 198 -22.88 -12.90 -37.74
C VAL F 198 -21.66 -13.42 -38.51
N GLU F 199 -20.94 -14.38 -37.94
CA GLU F 199 -19.72 -14.87 -38.57
C GLU F 199 -19.99 -15.73 -39.79
N VAL F 200 -21.23 -16.23 -39.95
CA VAL F 200 -21.54 -17.14 -41.06
C VAL F 200 -21.94 -16.40 -42.33
N ALA F 201 -22.17 -15.09 -42.28
CA ALA F 201 -22.59 -14.35 -43.45
C ALA F 201 -21.42 -14.13 -44.41
N ASP F 202 -21.76 -14.03 -45.70
CA ASP F 202 -20.76 -13.80 -46.73
C ASP F 202 -21.15 -12.67 -47.68
N ASN F 203 -22.19 -11.90 -47.34
CA ASN F 203 -22.61 -10.72 -48.12
C ASN F 203 -23.05 -11.09 -49.52
N THR F 204 -23.93 -12.08 -49.61
CA THR F 204 -24.61 -12.43 -50.87
C THR F 204 -26.11 -12.44 -50.61
N ALA F 205 -26.87 -12.56 -51.71
CA ALA F 205 -28.32 -12.39 -51.63
C ALA F 205 -28.97 -13.43 -50.72
N ASP F 206 -28.87 -14.71 -51.10
CA ASP F 206 -29.52 -15.75 -50.32
C ASP F 206 -28.92 -15.89 -48.93
N ASN F 207 -27.61 -15.69 -48.82
CA ASN F 207 -26.97 -15.75 -47.50
C ASN F 207 -27.52 -14.66 -46.58
N THR F 208 -27.55 -13.41 -47.06
CA THR F 208 -28.09 -12.34 -46.26
C THR F 208 -29.55 -12.61 -45.90
N LYS F 209 -30.33 -13.13 -46.86
CA LYS F 209 -31.75 -13.38 -46.60
C LYS F 209 -31.94 -14.41 -45.49
N PHE F 210 -31.25 -15.55 -45.59
CA PHE F 210 -31.47 -16.61 -44.60
C PHE F 210 -30.87 -16.24 -43.25
N VAL F 211 -29.72 -15.54 -43.24
CA VAL F 211 -29.16 -15.09 -41.97
C VAL F 211 -30.09 -14.09 -41.30
N THR F 212 -30.69 -13.18 -42.08
CA THR F 212 -31.64 -12.23 -41.52
C THR F 212 -32.86 -12.93 -40.95
N SER F 213 -33.41 -13.89 -41.70
CA SER F 213 -34.57 -14.63 -41.22
C SER F 213 -34.25 -15.38 -39.93
N MET F 214 -33.09 -16.04 -39.87
CA MET F 214 -32.73 -16.78 -38.66
C MET F 214 -32.50 -15.84 -37.48
N TYR F 215 -31.85 -14.70 -37.71
CA TYR F 215 -31.63 -13.75 -36.63
C TYR F 215 -32.96 -13.22 -36.10
N ASN F 216 -33.89 -12.90 -37.00
CA ASN F 216 -35.20 -12.41 -36.59
C ASN F 216 -35.96 -13.47 -35.80
N GLU F 217 -35.92 -14.72 -36.26
CA GLU F 217 -36.61 -15.78 -35.53
C GLU F 217 -35.98 -16.04 -34.18
N ILE F 218 -34.66 -15.96 -34.08
CA ILE F 218 -33.99 -16.14 -32.80
C ILE F 218 -34.39 -15.03 -31.83
N LEU F 219 -34.39 -13.79 -32.30
CA LEU F 219 -34.81 -12.68 -31.43
C LEU F 219 -36.27 -12.82 -31.02
N MET F 220 -37.13 -13.26 -31.95
CA MET F 220 -38.54 -13.48 -31.62
C MET F 220 -38.70 -14.53 -30.54
N LEU F 221 -38.05 -15.68 -30.70
CA LEU F 221 -38.17 -16.74 -29.72
C LEU F 221 -37.56 -16.35 -28.38
N GLY F 222 -36.49 -15.55 -28.40
CA GLY F 222 -35.91 -15.08 -27.14
C GLY F 222 -36.82 -14.11 -26.43
N ALA F 223 -37.44 -13.19 -27.17
CA ALA F 223 -38.39 -12.26 -26.56
C ALA F 223 -39.64 -12.98 -26.06
N LYS F 224 -39.99 -14.10 -26.70
CA LYS F 224 -41.14 -14.88 -26.23
C LYS F 224 -40.79 -15.65 -24.95
N LEU F 225 -39.69 -16.37 -24.95
CA LEU F 225 -39.36 -17.22 -23.80
C LEU F 225 -38.85 -16.39 -22.63
N HIS F 226 -37.92 -15.48 -22.88
CA HIS F 226 -37.30 -14.67 -21.83
C HIS F 226 -37.35 -13.21 -22.24
N PRO F 227 -38.44 -12.51 -21.94
CA PRO F 227 -38.57 -11.10 -22.37
C PRO F 227 -37.64 -10.16 -21.62
N THR F 228 -37.21 -10.51 -20.41
CA THR F 228 -36.37 -9.61 -19.62
C THR F 228 -34.95 -9.54 -20.17
N LEU F 229 -34.45 -10.63 -20.74
CA LEU F 229 -33.07 -10.69 -21.21
C LEU F 229 -32.96 -10.02 -22.57
N LYS F 230 -32.08 -9.02 -22.67
CA LYS F 230 -31.80 -8.33 -23.92
C LYS F 230 -30.61 -9.01 -24.58
N LEU F 231 -30.85 -9.70 -25.70
CA LEU F 231 -29.83 -10.50 -26.34
C LEU F 231 -28.88 -9.69 -27.22
N GLU F 232 -29.26 -8.47 -27.61
CA GLU F 232 -28.45 -7.67 -28.50
C GLU F 232 -27.42 -6.83 -27.77
N GLU F 233 -27.12 -7.15 -26.51
CA GLU F 233 -26.17 -6.38 -25.71
C GLU F 233 -25.00 -7.18 -25.16
N LEU F 234 -25.14 -8.50 -25.03
CA LEU F 234 -24.08 -9.28 -24.41
C LEU F 234 -22.89 -9.42 -25.35
N THR F 235 -21.69 -9.51 -24.76
CA THR F 235 -20.44 -9.56 -25.51
C THR F 235 -19.74 -10.88 -25.26
N ASN F 236 -18.81 -11.19 -26.15
CA ASN F 236 -18.01 -12.42 -26.06
C ASN F 236 -16.80 -12.17 -25.17
N LYS F 237 -15.84 -13.11 -25.20
CA LYS F 237 -14.60 -12.92 -24.45
C LYS F 237 -13.84 -11.69 -24.90
N LYS F 238 -13.94 -11.34 -26.18
CA LYS F 238 -13.25 -10.16 -26.72
C LYS F 238 -14.04 -8.87 -26.54
N GLY F 239 -15.22 -8.94 -25.91
CA GLY F 239 -16.00 -7.75 -25.64
C GLY F 239 -16.61 -7.12 -26.88
N MET F 240 -17.21 -7.94 -27.73
CA MET F 240 -17.81 -7.48 -28.98
C MET F 240 -19.27 -7.90 -29.03
N THR F 241 -20.14 -6.92 -29.23
CA THR F 241 -21.57 -7.18 -29.43
C THR F 241 -21.79 -7.76 -30.82
N PRO F 242 -22.95 -8.39 -31.05
CA PRO F 242 -23.24 -8.87 -32.42
C PRO F 242 -23.16 -7.78 -33.48
N LEU F 243 -23.69 -6.59 -33.17
CA LEU F 243 -23.61 -5.48 -34.11
C LEU F 243 -22.16 -5.03 -34.32
N ALA F 244 -21.40 -4.90 -33.24
CA ALA F 244 -20.00 -4.49 -33.36
C ALA F 244 -19.17 -5.55 -34.06
N LEU F 245 -19.46 -6.83 -33.80
CA LEU F 245 -18.75 -7.90 -34.50
C LEU F 245 -19.08 -7.88 -35.99
N ALA F 246 -20.34 -7.63 -36.34
CA ALA F 246 -20.70 -7.51 -37.75
C ALA F 246 -20.03 -6.31 -38.40
N ALA F 247 -19.87 -5.21 -37.64
CA ALA F 247 -19.19 -4.05 -38.17
C ALA F 247 -17.70 -4.32 -38.38
N GLY F 248 -17.10 -5.10 -37.50
CA GLY F 248 -15.69 -5.42 -37.61
C GLY F 248 -15.38 -6.42 -38.69
N THR F 249 -16.23 -7.41 -38.88
CA THR F 249 -16.00 -8.46 -39.87
C THR F 249 -16.54 -8.11 -41.25
N GLY F 250 -17.09 -6.92 -41.43
CA GLY F 250 -17.54 -6.50 -42.75
C GLY F 250 -18.82 -7.13 -43.22
N LYS F 251 -19.68 -7.56 -42.30
CA LYS F 251 -20.99 -8.13 -42.64
C LYS F 251 -21.96 -6.97 -42.84
N ILE F 252 -22.10 -6.54 -44.09
CA ILE F 252 -22.86 -5.32 -44.38
C ILE F 252 -24.35 -5.57 -44.21
N GLY F 253 -24.86 -6.66 -44.81
CA GLY F 253 -26.29 -6.92 -44.75
C GLY F 253 -26.78 -7.17 -43.34
N VAL F 254 -26.00 -7.90 -42.54
CA VAL F 254 -26.38 -8.16 -41.15
C VAL F 254 -26.44 -6.87 -40.37
N LEU F 255 -25.44 -6.00 -40.55
CA LEU F 255 -25.41 -4.71 -39.87
C LEU F 255 -26.63 -3.88 -40.26
N ALA F 256 -26.93 -3.83 -41.56
CA ALA F 256 -28.07 -3.06 -42.03
C ALA F 256 -29.36 -3.59 -41.43
N TYR F 257 -29.53 -4.92 -41.37
CA TYR F 257 -30.77 -5.47 -40.84
C TYR F 257 -30.88 -5.23 -39.34
N ILE F 258 -29.77 -5.28 -38.62
CA ILE F 258 -29.82 -4.99 -37.18
C ILE F 258 -30.23 -3.55 -36.95
N LEU F 259 -29.63 -2.62 -37.69
CA LEU F 259 -29.98 -1.21 -37.51
C LEU F 259 -31.37 -0.89 -38.06
N GLN F 260 -31.91 -1.72 -38.94
CA GLN F 260 -33.30 -1.55 -39.37
C GLN F 260 -34.27 -2.05 -38.32
N ARG F 261 -33.98 -3.22 -37.74
CA ARG F 261 -34.86 -3.78 -36.71
C ARG F 261 -34.84 -2.94 -35.45
N GLU F 262 -33.71 -2.28 -35.15
CA GLU F 262 -33.67 -1.42 -33.97
C GLU F 262 -34.43 -0.11 -34.16
N ILE F 263 -34.86 0.19 -35.38
CA ILE F 263 -35.68 1.37 -35.64
C ILE F 263 -37.12 1.00 -35.98
N GLN F 264 -37.40 -0.25 -36.36
CA GLN F 264 -38.74 -0.62 -36.78
C GLN F 264 -39.70 -0.74 -35.59
N GLU F 265 -39.23 -1.28 -34.46
CA GLU F 265 -40.17 -1.64 -33.39
C GLU F 265 -40.85 -0.45 -32.71
N PRO F 266 -40.22 0.74 -32.57
CA PRO F 266 -41.01 1.85 -32.01
C PRO F 266 -41.70 2.67 -33.10
N GLU F 267 -42.67 2.06 -33.77
CA GLU F 267 -43.41 2.72 -34.84
C GLU F 267 -44.81 2.12 -34.98
#